data_3SKN
#
_entry.id   3SKN
#
_cell.length_a   74.970
_cell.length_b   77.810
_cell.length_c   99.640
_cell.angle_alpha   69.350
_cell.angle_beta   72.200
_cell.angle_gamma   83.330
#
_symmetry.space_group_name_H-M   'P 1'
#
loop_
_entity.id
_entity.type
_entity.pdbx_description
1 polymer 'RL42 T cell receptor, alpha chain'
2 polymer 'RL42 T cell receptor, beta chain'
#
loop_
_entity_poly.entity_id
_entity_poly.type
_entity_poly.pdbx_seq_one_letter_code
_entity_poly.pdbx_strand_id
1 'polypeptide(L)'
;HMRKEVEQDPGPFNVPEGATVAFNCTYSNSASQSFFWYRQDSRKEPKLLMSVYSSGNEDGRFTAQLNRASQYISLLIRDS
KLSDSATYLCVVRAGKLIFGQGTELSVKPNIQNPDPAVYQLRDSKSSDKSVCLFTDFDSQTNVSQSKDSDVYITDKCVLD
MRSMDFKSNSAVAWSNKSDFACANAFNNSIIPEDTFFPSPESS
;
A,C,E,G
2 'polypeptide(L)'
;HMNAGVTQTPKFRVLKTGQSMTLLCAQDMNHEYMYWYRQDPGMGLRLIHYSVGEGTTAKGEVPDGYNVSRLKKQNFLLGL
ESAAPSQTSVYFCASGQGNFDIQYFGAGTRLSVLEDLKNVFPPEVAVFEPSEAEISHTQKATLVCLATGFYPDHVELSWW
VNGKEVHSGVCTDPQPLKEQPALNDSRYALSSRLRVSATFWQNPRNHFRCQVQFYGLSENDEWTQDRAKPVTQIVSAEAW
GRAD
;
B,D,F,H
#
# COMPACT_ATOMS: atom_id res chain seq x y z
N LYS A 4 -31.69 6.40 -3.95
CA LYS A 4 -32.16 5.05 -3.63
C LYS A 4 -31.50 4.00 -4.53
N GLU A 5 -31.56 2.74 -4.10
CA GLU A 5 -30.96 1.60 -4.80
C GLU A 5 -29.57 1.26 -4.24
N VAL A 6 -28.53 1.74 -4.94
CA VAL A 6 -27.17 1.75 -4.40
C VAL A 6 -26.96 3.09 -3.68
N GLU A 7 -27.31 3.14 -2.40
CA GLU A 7 -27.12 4.34 -1.58
C GLU A 7 -25.72 4.32 -0.99
N GLN A 8 -25.21 5.47 -0.59
CA GLN A 8 -23.81 5.53 -0.18
C GLN A 8 -23.44 6.83 0.51
N ASP A 9 -22.66 6.73 1.58
CA ASP A 9 -22.21 7.90 2.33
C ASP A 9 -22.25 9.20 1.53
N PRO A 10 -22.81 10.23 2.14
CA PRO A 10 -23.08 11.49 1.45
C PRO A 10 -21.82 12.23 1.03
N GLY A 11 -21.62 13.39 1.66
CA GLY A 11 -20.69 14.40 1.20
C GLY A 11 -19.23 14.07 1.38
N PRO A 12 -18.38 15.11 1.40
CA PRO A 12 -16.92 15.06 1.44
C PRO A 12 -16.34 14.70 2.82
N PHE A 13 -15.43 13.73 2.84
CA PHE A 13 -14.69 13.39 4.06
C PHE A 13 -13.36 14.15 4.10
N ASN A 14 -13.26 15.16 4.95
CA ASN A 14 -11.97 15.80 5.17
C ASN A 14 -11.26 15.26 6.41
N VAL A 15 -10.28 14.39 6.19
CA VAL A 15 -9.60 13.70 7.28
C VAL A 15 -8.10 13.93 7.34
N PRO A 16 -7.54 13.97 8.56
CA PRO A 16 -6.10 14.19 8.75
C PRO A 16 -5.21 13.03 8.30
N GLU A 17 -4.06 13.42 7.76
CA GLU A 17 -3.13 12.52 7.08
C GLU A 17 -2.91 11.14 7.69
N GLY A 18 -3.06 11.00 9.01
CA GLY A 18 -2.71 9.76 9.65
C GLY A 18 -3.86 8.85 10.01
N ALA A 19 -5.07 9.39 9.91
CA ALA A 19 -6.26 8.74 10.43
C ALA A 19 -6.70 7.57 9.58
N THR A 20 -7.71 6.84 10.05
CA THR A 20 -8.33 5.78 9.28
C THR A 20 -9.80 6.12 9.03
N VAL A 21 -10.31 5.80 7.84
CA VAL A 21 -11.68 6.12 7.47
C VAL A 21 -12.53 4.92 7.12
N ALA A 22 -13.85 5.11 7.22
CA ALA A 22 -14.80 4.07 6.91
C ALA A 22 -15.80 4.57 5.86
N PHE A 23 -15.84 3.88 4.73
CA PHE A 23 -16.84 4.15 3.70
C PHE A 23 -17.96 3.14 3.83
N ASN A 24 -19.20 3.61 3.77
CA ASN A 24 -20.35 2.72 3.74
C ASN A 24 -21.19 2.90 2.48
N CYS A 25 -21.93 1.86 2.14
CA CYS A 25 -22.76 1.86 0.96
C CYS A 25 -23.78 0.76 1.17
N THR A 26 -25.05 1.10 0.97
CA THR A 26 -26.15 0.15 1.12
C THR A 26 -26.78 -0.19 -0.22
N TYR A 27 -27.15 -1.45 -0.40
CA TYR A 27 -27.81 -1.87 -1.62
C TYR A 27 -29.16 -2.49 -1.28
N SER A 28 -30.16 -2.22 -2.09
CA SER A 28 -31.53 -2.65 -1.81
C SER A 28 -31.86 -4.06 -2.30
N ASN A 29 -31.49 -4.37 -3.54
CA ASN A 29 -31.76 -5.69 -4.11
C ASN A 29 -31.07 -6.83 -3.36
N SER A 30 -31.82 -7.52 -2.52
CA SER A 30 -31.29 -8.64 -1.75
C SER A 30 -30.47 -9.63 -2.57
N ALA A 31 -30.78 -9.77 -3.85
CA ALA A 31 -30.24 -10.87 -4.64
C ALA A 31 -28.95 -10.53 -5.39
N SER A 32 -28.40 -9.34 -5.11
CA SER A 32 -27.19 -8.87 -5.76
C SER A 32 -26.09 -9.92 -5.75
N GLN A 33 -25.28 -9.93 -6.82
CA GLN A 33 -24.37 -11.03 -7.09
C GLN A 33 -22.91 -10.78 -6.65
N SER A 34 -22.37 -9.62 -7.03
CA SER A 34 -20.97 -9.28 -6.74
C SER A 34 -20.78 -7.78 -6.51
N PHE A 35 -19.75 -7.43 -5.75
CA PHE A 35 -19.56 -6.05 -5.32
C PHE A 35 -18.13 -5.59 -5.52
N PHE A 36 -17.97 -4.30 -5.83
CA PHE A 36 -16.64 -3.73 -6.06
C PHE A 36 -16.55 -2.31 -5.51
N TRP A 37 -15.34 -1.93 -5.09
CA TRP A 37 -15.04 -0.53 -4.87
C TRP A 37 -14.12 -0.12 -6.00
N TYR A 38 -14.41 1.03 -6.60
CA TYR A 38 -13.55 1.61 -7.62
C TYR A 38 -13.11 2.97 -7.12
N ARG A 39 -11.84 3.28 -7.33
CA ARG A 39 -11.31 4.60 -6.99
C ARG A 39 -11.26 5.45 -8.25
N GLN A 40 -11.48 6.76 -8.10
CA GLN A 40 -11.47 7.65 -9.25
C GLN A 40 -10.94 9.05 -8.92
N ASP A 41 -9.71 9.32 -9.35
CA ASP A 41 -9.06 10.60 -9.07
C ASP A 41 -9.69 11.75 -9.83
N SER A 42 -9.94 12.86 -9.15
CA SER A 42 -10.35 14.07 -9.82
C SER A 42 -9.24 14.51 -10.77
N ARG A 43 -9.55 14.53 -12.06
CA ARG A 43 -10.84 14.09 -12.56
C ARG A 43 -10.63 13.18 -13.75
N LYS A 44 -10.76 11.88 -13.50
CA LYS A 44 -10.47 10.87 -14.51
C LYS A 44 -11.25 9.59 -14.29
N GLU A 45 -10.76 8.51 -14.87
CA GLU A 45 -11.49 7.25 -14.95
C GLU A 45 -11.54 6.45 -13.64
N PRO A 46 -12.60 5.66 -13.49
CA PRO A 46 -12.71 4.68 -12.41
C PRO A 46 -11.68 3.58 -12.58
N LYS A 47 -10.90 3.33 -11.53
CA LYS A 47 -9.99 2.20 -11.53
C LYS A 47 -10.38 1.26 -10.40
N LEU A 48 -10.50 -0.02 -10.72
CA LEU A 48 -10.87 -1.00 -9.70
C LEU A 48 -9.94 -0.89 -8.52
N LEU A 49 -10.47 -1.17 -7.33
CA LEU A 49 -9.67 -1.14 -6.12
C LEU A 49 -9.80 -2.46 -5.39
N MET A 50 -11.03 -2.87 -5.14
CA MET A 50 -11.32 -4.04 -4.34
C MET A 50 -12.51 -4.78 -4.93
N SER A 51 -12.43 -6.11 -4.97
CA SER A 51 -13.60 -6.94 -5.21
C SER A 51 -14.11 -7.40 -3.85
N VAL A 52 -15.25 -6.89 -3.42
CA VAL A 52 -15.78 -7.22 -2.11
C VAL A 52 -16.42 -8.61 -2.08
N TYR A 53 -15.96 -9.44 -1.16
CA TYR A 53 -16.58 -10.75 -0.96
C TYR A 53 -17.03 -10.88 0.50
N SER A 54 -17.88 -11.89 0.75
CA SER A 54 -18.49 -12.05 2.05
C SER A 54 -17.45 -12.30 3.17
N SER A 55 -16.46 -13.14 2.88
CA SER A 55 -15.45 -13.51 3.87
C SER A 55 -14.53 -12.35 4.23
N GLY A 56 -14.92 -11.15 3.82
CA GLY A 56 -14.09 -9.98 4.02
C GLY A 56 -12.83 -10.10 3.19
N ASN A 57 -12.13 -8.99 3.00
CA ASN A 57 -10.87 -9.02 2.26
C ASN A 57 -9.67 -8.76 3.15
N GLU A 58 -8.51 -8.67 2.52
CA GLU A 58 -7.24 -8.73 3.23
C GLU A 58 -6.38 -7.50 3.00
N ASP A 59 -5.49 -7.59 2.01
CA ASP A 59 -4.54 -6.54 1.66
C ASP A 59 -5.23 -5.25 1.26
N GLY A 60 -4.60 -4.12 1.56
CA GLY A 60 -3.34 -4.09 2.30
C GLY A 60 -3.14 -2.65 2.73
N ARG A 61 -3.65 -2.32 3.91
CA ARG A 61 -3.93 -0.95 4.32
C ARG A 61 -5.38 -0.66 3.95
N PHE A 62 -5.88 -1.42 2.99
CA PHE A 62 -7.28 -1.33 2.59
C PHE A 62 -8.06 -2.57 2.99
N THR A 63 -9.13 -2.40 3.77
CA THR A 63 -10.01 -3.50 4.13
C THR A 63 -11.42 -3.30 3.56
N ALA A 64 -12.05 -4.39 3.17
CA ALA A 64 -13.42 -4.34 2.67
C ALA A 64 -14.16 -5.59 3.09
N GLN A 65 -15.42 -5.45 3.50
CA GLN A 65 -16.25 -6.62 3.78
C GLN A 65 -17.71 -6.37 3.45
N LEU A 66 -18.47 -7.44 3.34
CA LEU A 66 -19.87 -7.40 2.96
C LEU A 66 -20.74 -8.13 3.96
N ASN A 67 -21.84 -7.51 4.36
CA ASN A 67 -22.84 -8.19 5.18
C ASN A 67 -24.14 -8.36 4.43
N ARG A 68 -24.30 -9.50 3.78
CA ARG A 68 -25.47 -9.75 2.93
C ARG A 68 -26.75 -9.67 3.75
N ALA A 69 -26.65 -9.94 5.04
CA ALA A 69 -27.78 -9.86 5.95
C ALA A 69 -28.36 -8.46 6.00
N SER A 70 -27.54 -7.50 6.44
CA SER A 70 -27.98 -6.12 6.59
C SER A 70 -27.89 -5.40 5.28
N GLN A 71 -27.36 -6.10 4.28
CA GLN A 71 -27.10 -5.53 2.96
C GLN A 71 -26.28 -4.24 3.05
N TYR A 72 -25.01 -4.42 3.44
CA TYR A 72 -24.06 -3.34 3.61
C TYR A 72 -22.72 -3.68 2.98
N ILE A 73 -22.08 -2.66 2.43
CA ILE A 73 -20.74 -2.82 1.87
C ILE A 73 -19.86 -1.76 2.49
N SER A 74 -18.75 -2.18 3.10
CA SER A 74 -17.89 -1.22 3.78
C SER A 74 -16.46 -1.23 3.22
N LEU A 75 -15.79 -0.08 3.29
CA LEU A 75 -14.38 0.02 2.90
C LEU A 75 -13.57 0.78 3.94
N LEU A 76 -12.38 0.28 4.25
CA LEU A 76 -11.52 0.94 5.22
C LEU A 76 -10.15 1.23 4.69
N ILE A 77 -9.75 2.50 4.76
CA ILE A 77 -8.37 2.87 4.53
C ILE A 77 -7.76 3.25 5.88
N ARG A 78 -6.87 2.42 6.40
CA ARG A 78 -6.09 2.81 7.56
C ARG A 78 -4.88 3.62 7.13
N ASP A 79 -4.35 4.44 8.04
CA ASP A 79 -3.11 5.18 7.80
C ASP A 79 -3.13 5.98 6.51
N SER A 80 -4.08 6.92 6.43
CA SER A 80 -4.26 7.74 5.23
C SER A 80 -2.96 8.31 4.67
N LYS A 81 -3.03 8.65 3.39
CA LYS A 81 -1.98 9.39 2.73
C LYS A 81 -2.72 10.46 1.96
N LEU A 82 -2.00 11.47 1.49
CA LEU A 82 -2.58 12.42 0.55
C LEU A 82 -2.88 11.71 -0.77
N SER A 83 -2.00 10.79 -1.16
CA SER A 83 -2.21 10.00 -2.34
C SER A 83 -3.64 9.50 -2.44
N ASP A 84 -4.30 9.41 -1.29
CA ASP A 84 -5.58 8.74 -1.18
C ASP A 84 -6.75 9.63 -1.52
N SER A 85 -6.51 10.92 -1.67
CA SER A 85 -7.59 11.79 -2.08
C SER A 85 -8.11 11.37 -3.46
N ALA A 86 -9.43 11.26 -3.58
CA ALA A 86 -10.10 10.79 -4.79
C ALA A 86 -11.53 10.47 -4.41
N THR A 87 -12.31 10.04 -5.40
CA THR A 87 -13.69 9.65 -5.15
C THR A 87 -13.78 8.13 -5.19
N TYR A 88 -14.55 7.58 -4.25
CA TYR A 88 -14.64 6.13 -4.09
C TYR A 88 -16.05 5.63 -4.38
N LEU A 89 -16.14 4.63 -5.25
CA LEU A 89 -17.42 4.22 -5.80
C LEU A 89 -17.80 2.83 -5.36
N CYS A 90 -19.02 2.71 -4.85
CA CYS A 90 -19.60 1.41 -4.54
C CYS A 90 -20.26 0.88 -5.81
N VAL A 91 -19.77 -0.26 -6.30
CA VAL A 91 -20.35 -0.90 -7.48
C VAL A 91 -20.95 -2.25 -7.13
N VAL A 92 -22.25 -2.37 -7.37
CA VAL A 92 -22.97 -3.59 -7.05
C VAL A 92 -23.53 -4.22 -8.31
N ARG A 93 -23.27 -5.51 -8.48
CA ARG A 93 -23.75 -6.20 -9.66
C ARG A 93 -25.25 -6.40 -9.50
N ALA A 94 -25.66 -7.61 -9.16
CA ALA A 94 -27.08 -7.90 -9.06
C ALA A 94 -27.81 -7.70 -10.37
N GLY A 95 -27.44 -8.49 -11.38
CA GLY A 95 -28.05 -8.48 -12.71
C GLY A 95 -27.15 -7.82 -13.75
N LYS A 96 -27.05 -6.50 -13.71
CA LYS A 96 -26.28 -5.78 -14.71
C LYS A 96 -25.27 -4.80 -14.10
N LEU A 97 -25.10 -4.85 -12.78
CA LEU A 97 -24.10 -4.01 -12.13
C LEU A 97 -24.43 -2.51 -12.16
N ILE A 98 -24.78 -1.99 -10.98
CA ILE A 98 -25.14 -0.58 -10.83
C ILE A 98 -23.94 0.17 -10.25
N PHE A 99 -23.69 1.36 -10.76
CA PHE A 99 -22.61 2.20 -10.22
C PHE A 99 -23.14 3.16 -9.17
N GLY A 100 -22.42 3.23 -8.05
CA GLY A 100 -22.75 4.14 -6.97
C GLY A 100 -22.50 5.57 -7.40
N GLN A 101 -22.92 6.50 -6.55
CA GLN A 101 -22.61 7.90 -6.77
C GLN A 101 -21.20 8.24 -6.26
N GLY A 102 -20.69 7.42 -5.36
CA GLY A 102 -19.36 7.62 -4.81
C GLY A 102 -19.25 8.71 -3.74
N THR A 103 -18.21 8.62 -2.92
CA THR A 103 -17.93 9.60 -1.85
C THR A 103 -16.52 10.15 -1.99
N GLU A 104 -16.37 11.47 -1.84
CA GLU A 104 -15.06 12.08 -1.99
C GLU A 104 -14.23 12.09 -0.70
N LEU A 105 -12.99 11.61 -0.82
CA LEU A 105 -12.05 11.69 0.29
C LEU A 105 -11.00 12.76 0.01
N SER A 106 -10.84 13.67 0.96
CA SER A 106 -9.89 14.75 0.81
C SER A 106 -8.94 14.69 1.99
N VAL A 107 -7.90 13.87 1.85
CA VAL A 107 -6.90 13.71 2.91
C VAL A 107 -6.11 15.00 3.06
N LYS A 108 -6.38 15.65 4.18
CA LYS A 108 -5.82 16.96 4.49
C LYS A 108 -4.52 16.72 5.25
N PRO A 109 -3.45 17.46 4.90
CA PRO A 109 -2.09 17.17 5.34
C PRO A 109 -1.79 17.75 6.70
N ASN A 110 -0.83 17.14 7.36
CA ASN A 110 -0.47 17.48 8.72
C ASN A 110 0.75 18.40 8.74
N ILE A 111 0.52 19.67 9.09
CA ILE A 111 1.58 20.66 9.14
C ILE A 111 2.32 20.64 10.49
N GLN A 112 3.62 20.87 10.47
CA GLN A 112 4.39 20.76 11.71
C GLN A 112 5.01 22.07 12.19
N ASN A 113 5.22 23.01 11.27
CA ASN A 113 5.85 24.28 11.60
C ASN A 113 5.21 25.45 10.86
N PRO A 114 3.91 25.65 11.06
CA PRO A 114 3.04 26.53 10.28
C PRO A 114 3.13 28.02 10.63
N ASP A 115 3.62 28.83 9.71
CA ASP A 115 3.49 30.28 9.86
C ASP A 115 2.56 30.89 8.81
N PRO A 116 1.26 30.92 9.11
CA PRO A 116 0.27 31.61 8.26
C PRO A 116 0.74 33.01 7.84
N ALA A 117 0.54 33.32 6.56
CA ALA A 117 1.01 34.56 5.98
C ALA A 117 0.22 34.90 4.72
N VAL A 118 0.08 36.18 4.43
CA VAL A 118 -0.60 36.63 3.23
C VAL A 118 0.27 37.63 2.47
N TYR A 119 0.94 37.17 1.42
CA TYR A 119 1.81 38.04 0.64
C TYR A 119 1.12 38.54 -0.63
N GLN A 120 1.66 39.61 -1.20
CA GLN A 120 1.16 40.13 -2.47
C GLN A 120 2.14 39.80 -3.57
N LEU A 121 1.66 39.05 -4.56
CA LEU A 121 2.48 38.75 -5.73
C LEU A 121 2.19 39.74 -6.85
N ARG A 122 3.25 40.36 -7.35
CA ARG A 122 3.13 41.42 -8.34
C ARG A 122 3.37 40.90 -9.75
N ASP A 123 2.38 41.11 -10.61
CA ASP A 123 2.40 40.58 -11.98
C ASP A 123 3.68 40.88 -12.76
N SER A 124 4.09 39.93 -13.60
CA SER A 124 5.06 40.22 -14.65
C SER A 124 4.39 41.12 -15.69
N LYS A 125 4.87 41.08 -16.92
CA LYS A 125 4.31 41.91 -17.98
C LYS A 125 4.10 43.34 -17.48
N SER A 126 2.84 43.71 -17.28
CA SER A 126 2.50 45.01 -16.71
C SER A 126 1.06 44.96 -16.23
N SER A 127 0.43 46.13 -16.10
CA SER A 127 -0.94 46.21 -15.61
C SER A 127 -1.02 45.87 -14.12
N ASP A 128 -0.41 44.74 -13.76
CA ASP A 128 -0.30 44.28 -12.38
C ASP A 128 -1.52 43.52 -11.86
N LYS A 129 -2.72 44.02 -12.18
CA LYS A 129 -3.95 43.41 -11.69
C LYS A 129 -3.87 43.31 -10.17
N SER A 130 -3.43 42.13 -9.68
CA SER A 130 -3.07 41.92 -8.27
C SER A 130 -3.53 40.58 -7.72
N VAL A 131 -2.59 39.76 -7.26
CA VAL A 131 -2.92 38.51 -6.60
C VAL A 131 -2.38 38.47 -5.19
N CYS A 132 -3.24 38.11 -4.24
CA CYS A 132 -2.82 37.95 -2.85
C CYS A 132 -2.71 36.47 -2.49
N LEU A 133 -1.69 36.12 -1.72
CA LEU A 133 -1.37 34.73 -1.45
C LEU A 133 -1.40 34.33 0.02
N PHE A 134 -2.42 33.57 0.40
CA PHE A 134 -2.51 32.99 1.73
C PHE A 134 -1.76 31.68 1.72
N THR A 135 -0.98 31.41 2.76
CA THR A 135 -0.12 30.23 2.70
C THR A 135 0.44 29.73 4.03
N ASP A 136 0.82 28.45 4.02
CA ASP A 136 1.53 27.81 5.12
C ASP A 136 0.74 27.72 6.41
N PHE A 137 -0.58 27.91 6.31
CA PHE A 137 -1.48 27.71 7.45
C PHE A 137 -1.74 26.22 7.62
N ASP A 138 -1.98 25.78 8.85
CA ASP A 138 -2.24 24.36 9.07
C ASP A 138 -3.67 24.01 8.70
N SER A 139 -4.04 22.76 8.90
CA SER A 139 -5.29 22.24 8.36
C SER A 139 -6.50 22.54 9.25
N GLN A 140 -6.25 23.20 10.36
CA GLN A 140 -7.33 23.66 11.22
C GLN A 140 -8.01 24.87 10.58
N THR A 141 -7.43 25.36 9.48
CA THR A 141 -7.89 26.60 8.88
C THR A 141 -8.83 26.35 7.70
N ASN A 142 -9.83 27.22 7.58
CA ASN A 142 -10.85 27.10 6.55
C ASN A 142 -10.97 28.37 5.69
N VAL A 143 -10.59 28.26 4.43
CA VAL A 143 -10.71 29.37 3.49
C VAL A 143 -12.11 29.43 2.93
N SER A 144 -12.64 30.65 2.80
CA SER A 144 -14.01 30.82 2.36
C SER A 144 -14.06 31.67 1.10
N GLN A 145 -15.20 31.62 0.41
CA GLN A 145 -15.44 32.45 -0.77
C GLN A 145 -15.40 33.90 -0.34
N SER A 146 -15.67 34.82 -1.27
CA SER A 146 -15.54 36.24 -0.96
C SER A 146 -16.87 36.98 -0.97
N LYS A 147 -17.02 37.88 0.00
CA LYS A 147 -18.19 38.77 0.08
C LYS A 147 -18.41 39.49 -1.25
N ASP A 148 -17.33 40.04 -1.80
CA ASP A 148 -17.40 40.80 -3.05
C ASP A 148 -17.34 39.85 -4.25
N SER A 149 -18.12 40.15 -5.28
CA SER A 149 -18.22 39.29 -6.46
C SER A 149 -17.16 39.60 -7.52
N ASP A 150 -16.61 40.80 -7.46
CA ASP A 150 -15.51 41.16 -8.35
C ASP A 150 -14.19 40.63 -7.81
N VAL A 151 -14.26 39.85 -6.73
CA VAL A 151 -13.07 39.24 -6.15
C VAL A 151 -13.20 37.71 -6.05
N TYR A 152 -12.26 37.02 -6.70
CA TYR A 152 -12.29 35.56 -6.77
C TYR A 152 -11.24 34.94 -5.87
N ILE A 153 -11.63 33.87 -5.17
CA ILE A 153 -10.79 33.23 -4.17
C ILE A 153 -10.86 31.71 -4.27
N THR A 154 -9.71 31.08 -4.55
CA THR A 154 -9.64 29.64 -4.69
C THR A 154 -9.49 28.98 -3.33
N ASP A 155 -10.07 27.79 -3.19
CA ASP A 155 -10.00 27.03 -1.93
C ASP A 155 -8.60 26.51 -1.69
N LYS A 156 -8.30 26.18 -0.43
CA LYS A 156 -6.99 25.67 -0.06
C LYS A 156 -6.49 24.54 -0.97
N CYS A 157 -5.23 24.64 -1.34
CA CYS A 157 -4.58 23.70 -2.24
C CYS A 157 -3.28 23.25 -1.56
N VAL A 158 -2.94 21.97 -1.71
CA VAL A 158 -1.80 21.39 -0.99
C VAL A 158 -0.57 21.16 -1.87
N LEU A 159 0.60 21.42 -1.29
CA LEU A 159 1.85 21.40 -2.04
C LEU A 159 2.86 20.40 -1.49
N ASP A 160 3.66 19.82 -2.37
CA ASP A 160 4.65 18.83 -1.95
C ASP A 160 6.02 19.12 -2.57
N MET A 161 6.79 19.99 -1.91
CA MET A 161 8.18 20.21 -2.30
C MET A 161 8.95 18.93 -2.00
N ARG A 162 9.03 18.06 -3.01
CA ARG A 162 9.47 16.70 -2.81
C ARG A 162 10.90 16.58 -2.28
N SER A 163 11.80 17.38 -2.83
CA SER A 163 13.21 17.29 -2.48
C SER A 163 13.51 17.76 -1.05
N MET A 164 12.45 17.99 -0.26
CA MET A 164 12.60 18.50 1.10
C MET A 164 11.54 17.96 2.04
N ASP A 165 10.78 16.96 1.59
CA ASP A 165 9.66 16.40 2.35
C ASP A 165 8.85 17.50 3.04
N PHE A 166 8.77 18.65 2.37
CA PHE A 166 8.05 19.79 2.89
C PHE A 166 6.68 19.92 2.23
N LYS A 167 5.66 20.26 3.01
CA LYS A 167 4.31 20.39 2.50
C LYS A 167 3.62 21.63 3.02
N SER A 168 3.21 22.50 2.11
CA SER A 168 2.56 23.74 2.49
C SER A 168 1.10 23.72 2.02
N ASN A 169 0.24 24.41 2.76
CA ASN A 169 -1.08 24.73 2.24
C ASN A 169 -0.98 26.04 1.48
N SER A 170 -2.06 26.44 0.82
CA SER A 170 -2.07 27.68 0.06
C SER A 170 -3.42 27.94 -0.56
N ALA A 171 -3.80 29.21 -0.61
CA ALA A 171 -5.03 29.61 -1.27
C ALA A 171 -4.85 30.97 -1.91
N VAL A 172 -5.40 31.15 -3.10
CA VAL A 172 -5.16 32.35 -3.90
C VAL A 172 -6.38 33.25 -4.02
N ALA A 173 -6.15 34.55 -4.12
CA ALA A 173 -7.22 35.52 -4.32
C ALA A 173 -6.77 36.66 -5.22
N TRP A 174 -7.73 37.24 -5.95
CA TRP A 174 -7.46 38.38 -6.83
C TRP A 174 -8.76 39.08 -7.21
N SER A 175 -8.65 40.30 -7.72
CA SER A 175 -9.84 41.07 -8.09
C SER A 175 -9.55 42.20 -9.08
N ASN A 176 -10.61 42.89 -9.47
CA ASN A 176 -10.52 44.06 -10.34
C ASN A 176 -10.14 45.29 -9.52
N LYS A 177 -8.84 45.58 -9.45
CA LYS A 177 -8.30 46.65 -8.61
C LYS A 177 -9.38 47.61 -8.10
N SER A 178 -9.92 47.29 -6.92
CA SER A 178 -11.08 48.00 -6.39
C SER A 178 -10.83 49.11 -5.34
N ASP A 179 -9.60 49.32 -4.88
CA ASP A 179 -8.42 48.49 -5.20
C ASP A 179 -8.01 47.73 -3.95
N PHE A 180 -8.60 46.55 -3.76
CA PHE A 180 -8.40 45.79 -2.54
C PHE A 180 -6.91 45.51 -2.26
N ALA A 181 -6.51 45.75 -1.02
CA ALA A 181 -5.16 45.43 -0.60
C ALA A 181 -5.14 44.01 -0.05
N CYS A 182 -3.95 43.48 0.21
CA CYS A 182 -3.84 42.10 0.66
C CYS A 182 -4.49 41.83 2.02
N ALA A 183 -4.59 42.85 2.86
CA ALA A 183 -5.10 42.67 4.21
C ALA A 183 -6.60 42.35 4.23
N ASN A 184 -7.38 43.10 3.45
CA ASN A 184 -8.84 42.94 3.45
C ASN A 184 -9.33 41.83 2.54
N ALA A 185 -8.40 41.10 1.94
CA ALA A 185 -8.74 40.02 1.01
C ALA A 185 -9.57 38.92 1.66
N PHE A 186 -9.12 38.44 2.81
CA PHE A 186 -9.75 37.29 3.45
C PHE A 186 -10.55 37.67 4.69
N ASN A 187 -10.95 38.93 4.79
CA ASN A 187 -11.79 39.37 5.90
C ASN A 187 -12.97 38.42 6.10
N ASN A 188 -13.43 37.84 4.99
CA ASN A 188 -14.58 36.95 4.99
C ASN A 188 -14.25 35.56 5.53
N SER A 189 -12.97 35.32 5.80
CA SER A 189 -12.52 34.03 6.29
C SER A 189 -11.97 34.17 7.69
N ILE A 190 -11.87 33.04 8.40
CA ILE A 190 -11.30 33.03 9.75
C ILE A 190 -9.79 32.82 9.71
N ILE A 191 -9.06 33.88 10.02
CA ILE A 191 -7.60 33.90 9.92
C ILE A 191 -6.95 33.63 11.27
N PRO A 192 -5.92 32.77 11.29
CA PRO A 192 -5.11 32.59 12.51
C PRO A 192 -4.81 33.93 13.17
N GLU A 193 -4.90 33.98 14.50
CA GLU A 193 -4.78 35.23 15.25
C GLU A 193 -3.44 35.93 15.00
N ASP A 194 -2.50 35.21 14.40
CA ASP A 194 -1.12 35.65 14.33
C ASP A 194 -0.58 35.68 12.90
N THR A 195 -1.48 35.72 11.93
CA THR A 195 -1.10 35.70 10.53
C THR A 195 -0.26 36.92 10.11
N PHE A 196 0.95 36.67 9.64
CA PHE A 196 1.85 37.74 9.20
C PHE A 196 1.31 38.54 8.00
N PHE A 197 1.36 39.87 8.11
CA PHE A 197 0.87 40.76 7.07
C PHE A 197 1.89 41.84 6.76
N PRO A 198 2.64 41.68 5.67
CA PRO A 198 3.54 42.74 5.19
C PRO A 198 2.85 43.56 4.10
N SER A 199 3.03 44.87 4.12
CA SER A 199 2.39 45.73 3.14
C SER A 199 3.38 46.30 2.13
N PRO A 200 4.46 46.94 2.61
CA PRO A 200 5.44 47.53 1.70
C PRO A 200 5.89 46.55 0.61
N ALA B 4 -0.51 0.35 -23.95
CA ALA B 4 -1.25 -0.82 -23.50
C ALA B 4 -2.44 -0.45 -22.60
N GLY B 5 -3.57 -1.10 -22.82
CA GLY B 5 -4.77 -0.84 -22.06
C GLY B 5 -6.00 -0.59 -22.91
N VAL B 6 -6.67 0.53 -22.64
CA VAL B 6 -7.91 0.91 -23.32
C VAL B 6 -7.83 2.38 -23.73
N THR B 7 -7.66 2.64 -25.01
CA THR B 7 -7.51 4.02 -25.46
C THR B 7 -8.85 4.60 -25.91
N GLN B 8 -9.09 5.86 -25.58
CA GLN B 8 -10.37 6.51 -25.87
C GLN B 8 -10.22 7.92 -26.44
N THR B 9 -10.69 8.11 -27.67
CA THR B 9 -10.55 9.39 -28.36
C THR B 9 -11.91 10.03 -28.59
N PRO B 10 -11.95 11.38 -28.58
CA PRO B 10 -10.85 12.28 -28.21
C PRO B 10 -10.86 12.60 -26.70
N LYS B 11 -10.11 13.62 -26.30
CA LYS B 11 -10.09 14.00 -24.89
C LYS B 11 -11.11 15.08 -24.65
N PHE B 12 -11.32 15.92 -25.65
CA PHE B 12 -12.26 17.02 -25.52
C PHE B 12 -13.00 17.28 -26.82
N ARG B 13 -14.00 18.15 -26.75
CA ARG B 13 -14.76 18.54 -27.94
C ARG B 13 -15.81 19.60 -27.66
N VAL B 14 -16.02 20.48 -28.63
CA VAL B 14 -17.08 21.46 -28.57
C VAL B 14 -17.96 21.29 -29.81
N LEU B 15 -19.20 20.86 -29.59
CA LEU B 15 -20.19 20.77 -30.66
C LEU B 15 -21.24 21.86 -30.55
N LYS B 16 -21.90 22.16 -31.66
CA LYS B 16 -23.10 22.99 -31.65
C LYS B 16 -24.28 22.07 -31.90
N THR B 17 -25.44 22.43 -31.38
CA THR B 17 -26.63 21.61 -31.55
C THR B 17 -26.82 21.24 -33.03
N GLY B 18 -26.83 19.94 -33.31
CA GLY B 18 -27.08 19.46 -34.66
C GLY B 18 -25.92 18.80 -35.38
N GLN B 19 -24.72 18.96 -34.84
CA GLN B 19 -23.53 18.36 -35.45
C GLN B 19 -23.34 16.93 -34.96
N SER B 20 -22.81 16.07 -35.83
CA SER B 20 -22.58 14.69 -35.46
C SER B 20 -21.10 14.44 -35.19
N MET B 21 -20.81 13.42 -34.40
CA MET B 21 -19.43 13.02 -34.15
C MET B 21 -19.36 11.64 -33.49
N THR B 22 -18.19 11.04 -33.49
CA THR B 22 -18.03 9.69 -33.00
C THR B 22 -16.82 9.56 -32.09
N LEU B 23 -17.03 8.92 -30.94
CA LEU B 23 -15.96 8.66 -29.99
C LEU B 23 -15.38 7.27 -30.21
N LEU B 24 -14.06 7.16 -30.20
CA LEU B 24 -13.40 5.88 -30.44
C LEU B 24 -13.01 5.25 -29.11
N CYS B 25 -13.24 3.94 -28.99
CA CYS B 25 -12.78 3.18 -27.83
C CYS B 25 -12.07 1.93 -28.32
N ALA B 26 -10.76 1.89 -28.12
CA ALA B 26 -9.96 0.77 -28.62
C ALA B 26 -9.50 -0.18 -27.52
N GLN B 27 -9.76 -1.46 -27.72
CA GLN B 27 -9.44 -2.49 -26.73
C GLN B 27 -8.32 -3.39 -27.23
N ASP B 28 -7.20 -3.35 -26.54
CA ASP B 28 -6.01 -4.09 -26.92
C ASP B 28 -6.02 -5.52 -26.35
N MET B 29 -6.70 -5.70 -25.23
CA MET B 29 -6.58 -6.91 -24.41
C MET B 29 -7.30 -8.14 -24.96
N ASN B 30 -7.84 -8.03 -26.16
CA ASN B 30 -8.67 -9.09 -26.74
C ASN B 30 -9.68 -9.61 -25.73
N HIS B 31 -10.41 -8.67 -25.14
CA HIS B 31 -11.55 -8.98 -24.30
C HIS B 31 -12.72 -9.31 -25.19
N GLU B 32 -13.90 -9.42 -24.62
CA GLU B 32 -15.08 -9.66 -25.44
C GLU B 32 -16.21 -8.68 -25.16
N TYR B 33 -16.30 -8.22 -23.92
CA TYR B 33 -17.35 -7.29 -23.52
C TYR B 33 -16.88 -5.84 -23.53
N MET B 34 -17.75 -4.92 -23.95
CA MET B 34 -17.40 -3.50 -23.99
C MET B 34 -18.61 -2.60 -23.74
N TYR B 35 -18.42 -1.55 -22.96
CA TYR B 35 -19.51 -0.69 -22.54
C TYR B 35 -19.22 0.79 -22.78
N TRP B 36 -20.27 1.60 -22.69
CA TRP B 36 -20.14 3.05 -22.76
C TRP B 36 -21.00 3.66 -21.65
N TYR B 37 -20.43 4.59 -20.91
CA TYR B 37 -21.13 5.24 -19.81
C TYR B 37 -21.19 6.75 -19.98
N ARG B 38 -21.97 7.39 -19.13
CA ARG B 38 -22.11 8.82 -19.14
C ARG B 38 -22.01 9.27 -17.69
N GLN B 39 -21.29 10.36 -17.42
CA GLN B 39 -21.09 10.81 -16.04
C GLN B 39 -21.53 12.23 -15.79
N ASP B 40 -22.38 12.42 -14.80
CA ASP B 40 -22.96 13.73 -14.52
C ASP B 40 -23.17 13.92 -13.04
N PRO B 41 -22.97 15.14 -12.56
CA PRO B 41 -23.01 15.45 -11.13
C PRO B 41 -24.22 14.82 -10.42
N GLY B 42 -23.99 14.32 -9.21
CA GLY B 42 -25.08 13.81 -8.38
C GLY B 42 -25.56 12.42 -8.73
N MET B 43 -25.12 11.89 -9.87
CA MET B 43 -25.54 10.55 -10.25
C MET B 43 -24.35 9.68 -10.68
N GLY B 44 -24.41 8.41 -10.32
CA GLY B 44 -23.37 7.48 -10.70
C GLY B 44 -23.41 7.24 -12.19
N LEU B 45 -22.40 6.54 -12.69
CA LEU B 45 -22.36 6.22 -14.11
C LEU B 45 -23.66 5.61 -14.57
N ARG B 46 -24.12 6.04 -15.73
CA ARG B 46 -25.26 5.40 -16.36
C ARG B 46 -24.83 4.82 -17.69
N LEU B 47 -25.18 3.55 -17.91
CA LEU B 47 -24.81 2.87 -19.13
C LEU B 47 -25.63 3.40 -20.31
N ILE B 48 -24.95 3.61 -21.42
CA ILE B 48 -25.60 4.05 -22.65
C ILE B 48 -25.83 2.85 -23.56
N HIS B 49 -24.73 2.18 -23.93
CA HIS B 49 -24.80 0.96 -24.74
C HIS B 49 -23.81 -0.09 -24.28
N TYR B 50 -23.76 -1.22 -25.00
CA TYR B 50 -22.76 -2.25 -24.75
C TYR B 50 -22.74 -3.35 -25.81
N SER B 51 -21.69 -4.17 -25.76
CA SER B 51 -21.52 -5.24 -26.73
C SER B 51 -21.02 -6.49 -26.01
N VAL B 52 -21.38 -7.67 -26.52
CA VAL B 52 -20.99 -8.91 -25.88
C VAL B 52 -20.09 -9.81 -26.74
N GLY B 53 -19.86 -9.43 -28.00
CA GLY B 53 -19.03 -10.25 -28.87
C GLY B 53 -18.47 -9.60 -30.13
N GLU B 54 -19.34 -9.00 -30.93
CA GLU B 54 -18.94 -8.38 -32.18
C GLU B 54 -20.18 -7.90 -32.89
N GLY B 55 -21.31 -8.00 -32.19
CA GLY B 55 -22.57 -7.56 -32.73
C GLY B 55 -23.62 -7.58 -31.63
N THR B 56 -23.67 -6.51 -30.85
CA THR B 56 -24.70 -6.35 -29.83
C THR B 56 -24.86 -4.88 -29.47
N THR B 57 -25.87 -4.57 -28.67
CA THR B 57 -26.16 -3.18 -28.32
C THR B 57 -27.22 -3.13 -27.21
N ALA B 58 -28.06 -2.08 -27.26
CA ALA B 58 -29.38 -2.09 -26.65
C ALA B 58 -29.57 -1.35 -25.31
N LYS B 59 -29.32 -2.05 -24.21
CA LYS B 59 -29.85 -1.65 -22.91
C LYS B 59 -29.20 -0.43 -22.26
N GLY B 60 -29.55 -0.20 -21.00
CA GLY B 60 -28.95 0.85 -20.19
C GLY B 60 -29.73 2.15 -20.22
N GLU B 61 -29.88 2.71 -21.42
CA GLU B 61 -30.52 3.99 -21.63
C GLU B 61 -29.88 4.67 -22.84
N VAL B 62 -30.61 4.73 -23.94
CA VAL B 62 -30.02 5.15 -25.21
C VAL B 62 -30.59 6.43 -25.79
N PRO B 63 -31.93 6.60 -25.73
CA PRO B 63 -32.35 7.96 -26.08
C PRO B 63 -31.52 8.91 -25.23
N ASP B 64 -30.96 9.94 -25.85
CA ASP B 64 -31.25 10.28 -27.24
C ASP B 64 -30.25 9.72 -28.24
N GLY B 65 -29.82 10.59 -29.16
CA GLY B 65 -28.94 10.21 -30.24
C GLY B 65 -27.68 9.53 -29.75
N TYR B 66 -27.78 8.23 -29.48
CA TYR B 66 -26.62 7.44 -29.15
C TYR B 66 -26.59 6.16 -29.98
N ASN B 67 -25.95 6.22 -31.15
CA ASN B 67 -25.84 5.04 -32.00
C ASN B 67 -24.56 4.30 -31.66
N VAL B 68 -24.48 3.02 -32.05
CA VAL B 68 -23.36 2.18 -31.68
C VAL B 68 -22.88 1.28 -32.83
N SER B 69 -21.63 0.82 -32.73
CA SER B 69 -21.02 -0.03 -33.74
C SER B 69 -19.97 -0.91 -33.08
N ARG B 70 -19.70 -2.06 -33.68
CA ARG B 70 -18.57 -2.87 -33.27
C ARG B 70 -18.20 -3.89 -34.34
N LEU B 71 -17.69 -3.39 -35.46
CA LEU B 71 -17.35 -4.27 -36.58
C LEU B 71 -16.10 -5.11 -36.30
N LYS B 72 -15.10 -4.50 -35.68
CA LYS B 72 -13.83 -5.17 -35.47
C LYS B 72 -13.80 -6.06 -34.22
N LYS B 73 -14.29 -5.53 -33.10
CA LYS B 73 -14.25 -6.19 -31.79
C LYS B 73 -13.30 -5.47 -30.84
N GLN B 74 -12.19 -4.98 -31.37
CA GLN B 74 -11.24 -4.22 -30.57
C GLN B 74 -11.63 -2.76 -30.57
N ASN B 75 -12.62 -2.41 -31.37
CA ASN B 75 -13.08 -1.04 -31.49
C ASN B 75 -14.60 -0.94 -31.39
N PHE B 76 -15.06 -0.14 -30.43
CA PHE B 76 -16.47 0.01 -30.13
C PHE B 76 -16.80 1.49 -30.22
N LEU B 77 -17.54 1.88 -31.25
CA LEU B 77 -17.81 3.29 -31.51
C LEU B 77 -19.04 3.80 -30.78
N LEU B 78 -19.07 5.11 -30.55
CA LEU B 78 -20.24 5.77 -30.00
C LEU B 78 -20.47 7.06 -30.77
N GLY B 79 -21.63 7.17 -31.39
CA GLY B 79 -21.95 8.35 -32.16
C GLY B 79 -23.24 9.02 -31.76
N LEU B 80 -23.28 10.34 -31.99
CA LEU B 80 -24.50 11.11 -31.85
C LEU B 80 -24.73 11.89 -33.15
N GLU B 81 -25.75 11.49 -33.88
CA GLU B 81 -26.02 12.09 -35.19
C GLU B 81 -26.58 13.50 -35.06
N SER B 82 -27.20 13.79 -33.91
CA SER B 82 -27.73 15.11 -33.63
C SER B 82 -27.47 15.53 -32.19
N ALA B 83 -26.39 16.26 -31.99
CA ALA B 83 -26.05 16.77 -30.67
C ALA B 83 -27.07 17.81 -30.23
N ALA B 84 -27.02 18.16 -28.96
CA ALA B 84 -27.96 19.10 -28.39
C ALA B 84 -27.82 19.05 -26.88
N PRO B 85 -27.74 20.22 -26.23
CA PRO B 85 -27.81 20.21 -24.77
C PRO B 85 -29.13 19.55 -24.37
N SER B 86 -29.12 18.62 -23.43
CA SER B 86 -27.93 18.18 -22.70
C SER B 86 -26.92 17.45 -23.56
N GLN B 87 -26.72 16.17 -23.26
CA GLN B 87 -25.70 15.38 -23.92
C GLN B 87 -24.28 15.87 -23.61
N THR B 88 -24.18 17.08 -23.06
CA THR B 88 -22.89 17.57 -22.59
C THR B 88 -22.56 16.89 -21.26
N SER B 89 -21.52 16.07 -21.26
CA SER B 89 -21.09 15.38 -20.05
C SER B 89 -19.80 14.62 -20.29
N VAL B 90 -19.34 13.89 -19.28
CA VAL B 90 -18.11 13.15 -19.41
C VAL B 90 -18.40 11.71 -19.79
N TYR B 91 -17.86 11.28 -20.92
CA TYR B 91 -18.10 9.94 -21.43
C TYR B 91 -16.95 9.02 -21.12
N PHE B 92 -17.27 7.84 -20.61
CA PHE B 92 -16.25 6.83 -20.32
C PHE B 92 -16.58 5.51 -21.01
N CYS B 93 -15.68 5.04 -21.88
CA CYS B 93 -15.81 3.70 -22.44
C CYS B 93 -15.12 2.70 -21.51
N ALA B 94 -15.49 1.43 -21.61
CA ALA B 94 -14.90 0.41 -20.75
C ALA B 94 -14.80 -0.93 -21.46
N SER B 95 -14.04 -1.84 -20.86
CA SER B 95 -13.76 -3.14 -21.45
C SER B 95 -13.80 -4.24 -20.40
N GLY B 96 -14.16 -5.45 -20.81
CA GLY B 96 -14.26 -6.56 -19.87
C GLY B 96 -14.20 -7.92 -20.50
N GLN B 97 -13.50 -8.84 -19.85
CA GLN B 97 -13.44 -10.23 -20.29
C GLN B 97 -14.62 -10.96 -19.71
N GLY B 98 -15.30 -10.31 -18.77
CA GLY B 98 -16.36 -10.94 -18.00
C GLY B 98 -17.73 -10.77 -18.61
N ASN B 99 -18.49 -9.83 -18.08
CA ASN B 99 -19.85 -9.59 -18.54
C ASN B 99 -20.38 -8.34 -17.87
N PHE B 100 -20.46 -8.41 -16.55
CA PHE B 100 -20.65 -7.22 -15.74
C PHE B 100 -19.84 -7.49 -14.48
N ASP B 101 -18.67 -8.07 -14.72
CA ASP B 101 -17.68 -8.38 -13.71
C ASP B 101 -16.79 -7.16 -13.52
N ILE B 102 -15.49 -7.31 -13.80
CA ILE B 102 -14.54 -6.21 -13.66
C ILE B 102 -14.26 -5.55 -15.00
N GLN B 103 -14.27 -4.23 -15.02
CA GLN B 103 -14.07 -3.51 -16.27
C GLN B 103 -13.03 -2.40 -16.23
N TYR B 104 -12.29 -2.29 -17.33
CA TYR B 104 -11.22 -1.33 -17.47
C TYR B 104 -11.72 -0.10 -18.19
N PHE B 105 -11.55 1.06 -17.58
CA PHE B 105 -12.06 2.31 -18.13
C PHE B 105 -11.04 3.07 -18.97
N GLY B 106 -11.55 3.88 -19.89
CA GLY B 106 -10.71 4.73 -20.72
C GLY B 106 -10.50 6.08 -20.06
N ALA B 107 -9.47 6.80 -20.50
CA ALA B 107 -9.09 8.05 -19.87
C ALA B 107 -10.26 9.02 -19.77
N GLY B 108 -11.24 8.84 -20.64
CA GLY B 108 -12.44 9.66 -20.62
C GLY B 108 -12.51 10.61 -21.80
N THR B 109 -13.71 11.15 -22.02
CA THR B 109 -13.92 12.19 -23.01
C THR B 109 -14.84 13.24 -22.42
N ARG B 110 -14.47 14.51 -22.53
CA ARG B 110 -15.29 15.59 -21.99
C ARG B 110 -15.89 16.44 -23.10
N LEU B 111 -17.20 16.34 -23.27
CA LEU B 111 -17.88 16.96 -24.40
C LEU B 111 -18.83 18.08 -23.99
N SER B 112 -18.68 19.22 -24.64
CA SER B 112 -19.56 20.36 -24.39
C SER B 112 -20.42 20.66 -25.60
N VAL B 113 -21.73 20.49 -25.46
CA VAL B 113 -22.67 20.81 -26.53
C VAL B 113 -23.33 22.16 -26.29
N LEU B 114 -23.32 23.00 -27.32
CA LEU B 114 -23.85 24.35 -27.20
C LEU B 114 -24.76 24.71 -28.37
N GLU B 115 -25.87 25.38 -28.08
CA GLU B 115 -26.74 25.84 -29.16
C GLU B 115 -26.12 27.05 -29.85
N ASP B 116 -25.11 27.65 -29.22
CA ASP B 116 -24.40 28.77 -29.83
C ASP B 116 -22.93 28.82 -29.41
N LEU B 117 -22.05 28.97 -30.39
CA LEU B 117 -20.62 28.89 -30.16
C LEU B 117 -19.97 30.24 -29.92
N LYS B 118 -20.80 31.27 -29.73
CA LYS B 118 -20.26 32.60 -29.53
C LYS B 118 -19.68 32.74 -28.13
N ASN B 119 -20.08 31.85 -27.24
CA ASN B 119 -19.62 31.91 -25.85
C ASN B 119 -18.51 30.91 -25.52
N VAL B 120 -17.82 30.44 -26.55
CA VAL B 120 -16.60 29.65 -26.35
C VAL B 120 -15.40 30.58 -26.30
N PHE B 121 -14.74 30.66 -25.15
CA PHE B 121 -13.59 31.54 -25.00
C PHE B 121 -12.33 30.79 -24.66
N PRO B 122 -11.17 31.31 -25.11
CA PRO B 122 -9.86 30.79 -24.72
C PRO B 122 -9.38 31.51 -23.45
N PRO B 123 -8.46 30.89 -22.71
CA PRO B 123 -7.97 31.42 -21.43
C PRO B 123 -6.87 32.46 -21.62
N GLU B 124 -6.74 33.37 -20.66
CA GLU B 124 -5.65 34.35 -20.68
C GLU B 124 -4.65 34.03 -19.57
N VAL B 125 -3.50 33.48 -19.95
CA VAL B 125 -2.51 33.08 -18.96
C VAL B 125 -1.65 34.26 -18.52
N ALA B 126 -1.30 34.29 -17.23
CA ALA B 126 -0.42 35.32 -16.67
C ALA B 126 0.32 34.81 -15.45
N VAL B 127 1.63 35.06 -15.41
CA VAL B 127 2.50 34.55 -14.35
C VAL B 127 2.92 35.63 -13.35
N PHE B 128 2.65 35.39 -12.07
CA PHE B 128 2.94 36.37 -11.02
C PHE B 128 4.19 36.02 -10.21
N GLU B 129 5.20 36.87 -10.30
CA GLU B 129 6.46 36.63 -9.60
C GLU B 129 6.28 36.59 -8.09
N PRO B 130 7.16 35.87 -7.39
CA PRO B 130 7.15 35.79 -5.93
C PRO B 130 7.25 37.14 -5.23
N SER B 131 6.62 37.23 -4.06
CA SER B 131 6.68 38.41 -3.20
C SER B 131 7.94 38.34 -2.36
N GLU B 132 8.73 39.42 -2.36
CA GLU B 132 9.96 39.43 -1.58
C GLU B 132 9.65 39.26 -0.09
N ALA B 133 8.53 39.80 0.34
CA ALA B 133 8.07 39.62 1.73
C ALA B 133 8.15 38.14 2.13
N GLU B 134 7.75 37.26 1.21
CA GLU B 134 7.80 35.82 1.44
C GLU B 134 9.22 35.29 1.45
N ILE B 135 9.99 35.67 0.44
CA ILE B 135 11.36 35.19 0.32
C ILE B 135 12.18 35.59 1.54
N SER B 136 12.02 36.84 1.96
CA SER B 136 12.72 37.37 3.11
C SER B 136 11.93 37.07 4.37
N HIS B 137 11.63 35.79 4.56
CA HIS B 137 10.85 35.36 5.71
C HIS B 137 10.72 33.85 5.69
N THR B 138 10.55 33.30 4.49
CA THR B 138 10.36 31.87 4.34
C THR B 138 11.57 31.25 3.64
N GLN B 139 12.41 32.09 3.05
CA GLN B 139 13.49 31.62 2.19
C GLN B 139 12.95 30.57 1.21
N LYS B 140 11.71 30.79 0.79
CA LYS B 140 11.08 29.95 -0.20
C LYS B 140 10.23 30.84 -1.11
N ALA B 141 10.31 30.60 -2.41
CA ALA B 141 9.65 31.45 -3.39
C ALA B 141 8.49 30.75 -4.06
N THR B 142 7.44 31.53 -4.35
CA THR B 142 6.22 30.97 -4.92
C THR B 142 5.68 31.77 -6.09
N LEU B 143 5.49 31.07 -7.21
CA LEU B 143 4.95 31.65 -8.42
C LEU B 143 3.49 31.24 -8.61
N VAL B 144 2.65 32.20 -8.97
CA VAL B 144 1.26 31.90 -9.27
C VAL B 144 1.04 32.03 -10.76
N CYS B 145 0.30 31.10 -11.35
CA CYS B 145 -0.09 31.22 -12.74
C CYS B 145 -1.59 31.20 -12.90
N LEU B 146 -2.12 32.30 -13.46
CA LEU B 146 -3.57 32.46 -13.56
C LEU B 146 -4.10 32.28 -14.98
N ALA B 147 -5.14 31.46 -15.08
CA ALA B 147 -5.86 31.27 -16.34
C ALA B 147 -7.34 31.63 -16.14
N THR B 148 -7.86 32.52 -16.99
CA THR B 148 -9.20 33.06 -16.79
C THR B 148 -10.03 33.22 -18.06
N GLY B 149 -11.32 33.50 -17.88
CA GLY B 149 -12.21 33.83 -18.97
C GLY B 149 -12.52 32.73 -19.95
N PHE B 150 -12.03 31.52 -19.67
CA PHE B 150 -12.15 30.43 -20.65
C PHE B 150 -13.41 29.58 -20.50
N TYR B 151 -14.04 29.26 -21.63
CA TYR B 151 -15.20 28.39 -21.66
C TYR B 151 -15.15 27.48 -22.89
N PRO B 152 -15.39 26.17 -22.70
CA PRO B 152 -15.65 25.52 -21.40
C PRO B 152 -14.33 25.18 -20.71
N ASP B 153 -14.36 24.34 -19.69
CA ASP B 153 -13.12 24.03 -18.96
C ASP B 153 -12.35 22.86 -19.57
N HIS B 154 -12.08 22.95 -20.88
CA HIS B 154 -11.21 21.99 -21.55
C HIS B 154 -9.77 22.50 -21.55
N VAL B 155 -9.06 22.27 -20.45
CA VAL B 155 -7.70 22.80 -20.33
C VAL B 155 -6.66 21.82 -19.78
N GLU B 156 -5.39 22.15 -20.03
CA GLU B 156 -4.27 21.39 -19.48
C GLU B 156 -3.11 22.32 -19.11
N LEU B 157 -3.12 22.77 -17.86
CA LEU B 157 -2.09 23.69 -17.37
C LEU B 157 -0.84 22.91 -16.93
N SER B 158 0.34 23.49 -17.16
CA SER B 158 1.58 22.81 -16.82
C SER B 158 2.68 23.78 -16.44
N TRP B 159 3.62 23.31 -15.61
CA TRP B 159 4.79 24.10 -15.26
C TRP B 159 6.01 23.56 -15.98
N TRP B 160 6.75 24.46 -16.60
CA TRP B 160 7.92 24.08 -17.38
C TRP B 160 9.14 24.81 -16.87
N VAL B 161 9.98 24.09 -16.13
CA VAL B 161 11.19 24.65 -15.54
C VAL B 161 12.42 24.33 -16.37
N ASN B 162 12.93 25.34 -17.06
CA ASN B 162 14.09 25.16 -17.91
C ASN B 162 13.87 24.06 -18.94
N GLY B 163 12.72 24.12 -19.60
CA GLY B 163 12.40 23.24 -20.71
C GLY B 163 11.89 21.87 -20.30
N LYS B 164 11.81 21.63 -19.00
CA LYS B 164 11.29 20.38 -18.49
C LYS B 164 10.06 20.62 -17.61
N GLU B 165 8.99 19.87 -17.86
CA GLU B 165 7.77 19.99 -17.09
C GLU B 165 7.98 19.42 -15.69
N VAL B 166 7.55 20.15 -14.67
CA VAL B 166 7.71 19.68 -13.31
C VAL B 166 6.38 19.41 -12.64
N HIS B 167 6.36 18.46 -11.72
CA HIS B 167 5.18 18.19 -10.92
C HIS B 167 5.51 18.47 -9.46
N SER B 168 6.66 17.97 -9.03
CA SER B 168 7.15 18.31 -7.70
C SER B 168 7.08 19.81 -7.49
N GLY B 169 6.43 20.23 -6.42
CA GLY B 169 6.39 21.63 -6.07
C GLY B 169 5.24 22.42 -6.67
N VAL B 170 4.41 21.77 -7.48
CA VAL B 170 3.25 22.45 -8.04
C VAL B 170 1.97 21.96 -7.39
N CYS B 171 0.99 22.86 -7.30
CA CYS B 171 -0.37 22.45 -6.94
C CYS B 171 -1.40 23.22 -7.75
N THR B 172 -2.08 22.51 -8.64
CA THR B 172 -3.10 23.12 -9.49
C THR B 172 -4.48 22.78 -8.93
N ASP B 173 -5.35 23.78 -8.86
CA ASP B 173 -6.69 23.58 -8.33
C ASP B 173 -7.36 22.33 -8.87
N PRO B 174 -8.16 21.66 -8.03
CA PRO B 174 -8.81 20.40 -8.42
C PRO B 174 -9.91 20.70 -9.42
N GLN B 175 -10.55 21.84 -9.24
CA GLN B 175 -11.66 22.27 -10.08
C GLN B 175 -11.52 23.73 -10.47
N PRO B 176 -12.01 24.08 -11.66
CA PRO B 176 -12.08 25.45 -12.15
C PRO B 176 -13.02 26.29 -11.28
N LEU B 177 -12.98 27.61 -11.48
CA LEU B 177 -13.80 28.55 -10.73
C LEU B 177 -14.84 29.17 -11.66
N LYS B 178 -15.79 29.92 -11.09
CA LYS B 178 -16.76 30.64 -11.88
C LYS B 178 -16.67 32.15 -11.62
N GLU B 179 -16.59 32.93 -12.68
CA GLU B 179 -16.57 34.39 -12.54
C GLU B 179 -17.97 34.98 -12.55
N GLN B 180 -18.95 34.17 -12.95
CA GLN B 180 -20.35 34.58 -12.92
C GLN B 180 -21.17 33.44 -12.31
N PRO B 181 -21.01 33.21 -11.00
CA PRO B 181 -21.65 32.10 -10.30
C PRO B 181 -23.10 31.89 -10.71
N ALA B 182 -23.79 32.99 -11.05
CA ALA B 182 -25.19 32.92 -11.45
C ALA B 182 -25.39 32.22 -12.79
N LEU B 183 -24.88 32.84 -13.85
CA LEU B 183 -25.05 32.34 -15.23
C LEU B 183 -24.67 30.87 -15.39
N ASN B 184 -25.46 30.17 -16.19
CA ASN B 184 -25.26 28.73 -16.42
C ASN B 184 -24.13 28.41 -17.39
N ASP B 185 -23.50 29.45 -17.92
CA ASP B 185 -22.41 29.26 -18.88
C ASP B 185 -21.23 30.18 -18.56
N SER B 186 -20.91 30.27 -17.27
CA SER B 186 -19.88 31.22 -16.81
C SER B 186 -18.46 30.89 -17.25
N ARG B 187 -17.68 31.93 -17.49
CA ARG B 187 -16.28 31.81 -17.85
C ARG B 187 -15.49 31.32 -16.64
N TYR B 188 -14.72 30.25 -16.82
CA TYR B 188 -13.97 29.65 -15.71
C TYR B 188 -12.61 30.29 -15.47
N ALA B 189 -12.11 30.15 -14.25
CA ALA B 189 -10.75 30.53 -13.91
C ALA B 189 -10.06 29.34 -13.26
N LEU B 190 -8.74 29.41 -13.16
CA LEU B 190 -7.94 28.32 -12.60
C LEU B 190 -6.59 28.86 -12.17
N SER B 191 -6.22 28.59 -10.93
CA SER B 191 -4.95 29.06 -10.40
C SER B 191 -4.03 27.88 -10.18
N SER B 192 -2.73 28.16 -10.09
CA SER B 192 -1.75 27.11 -9.92
C SER B 192 -0.52 27.67 -9.22
N ARG B 193 0.11 26.87 -8.38
CA ARG B 193 1.22 27.33 -7.57
C ARG B 193 2.45 26.47 -7.79
N LEU B 194 3.57 27.12 -8.08
CA LEU B 194 4.88 26.46 -8.13
C LEU B 194 5.81 27.11 -7.11
N ARG B 195 6.42 26.31 -6.24
CA ARG B 195 7.25 26.82 -5.14
C ARG B 195 8.68 26.27 -5.19
N VAL B 196 9.66 27.11 -4.84
CA VAL B 196 11.07 26.73 -4.93
C VAL B 196 11.97 27.35 -3.87
N SER B 197 13.10 26.70 -3.60
CA SER B 197 14.12 27.25 -2.72
C SER B 197 14.59 28.60 -3.25
N ALA B 198 14.37 29.65 -2.46
CA ALA B 198 14.70 31.01 -2.87
C ALA B 198 15.98 31.10 -3.70
N THR B 199 17.02 30.36 -3.33
CA THR B 199 18.26 30.34 -4.10
C THR B 199 17.98 30.08 -5.57
N PHE B 200 17.13 29.09 -5.82
CA PHE B 200 16.74 28.70 -7.15
C PHE B 200 16.07 29.84 -7.92
N TRP B 201 15.14 30.54 -7.27
CA TRP B 201 14.41 31.62 -7.91
C TRP B 201 15.28 32.83 -8.29
N GLN B 202 16.28 33.12 -7.47
CA GLN B 202 17.14 34.28 -7.69
C GLN B 202 18.18 34.04 -8.80
N ASN B 203 18.41 32.76 -9.11
CA ASN B 203 19.27 32.40 -10.22
C ASN B 203 18.65 32.82 -11.55
N PRO B 204 19.30 33.74 -12.27
CA PRO B 204 18.73 34.27 -13.51
C PRO B 204 18.82 33.32 -14.70
N ARG B 205 19.52 32.19 -14.55
CA ARG B 205 19.60 31.19 -15.62
C ARG B 205 18.47 30.16 -15.52
N ASN B 206 17.72 30.23 -14.43
CA ASN B 206 16.54 29.39 -14.24
C ASN B 206 15.31 30.01 -14.88
N HIS B 207 14.65 29.22 -15.72
CA HIS B 207 13.52 29.71 -16.51
C HIS B 207 12.19 29.09 -16.08
N PHE B 208 11.18 29.95 -15.90
CA PHE B 208 9.87 29.48 -15.48
C PHE B 208 8.82 29.78 -16.54
N ARG B 209 8.18 28.72 -17.03
CA ARG B 209 7.14 28.86 -18.02
C ARG B 209 5.84 28.22 -17.57
N CYS B 210 4.77 29.00 -17.56
CA CYS B 210 3.43 28.46 -17.37
C CYS B 210 2.75 28.31 -18.71
N GLN B 211 2.00 27.24 -18.88
CA GLN B 211 1.51 26.86 -20.20
C GLN B 211 0.14 26.17 -20.14
N VAL B 212 -0.85 26.77 -20.79
CA VAL B 212 -2.21 26.21 -20.79
C VAL B 212 -2.74 25.79 -22.16
N GLN B 213 -2.78 24.49 -22.40
CA GLN B 213 -3.38 23.95 -23.61
C GLN B 213 -4.88 24.15 -23.57
N PHE B 214 -5.43 24.81 -24.59
CA PHE B 214 -6.87 24.95 -24.72
C PHE B 214 -7.38 23.99 -25.80
N TYR B 215 -8.63 23.58 -25.69
CA TYR B 215 -9.23 22.69 -26.70
C TYR B 215 -10.54 23.26 -27.23
N GLY B 216 -10.45 24.25 -28.11
CA GLY B 216 -11.62 24.95 -28.60
C GLY B 216 -12.21 24.41 -29.89
N LEU B 217 -12.69 25.31 -30.74
CA LEU B 217 -13.34 24.95 -32.00
C LEU B 217 -12.44 24.25 -33.00
N SER B 218 -13.04 23.36 -33.77
CA SER B 218 -12.33 22.68 -34.85
C SER B 218 -12.32 23.55 -36.10
N GLU B 219 -11.55 23.14 -37.10
CA GLU B 219 -11.41 23.91 -38.33
C GLU B 219 -12.73 24.11 -39.07
N ASN B 220 -13.39 22.99 -39.39
CA ASN B 220 -14.66 23.03 -40.09
C ASN B 220 -15.78 23.57 -39.20
N ASP B 221 -15.62 24.82 -38.77
CA ASP B 221 -16.58 25.43 -37.85
C ASP B 221 -16.78 26.88 -38.21
N GLU B 222 -18.02 27.28 -38.44
CA GLU B 222 -18.31 28.67 -38.73
C GLU B 222 -17.74 29.56 -37.64
N TRP B 223 -17.51 30.82 -37.98
CA TRP B 223 -17.07 31.81 -37.00
C TRP B 223 -17.12 33.18 -37.67
N THR B 224 -17.91 34.08 -37.10
CA THR B 224 -18.15 35.37 -37.73
C THR B 224 -17.97 36.53 -36.76
N GLN B 225 -17.67 36.23 -35.50
CA GLN B 225 -17.47 37.25 -34.50
C GLN B 225 -16.20 38.05 -34.77
N ASP B 226 -16.18 39.30 -34.32
CA ASP B 226 -15.04 40.17 -34.55
C ASP B 226 -13.75 39.59 -33.98
N ARG B 227 -13.86 38.90 -32.83
CA ARG B 227 -12.69 38.35 -32.15
C ARG B 227 -12.19 37.04 -32.74
N ALA B 228 -10.93 36.75 -32.50
CA ALA B 228 -10.28 35.56 -33.03
C ALA B 228 -11.07 34.29 -32.77
N LYS B 229 -11.22 33.47 -33.81
CA LYS B 229 -11.82 32.17 -33.65
C LYS B 229 -11.11 31.42 -32.51
N PRO B 230 -11.90 30.95 -31.53
CA PRO B 230 -11.39 30.24 -30.35
C PRO B 230 -11.10 28.78 -30.67
N VAL B 231 -9.98 28.53 -31.34
CA VAL B 231 -9.64 27.17 -31.74
C VAL B 231 -8.60 26.60 -30.78
N THR B 232 -8.27 25.33 -31.00
CA THR B 232 -7.28 24.65 -30.16
C THR B 232 -5.91 25.34 -30.24
N GLN B 233 -5.55 25.99 -29.15
CA GLN B 233 -4.32 26.75 -29.08
C GLN B 233 -3.69 26.62 -27.70
N ILE B 234 -2.43 27.06 -27.59
CA ILE B 234 -1.69 27.00 -26.34
C ILE B 234 -1.31 28.40 -25.87
N VAL B 235 -2.00 28.88 -24.84
CA VAL B 235 -1.64 30.15 -24.21
C VAL B 235 -0.55 29.93 -23.17
N SER B 236 0.38 30.86 -23.08
CA SER B 236 1.52 30.68 -22.19
C SER B 236 2.10 31.99 -21.65
N ALA B 237 2.32 32.01 -20.34
CA ALA B 237 3.01 33.14 -19.71
C ALA B 237 4.34 32.66 -19.13
N GLU B 238 5.34 33.53 -19.11
CA GLU B 238 6.68 33.13 -18.67
C GLU B 238 7.32 34.14 -17.74
N ALA B 239 8.43 33.74 -17.13
CA ALA B 239 9.23 34.61 -16.27
C ALA B 239 10.63 34.04 -16.08
N TRP B 240 11.61 34.92 -15.83
CA TRP B 240 12.99 34.53 -15.59
C TRP B 240 13.40 34.82 -14.15
N GLY B 241 14.52 34.23 -13.73
CA GLY B 241 14.97 34.34 -12.35
C GLY B 241 15.49 35.70 -11.92
N ARG B 242 14.66 36.44 -11.19
CA ARG B 242 15.04 37.76 -10.68
C ARG B 242 16.06 37.66 -9.56
N ALA B 243 17.32 37.93 -9.89
CA ALA B 243 18.35 37.98 -8.86
C ALA B 243 18.00 39.06 -7.82
N ASP B 244 17.00 39.87 -8.14
CA ASP B 244 16.54 40.95 -7.25
C ASP B 244 15.73 40.40 -6.08
N LYS C 4 -6.02 20.28 23.83
CA LYS C 4 -4.77 19.84 23.23
C LYS C 4 -4.24 18.62 24.00
N GLU C 5 -3.03 18.20 23.66
N GLU C 5 -3.04 18.16 23.64
CA GLU C 5 -2.36 17.04 24.28
CA GLU C 5 -2.37 17.06 24.35
C GLU C 5 -2.87 15.75 23.66
C GLU C 5 -2.77 15.69 23.80
N VAL C 6 -3.85 15.13 24.33
CA VAL C 6 -4.51 13.96 23.74
C VAL C 6 -5.83 14.43 23.13
N GLU C 7 -5.87 14.42 21.80
N GLU C 7 -5.88 14.46 21.80
CA GLU C 7 -6.99 14.95 21.03
CA GLU C 7 -7.05 14.98 21.10
C GLU C 7 -7.80 13.81 20.46
C GLU C 7 -7.81 13.83 20.47
N GLN C 8 -9.09 14.04 20.23
CA GLN C 8 -9.99 12.98 19.78
C GLN C 8 -11.09 13.56 18.90
N ASP C 9 -11.59 12.76 17.96
CA ASP C 9 -12.63 13.21 17.04
C ASP C 9 -13.68 14.09 17.72
N PRO C 10 -13.91 15.28 17.14
CA PRO C 10 -14.73 16.37 17.69
C PRO C 10 -16.13 15.95 18.14
N GLY C 11 -17.12 16.21 17.29
CA GLY C 11 -18.52 16.13 17.68
C GLY C 11 -19.10 14.74 17.79
N PRO C 12 -20.42 14.62 17.60
CA PRO C 12 -21.18 13.38 17.70
C PRO C 12 -21.28 12.64 16.37
N PHE C 13 -21.11 11.33 16.44
CA PHE C 13 -21.23 10.48 15.28
C PHE C 13 -22.63 9.89 15.18
N ASN C 14 -23.40 10.33 14.18
CA ASN C 14 -24.75 9.84 13.94
C ASN C 14 -24.78 8.84 12.80
N VAL C 15 -24.77 7.55 13.13
CA VAL C 15 -24.56 6.50 12.13
C VAL C 15 -25.71 5.50 12.03
N PRO C 16 -26.08 5.12 10.80
CA PRO C 16 -27.12 4.14 10.47
C PRO C 16 -26.86 2.79 11.13
N GLU C 17 -27.91 2.20 11.70
CA GLU C 17 -27.80 1.02 12.56
C GLU C 17 -27.00 -0.15 11.99
N GLY C 18 -26.69 -0.14 10.71
CA GLY C 18 -25.92 -1.23 10.14
C GLY C 18 -24.52 -0.85 9.69
N ALA C 19 -24.25 0.45 9.65
CA ALA C 19 -23.00 0.97 9.13
C ALA C 19 -21.83 0.57 10.02
N THR C 20 -20.62 0.86 9.56
CA THR C 20 -19.44 0.60 10.37
C THR C 20 -18.62 1.87 10.58
N VAL C 21 -18.12 2.08 11.80
CA VAL C 21 -17.60 3.37 12.23
C VAL C 21 -16.12 3.36 12.61
N ALA C 22 -15.46 4.49 12.42
CA ALA C 22 -14.07 4.63 12.85
C ALA C 22 -13.89 5.79 13.82
N PHE C 23 -13.30 5.50 14.97
CA PHE C 23 -12.86 6.54 15.89
C PHE C 23 -11.34 6.74 15.73
N ASN C 24 -10.88 7.98 15.92
CA ASN C 24 -9.46 8.29 15.80
C ASN C 24 -8.96 9.18 16.94
N CYS C 25 -7.81 8.81 17.50
CA CYS C 25 -7.23 9.51 18.64
C CYS C 25 -5.75 9.78 18.38
N THR C 26 -5.26 10.93 18.85
CA THR C 26 -3.84 11.27 18.70
C THR C 26 -3.17 11.71 20.01
N TYR C 27 -2.04 11.08 20.34
CA TYR C 27 -1.23 11.52 21.48
C TYR C 27 0.01 12.26 21.00
N SER C 28 0.57 13.11 21.84
CA SER C 28 1.71 13.93 21.42
C SER C 28 3.02 13.53 22.08
N ASN C 29 2.94 12.69 23.09
CA ASN C 29 4.15 12.21 23.76
C ASN C 29 4.71 10.97 23.09
N SER C 30 5.72 11.15 22.26
CA SER C 30 6.35 10.05 21.55
C SER C 30 6.56 8.80 22.40
N ALA C 31 6.84 8.98 23.69
CA ALA C 31 7.24 7.87 24.53
C ALA C 31 6.14 7.47 25.50
N SER C 32 4.91 7.41 25.00
CA SER C 32 3.80 6.95 25.81
C SER C 32 3.83 5.42 25.85
N GLN C 33 3.45 4.85 26.98
CA GLN C 33 3.65 3.41 27.22
C GLN C 33 2.47 2.50 26.89
N SER C 34 1.31 2.78 27.47
CA SER C 34 0.12 1.95 27.25
C SER C 34 -1.05 2.74 26.71
N PHE C 35 -1.98 2.05 26.04
CA PHE C 35 -3.07 2.70 25.33
C PHE C 35 -4.38 1.96 25.48
N PHE C 36 -5.46 2.70 25.77
CA PHE C 36 -6.77 2.10 26.03
C PHE C 36 -7.94 2.83 25.37
N TRP C 37 -8.97 2.06 25.04
CA TRP C 37 -10.31 2.64 24.83
C TRP C 37 -11.21 2.30 26.01
N TYR C 38 -11.86 3.32 26.57
CA TYR C 38 -12.88 3.09 27.59
C TYR C 38 -14.21 3.45 27.00
N ARG C 39 -15.23 2.63 27.27
CA ARG C 39 -16.60 2.97 26.86
C ARG C 39 -17.34 3.59 28.02
N GLN C 40 -18.10 4.64 27.75
CA GLN C 40 -18.90 5.29 28.79
C GLN C 40 -20.34 5.44 28.35
N ASP C 41 -21.24 4.70 29.01
CA ASP C 41 -22.66 4.77 28.67
C ASP C 41 -23.31 6.05 29.17
N SER C 42 -24.42 6.43 28.55
CA SER C 42 -25.09 7.65 28.93
C SER C 42 -26.17 7.35 29.96
N ARG C 43 -26.14 8.05 31.08
CA ARG C 43 -24.99 8.87 31.44
C ARG C 43 -24.42 8.29 32.72
N LYS C 44 -23.42 7.44 32.54
CA LYS C 44 -22.93 6.61 33.61
C LYS C 44 -21.40 6.64 33.58
N GLU C 45 -20.76 5.54 33.96
CA GLU C 45 -19.33 5.58 34.24
C GLU C 45 -18.46 4.82 33.24
N PRO C 46 -17.20 5.24 33.10
CA PRO C 46 -16.24 4.57 32.23
C PRO C 46 -15.97 3.13 32.66
N LYS C 47 -15.96 2.24 31.67
CA LYS C 47 -15.50 0.88 31.87
C LYS C 47 -14.53 0.59 30.75
N LEU C 48 -13.52 -0.22 31.03
CA LEU C 48 -12.57 -0.57 29.99
C LEU C 48 -13.29 -1.26 28.82
N LEU C 49 -12.82 -0.98 27.61
CA LEU C 49 -13.30 -1.72 26.45
C LEU C 49 -12.18 -2.63 25.97
N MET C 50 -11.03 -2.03 25.68
CA MET C 50 -9.90 -2.81 25.20
C MET C 50 -8.58 -2.15 25.50
N SER C 51 -7.52 -2.95 25.45
CA SER C 51 -6.16 -2.42 25.47
C SER C 51 -5.63 -2.48 24.05
N VAL C 52 -5.09 -1.37 23.57
CA VAL C 52 -4.65 -1.29 22.18
C VAL C 52 -3.16 -1.56 22.02
N TYR C 53 -2.83 -2.45 21.06
CA TYR C 53 -1.46 -2.88 20.84
C TYR C 53 -1.00 -2.52 19.43
N SER C 54 0.32 -2.38 19.26
CA SER C 54 0.89 -2.06 17.96
C SER C 54 0.43 -3.08 16.92
N SER C 55 0.48 -4.34 17.31
CA SER C 55 0.10 -5.45 16.45
C SER C 55 -1.36 -5.36 16.04
N GLY C 56 -2.13 -4.56 16.79
CA GLY C 56 -3.56 -4.43 16.57
C GLY C 56 -4.31 -5.49 17.34
N ASN C 57 -5.45 -5.10 17.93
CA ASN C 57 -6.26 -6.04 18.68
C ASN C 57 -6.90 -7.11 17.80
N GLU C 58 -8.00 -7.70 18.28
CA GLU C 58 -8.61 -8.81 17.58
C GLU C 58 -10.13 -8.89 17.77
N ASP C 59 -10.56 -9.14 19.01
CA ASP C 59 -11.95 -9.41 19.31
C ASP C 59 -12.70 -8.11 19.54
N GLY C 60 -13.93 -8.05 19.01
CA GLY C 60 -14.50 -9.13 18.24
C GLY C 60 -15.74 -8.56 17.60
N ARG C 61 -15.53 -7.88 16.47
CA ARG C 61 -16.48 -6.91 15.93
C ARG C 61 -16.02 -5.53 16.38
N PHE C 62 -15.36 -5.50 17.55
CA PHE C 62 -14.68 -4.32 18.04
C PHE C 62 -13.19 -4.45 17.75
N THR C 63 -12.64 -3.48 17.04
CA THR C 63 -11.25 -3.54 16.59
C THR C 63 -10.45 -2.33 17.07
N ALA C 64 -9.25 -2.58 17.58
CA ALA C 64 -8.37 -1.52 18.05
C ALA C 64 -7.00 -1.57 17.39
N GLN C 65 -6.58 -0.43 16.83
CA GLN C 65 -5.30 -0.33 16.13
C GLN C 65 -4.45 0.82 16.69
N LEU C 66 -3.15 0.56 16.82
CA LEU C 66 -2.20 1.58 17.27
C LEU C 66 -1.08 1.76 16.26
N ASN C 67 -0.55 2.98 16.16
CA ASN C 67 0.57 3.28 15.28
C ASN C 67 1.55 4.25 15.95
N ARG C 68 2.58 3.69 16.56
N ARG C 68 2.60 3.69 16.54
CA ARG C 68 3.54 4.50 17.30
CA ARG C 68 3.56 4.48 17.31
C ARG C 68 4.32 5.48 16.42
C ARG C 68 4.42 5.40 16.44
N ALA C 69 4.41 5.18 15.14
CA ALA C 69 5.13 6.05 14.21
C ALA C 69 4.38 7.36 13.99
N SER C 70 3.11 7.22 13.58
CA SER C 70 2.26 8.37 13.31
C SER C 70 1.64 8.90 14.59
N GLN C 71 1.78 8.13 15.67
CA GLN C 71 1.14 8.44 16.94
C GLN C 71 -0.38 8.57 16.78
N TYR C 72 -1.00 7.50 16.28
CA TYR C 72 -2.44 7.39 16.12
C TYR C 72 -3.02 6.15 16.80
N ILE C 73 -4.17 6.32 17.43
CA ILE C 73 -4.94 5.21 17.94
C ILE C 73 -6.28 5.27 17.23
N SER C 74 -6.78 4.12 16.81
CA SER C 74 -8.09 4.08 16.16
C SER C 74 -8.95 2.92 16.68
N LEU C 75 -10.21 3.21 16.99
CA LEU C 75 -11.18 2.18 17.32
C LEU C 75 -12.10 1.97 16.13
N LEU C 76 -12.60 0.75 15.99
CA LEU C 76 -13.35 0.39 14.79
C LEU C 76 -14.53 -0.54 15.08
N ILE C 77 -15.74 -0.04 14.87
CA ILE C 77 -16.96 -0.84 15.07
C ILE C 77 -17.63 -1.22 13.74
N ARG C 78 -17.56 -2.49 13.38
CA ARG C 78 -18.17 -2.98 12.14
C ARG C 78 -19.58 -3.48 12.44
N ASP C 79 -20.50 -3.24 11.50
CA ASP C 79 -21.89 -3.63 11.66
C ASP C 79 -22.41 -3.23 13.04
N SER C 80 -22.39 -1.93 13.30
CA SER C 80 -22.80 -1.38 14.58
C SER C 80 -24.21 -1.81 14.93
N LYS C 81 -24.46 -1.96 16.23
CA LYS C 81 -25.80 -2.23 16.72
C LYS C 81 -26.28 -1.01 17.48
N LEU C 82 -27.57 -1.00 17.81
CA LEU C 82 -28.15 0.08 18.57
C LEU C 82 -27.58 0.14 19.99
N SER C 83 -27.21 -1.03 20.52
CA SER C 83 -26.73 -1.13 21.89
C SER C 83 -25.31 -0.56 22.02
N ASP C 84 -24.78 -0.05 20.91
CA ASP C 84 -23.40 0.43 20.88
C ASP C 84 -23.31 1.91 21.08
N SER C 85 -24.46 2.59 21.06
CA SER C 85 -24.46 4.02 21.32
C SER C 85 -23.87 4.29 22.69
N ALA C 86 -22.92 5.22 22.74
CA ALA C 86 -22.13 5.50 23.93
C ALA C 86 -21.04 6.49 23.59
N THR C 87 -20.52 7.15 24.60
CA THR C 87 -19.37 8.02 24.41
C THR C 87 -18.13 7.17 24.52
N TYR C 88 -17.26 7.23 23.52
CA TYR C 88 -16.03 6.43 23.54
C TYR C 88 -14.81 7.24 23.98
N LEU C 89 -14.09 6.70 24.94
CA LEU C 89 -12.96 7.40 25.53
C LEU C 89 -11.62 6.81 25.11
N CYS C 90 -10.75 7.66 24.58
CA CYS C 90 -9.37 7.30 24.29
C CYS C 90 -8.51 7.58 25.52
N VAL C 91 -7.85 6.55 26.04
CA VAL C 91 -7.03 6.72 27.24
C VAL C 91 -5.57 6.35 27.02
N VAL C 92 -4.67 7.23 27.46
CA VAL C 92 -3.24 7.04 27.24
C VAL C 92 -2.42 6.98 28.53
N ARG C 93 -1.50 6.02 28.61
CA ARG C 93 -0.56 5.95 29.72
C ARG C 93 0.71 6.74 29.41
N ALA C 94 0.64 8.05 29.56
CA ALA C 94 1.79 8.90 29.33
C ALA C 94 2.30 9.41 30.67
N GLY C 95 2.79 8.49 31.49
CA GLY C 95 3.20 8.77 32.87
C GLY C 95 2.05 8.73 33.88
N LYS C 96 0.94 9.41 33.57
CA LYS C 96 -0.14 9.55 34.55
C LYS C 96 -1.54 9.37 33.95
N LEU C 97 -1.70 8.32 33.16
CA LEU C 97 -3.00 7.93 32.60
C LEU C 97 -3.90 9.11 32.24
N ILE C 98 -4.00 9.38 30.94
CA ILE C 98 -4.71 10.55 30.42
C ILE C 98 -6.06 10.16 29.78
N PHE C 99 -7.06 10.99 30.00
CA PHE C 99 -8.40 10.75 29.48
C PHE C 99 -8.82 11.86 28.52
N GLY C 100 -8.97 11.51 27.24
CA GLY C 100 -9.43 12.46 26.25
C GLY C 100 -10.89 12.74 26.52
N GLN C 101 -11.44 13.79 25.92
CA GLN C 101 -12.85 14.10 26.13
C GLN C 101 -13.76 13.06 25.47
N GLY C 102 -13.20 12.24 24.59
CA GLY C 102 -13.96 11.18 23.94
C GLY C 102 -14.98 11.66 22.92
N THR C 103 -15.46 10.74 22.09
CA THR C 103 -16.48 11.11 21.11
C THR C 103 -17.78 10.29 21.26
N GLU C 104 -18.92 10.94 21.02
CA GLU C 104 -20.21 10.29 21.21
C GLU C 104 -20.68 9.53 19.98
N LEU C 105 -20.95 8.25 20.15
CA LEU C 105 -21.59 7.46 19.11
C LEU C 105 -23.09 7.46 19.33
N SER C 106 -23.84 7.63 18.25
CA SER C 106 -25.28 7.63 18.33
C SER C 106 -25.86 6.83 17.17
N VAL C 107 -25.84 5.51 17.30
CA VAL C 107 -26.47 4.63 16.32
C VAL C 107 -27.94 4.96 16.13
N LYS C 108 -28.34 5.14 14.87
CA LYS C 108 -29.72 5.50 14.57
C LYS C 108 -30.39 4.30 13.88
N PRO C 109 -31.60 3.94 14.34
CA PRO C 109 -32.29 2.70 13.94
C PRO C 109 -32.65 2.62 12.47
N ASN C 110 -32.65 1.41 11.94
CA ASN C 110 -33.12 1.19 10.58
C ASN C 110 -34.63 0.97 10.54
N ILE C 111 -35.35 1.99 10.08
CA ILE C 111 -36.80 1.91 9.93
C ILE C 111 -37.17 1.38 8.55
N GLN C 112 -37.42 0.09 8.48
CA GLN C 112 -37.62 -0.60 7.21
C GLN C 112 -38.99 -0.35 6.57
N ASN C 113 -40.01 -0.15 7.40
CA ASN C 113 -41.36 0.06 6.91
C ASN C 113 -42.04 1.25 7.61
N PRO C 114 -41.60 2.48 7.26
CA PRO C 114 -42.06 3.70 7.93
C PRO C 114 -43.31 4.31 7.31
N ASP C 115 -44.27 4.70 8.16
CA ASP C 115 -45.37 5.56 7.72
C ASP C 115 -45.56 6.72 8.70
N PRO C 116 -44.82 7.81 8.48
CA PRO C 116 -44.76 8.98 9.37
C PRO C 116 -46.13 9.56 9.68
N ALA C 117 -46.63 9.32 10.89
CA ALA C 117 -47.93 9.82 11.33
C ALA C 117 -47.82 10.86 12.45
N VAL C 118 -48.88 11.63 12.66
CA VAL C 118 -48.97 12.60 13.76
C VAL C 118 -50.29 12.48 14.50
N TYR C 119 -50.33 11.67 15.55
CA TYR C 119 -51.56 11.45 16.31
C TYR C 119 -51.72 12.48 17.43
N GLN C 120 -52.86 12.45 18.09
CA GLN C 120 -53.10 13.32 19.24
C GLN C 120 -53.56 12.54 20.47
N LEU C 121 -52.73 12.53 21.50
CA LEU C 121 -53.06 11.84 22.74
C LEU C 121 -53.88 12.76 23.64
N ARG C 122 -54.98 12.24 24.17
CA ARG C 122 -55.80 13.02 25.07
C ARG C 122 -55.39 12.76 26.52
N ASP C 123 -55.07 13.83 27.23
CA ASP C 123 -54.56 13.74 28.60
C ASP C 123 -55.51 13.01 29.54
N SER C 124 -54.93 12.42 30.58
CA SER C 124 -55.73 11.90 31.70
C SER C 124 -56.05 13.04 32.65
N LYS C 125 -56.38 12.70 33.88
CA LYS C 125 -56.70 13.70 34.90
C LYS C 125 -57.55 14.81 34.31
N SER C 126 -56.99 16.00 34.21
CA SER C 126 -57.69 17.14 33.64
C SER C 126 -56.70 18.09 32.98
N SER C 127 -57.14 19.30 32.69
CA SER C 127 -56.36 20.29 31.94
C SER C 127 -56.34 19.90 30.46
N ASP C 128 -56.00 18.64 30.20
CA ASP C 128 -55.95 18.10 28.85
C ASP C 128 -54.78 18.68 28.06
N LYS C 129 -54.34 19.87 28.45
CA LYS C 129 -53.26 20.58 27.76
C LYS C 129 -53.29 20.24 26.27
N SER C 130 -52.26 19.52 25.81
CA SER C 130 -52.17 19.13 24.41
C SER C 130 -50.86 18.41 24.09
N VAL C 131 -50.95 17.13 23.79
CA VAL C 131 -49.76 16.36 23.41
C VAL C 131 -49.88 15.79 22.01
N CYS C 132 -48.87 16.06 21.19
CA CYS C 132 -48.85 15.57 19.81
C CYS C 132 -47.64 14.66 19.55
N LEU C 133 -47.92 13.50 18.97
CA LEU C 133 -46.90 12.49 18.75
C LEU C 133 -46.53 12.35 17.28
N PHE C 134 -45.32 12.78 16.95
CA PHE C 134 -44.77 12.59 15.61
C PHE C 134 -43.95 11.30 15.64
N THR C 135 -44.33 10.32 14.83
CA THR C 135 -43.80 8.98 14.99
C THR C 135 -43.72 8.16 13.71
N ASP C 136 -42.83 7.18 13.73
CA ASP C 136 -42.74 6.15 12.68
C ASP C 136 -42.09 6.63 11.38
N PHE C 137 -41.28 7.68 11.47
CA PHE C 137 -40.52 8.14 10.31
C PHE C 137 -39.17 7.46 10.25
N ASP C 138 -38.68 7.21 9.05
CA ASP C 138 -37.36 6.62 8.89
C ASP C 138 -36.34 7.63 9.39
N SER C 139 -35.14 7.16 9.69
CA SER C 139 -34.11 8.01 10.26
C SER C 139 -33.65 9.05 9.25
N GLN C 140 -34.23 8.98 8.05
CA GLN C 140 -33.93 9.92 6.99
C GLN C 140 -34.50 11.30 7.32
N THR C 141 -35.70 11.33 7.91
CA THR C 141 -36.35 12.58 8.27
C THR C 141 -35.82 13.13 9.59
N ASN C 142 -35.50 14.42 9.59
CA ASN C 142 -34.90 15.06 10.76
C ASN C 142 -35.89 15.99 11.46
N VAL C 143 -35.68 16.21 12.76
CA VAL C 143 -36.53 17.11 13.53
C VAL C 143 -35.73 18.26 14.13
N SER C 144 -36.33 19.45 14.15
CA SER C 144 -35.70 20.63 14.72
C SER C 144 -36.65 21.31 15.71
N GLN C 145 -36.10 22.21 16.53
CA GLN C 145 -36.85 22.85 17.61
C GLN C 145 -38.10 23.59 17.11
N SER C 146 -38.46 24.67 17.81
CA SER C 146 -39.67 25.41 17.45
C SER C 146 -39.43 26.91 17.32
N LYS C 147 -40.34 27.57 16.60
CA LYS C 147 -40.26 29.02 16.41
C LYS C 147 -40.77 29.77 17.63
N ASP C 148 -42.00 29.49 18.04
CA ASP C 148 -42.55 30.05 19.26
C ASP C 148 -41.88 29.40 20.48
N SER C 149 -41.73 30.15 21.56
CA SER C 149 -41.08 29.64 22.75
C SER C 149 -42.08 29.30 23.85
N ASP C 150 -43.37 29.47 23.55
CA ASP C 150 -44.43 28.99 24.43
C ASP C 150 -44.76 27.56 24.08
N VAL C 151 -44.30 27.12 22.91
CA VAL C 151 -44.46 25.74 22.47
C VAL C 151 -43.14 24.99 22.59
N TYR C 152 -43.21 23.72 22.97
CA TYR C 152 -42.02 22.92 23.19
C TYR C 152 -41.94 21.75 22.20
N ILE C 153 -40.72 21.40 21.80
CA ILE C 153 -40.49 20.36 20.81
C ILE C 153 -39.25 19.54 21.18
N THR C 154 -39.46 18.27 21.51
CA THR C 154 -38.34 17.40 21.86
C THR C 154 -37.60 16.97 20.61
N ASP C 155 -36.35 16.55 20.78
CA ASP C 155 -35.60 15.96 19.69
C ASP C 155 -36.00 14.48 19.61
N LYS C 156 -35.93 13.91 18.41
CA LYS C 156 -36.30 12.52 18.21
C LYS C 156 -35.64 11.59 19.22
N CYS C 157 -36.36 10.54 19.61
CA CYS C 157 -35.85 9.53 20.55
C CYS C 157 -36.14 8.09 20.08
N VAL C 158 -35.17 7.19 20.29
CA VAL C 158 -35.23 5.83 19.74
C VAL C 158 -35.79 4.77 20.70
N LEU C 159 -36.70 3.95 20.17
CA LEU C 159 -37.43 2.98 20.98
C LEU C 159 -37.37 1.54 20.42
N ASP C 160 -37.08 0.57 21.28
CA ASP C 160 -36.92 -0.83 20.87
C ASP C 160 -37.92 -1.77 21.55
N MET C 161 -38.89 -2.24 20.77
CA MET C 161 -39.86 -3.22 21.26
C MET C 161 -39.31 -4.65 21.09
N ARG C 162 -38.30 -5.00 21.86
CA ARG C 162 -37.57 -6.27 21.74
C ARG C 162 -38.44 -7.50 21.42
N SER C 163 -39.54 -7.64 22.14
CA SER C 163 -40.41 -8.81 22.00
C SER C 163 -40.89 -9.00 20.57
N MET C 164 -41.23 -7.89 19.92
CA MET C 164 -41.74 -7.91 18.56
C MET C 164 -40.72 -7.29 17.63
N ASP C 165 -39.46 -7.30 18.06
CA ASP C 165 -38.32 -6.73 17.34
C ASP C 165 -38.70 -5.53 16.49
N PHE C 166 -39.53 -4.65 17.04
CA PHE C 166 -39.96 -3.45 16.34
C PHE C 166 -39.31 -2.22 16.98
N LYS C 167 -38.54 -1.50 16.17
CA LYS C 167 -37.87 -0.28 16.62
C LYS C 167 -38.60 0.92 16.04
N SER C 168 -38.97 1.87 16.90
CA SER C 168 -39.72 3.04 16.46
C SER C 168 -38.99 4.36 16.73
N ASN C 169 -39.45 5.41 16.06
CA ASN C 169 -38.80 6.71 16.11
C ASN C 169 -39.82 7.80 16.33
N SER C 170 -39.83 8.37 17.53
CA SER C 170 -40.88 9.29 17.94
C SER C 170 -40.35 10.66 18.35
N ALA C 171 -41.25 11.64 18.42
CA ALA C 171 -40.94 12.98 18.89
C ALA C 171 -42.21 13.59 19.43
N VAL C 172 -42.07 14.46 20.43
CA VAL C 172 -43.24 15.01 21.12
C VAL C 172 -43.25 16.54 21.05
N ALA C 173 -44.45 17.10 20.97
CA ALA C 173 -44.63 18.55 20.99
C ALA C 173 -45.85 18.93 21.81
N TRP C 174 -45.73 19.98 22.62
CA TRP C 174 -46.84 20.46 23.43
C TRP C 174 -46.74 21.97 23.64
N SER C 175 -47.89 22.61 23.84
CA SER C 175 -47.93 24.04 24.09
C SER C 175 -49.05 24.42 25.07
N ASN C 176 -49.06 25.69 25.45
CA ASN C 176 -50.01 26.20 26.43
C ASN C 176 -51.20 26.86 25.75
N LYS C 177 -52.19 26.04 25.39
CA LYS C 177 -53.45 26.51 24.80
C LYS C 177 -53.28 27.84 24.04
N SER C 178 -52.78 27.77 22.81
CA SER C 178 -52.43 28.96 22.04
C SER C 178 -53.46 29.47 21.01
N ASP C 179 -54.25 28.59 20.39
CA ASP C 179 -54.21 27.15 20.65
C ASP C 179 -53.89 26.42 19.35
N PHE C 180 -53.06 25.38 19.44
CA PHE C 180 -52.57 24.67 18.26
C PHE C 180 -53.12 23.24 18.14
N ALA C 181 -52.89 22.64 16.97
CA ALA C 181 -53.30 21.26 16.71
C ALA C 181 -52.16 20.45 16.09
N CYS C 182 -52.38 19.15 15.95
CA CYS C 182 -51.32 18.22 15.51
C CYS C 182 -50.92 18.40 14.05
N ALA C 183 -51.61 19.27 13.34
CA ALA C 183 -51.31 19.50 11.93
C ALA C 183 -50.20 20.54 11.75
N ASN C 184 -50.23 21.59 12.58
CA ASN C 184 -49.25 22.66 12.48
C ASN C 184 -48.09 22.50 13.45
N ALA C 185 -48.19 21.50 14.32
CA ALA C 185 -47.20 21.30 15.37
C ALA C 185 -45.77 21.24 14.83
N PHE C 186 -45.53 20.37 13.86
CA PHE C 186 -44.18 20.15 13.35
C PHE C 186 -43.95 20.82 11.99
N ASN C 187 -44.21 22.12 11.94
CA ASN C 187 -43.94 22.91 10.75
C ASN C 187 -42.46 23.24 10.62
N ASN C 188 -41.81 23.47 11.75
CA ASN C 188 -40.41 23.84 11.78
C ASN C 188 -39.48 22.66 11.50
N SER C 189 -39.93 21.72 10.68
CA SER C 189 -39.10 20.57 10.33
C SER C 189 -39.49 19.94 8.99
N ILE C 190 -38.49 19.40 8.30
CA ILE C 190 -38.71 18.72 7.02
C ILE C 190 -39.69 17.55 7.20
N ILE C 191 -40.97 17.82 6.96
CA ILE C 191 -42.00 16.79 7.10
C ILE C 191 -42.30 16.09 5.76
N PRO C 192 -42.31 14.75 5.77
CA PRO C 192 -42.60 13.96 4.57
C PRO C 192 -43.88 14.39 3.88
N GLU C 193 -43.97 14.10 2.58
CA GLU C 193 -45.17 14.42 1.82
C GLU C 193 -46.33 13.56 2.29
N ASP C 194 -46.01 12.35 2.75
CA ASP C 194 -47.01 11.37 3.14
C ASP C 194 -47.13 11.24 4.65
N THR C 195 -47.36 12.35 5.34
CA THR C 195 -47.57 12.31 6.79
C THR C 195 -49.07 12.31 7.10
N PHE C 196 -49.50 11.31 7.88
CA PHE C 196 -50.88 11.20 8.30
C PHE C 196 -51.26 12.37 9.20
N PHE C 197 -52.53 12.77 9.18
CA PHE C 197 -53.01 13.85 10.03
C PHE C 197 -54.46 13.64 10.43
N PRO C 198 -54.71 12.65 11.32
CA PRO C 198 -56.08 12.38 11.77
C PRO C 198 -56.51 13.40 12.81
N SER C 199 -57.36 14.34 12.40
CA SER C 199 -57.88 15.35 13.31
C SER C 199 -59.17 14.89 14.01
N PRO C 200 -59.96 14.03 13.34
CA PRO C 200 -61.13 13.46 14.01
C PRO C 200 -60.73 12.60 15.21
N ALA D 4 -19.06 -6.93 45.89
CA ALA D 4 -17.82 -6.68 45.17
C ALA D 4 -17.87 -5.36 44.42
N GLY D 5 -16.72 -4.94 43.89
CA GLY D 5 -16.66 -3.75 43.07
C GLY D 5 -16.15 -2.51 43.75
N VAL D 6 -16.85 -1.40 43.53
CA VAL D 6 -16.42 -0.09 43.99
C VAL D 6 -17.63 0.81 44.13
N THR D 7 -17.97 1.14 45.37
CA THR D 7 -19.18 1.90 45.64
C THR D 7 -18.85 3.34 45.99
N GLN D 8 -19.77 4.23 45.69
CA GLN D 8 -19.51 5.66 45.80
C GLN D 8 -20.78 6.45 46.09
N THR D 9 -20.73 7.24 47.16
CA THR D 9 -21.89 8.00 47.62
C THR D 9 -21.50 9.44 47.90
N PRO D 10 -22.48 10.36 47.87
CA PRO D 10 -23.85 10.05 47.47
C PRO D 10 -23.94 9.94 45.97
N LYS D 11 -25.14 10.08 45.42
CA LYS D 11 -25.32 10.02 43.97
C LYS D 11 -25.71 11.39 43.46
N PHE D 12 -26.62 12.03 44.17
CA PHE D 12 -27.04 13.38 43.83
C PHE D 12 -26.93 14.24 45.07
N ARG D 13 -26.93 15.56 44.89
CA ARG D 13 -26.89 16.48 46.01
C ARG D 13 -26.98 17.92 45.54
N VAL D 14 -27.64 18.76 46.34
CA VAL D 14 -27.65 20.19 46.08
C VAL D 14 -27.08 20.94 47.28
N LEU D 15 -26.32 22.00 47.00
CA LEU D 15 -25.73 22.81 48.04
C LEU D 15 -25.92 24.28 47.73
N LYS D 16 -25.71 25.12 48.75
CA LYS D 16 -25.74 26.55 48.57
C LYS D 16 -24.33 27.07 48.83
N THR D 17 -23.84 27.93 47.93
CA THR D 17 -22.48 28.44 48.03
C THR D 17 -22.11 28.66 49.48
N GLY D 18 -21.02 28.02 49.91
CA GLY D 18 -20.58 28.10 51.30
C GLY D 18 -20.71 26.75 52.00
N GLN D 19 -21.87 26.12 51.84
CA GLN D 19 -22.12 24.81 52.44
C GLN D 19 -21.01 23.81 52.10
N SER D 20 -20.89 22.76 52.91
CA SER D 20 -19.85 21.76 52.70
C SER D 20 -20.45 20.38 52.69
N MET D 21 -19.76 19.44 52.08
CA MET D 21 -20.17 18.03 52.11
C MET D 21 -19.02 17.10 51.73
N THR D 22 -19.28 15.81 51.84
CA THR D 22 -18.25 14.81 51.59
C THR D 22 -18.75 13.69 50.66
N LEU D 23 -17.83 13.17 49.85
CA LEU D 23 -18.16 12.12 48.89
C LEU D 23 -17.50 10.81 49.26
N LEU D 24 -18.31 9.85 49.70
CA LEU D 24 -17.82 8.58 50.21
C LEU D 24 -17.51 7.63 49.07
N CYS D 25 -16.26 7.20 48.97
CA CYS D 25 -15.89 6.17 48.01
C CYS D 25 -15.22 4.97 48.68
N ALA D 26 -15.91 3.84 48.69
CA ALA D 26 -15.37 2.63 49.29
C ALA D 26 -14.98 1.61 48.23
N GLN D 27 -13.96 0.82 48.52
CA GLN D 27 -13.44 -0.12 47.56
C GLN D 27 -13.26 -1.52 48.16
N ASP D 28 -13.75 -2.52 47.44
CA ASP D 28 -13.77 -3.89 47.92
C ASP D 28 -12.54 -4.69 47.51
N MET D 29 -12.08 -4.45 46.29
CA MET D 29 -11.06 -5.29 45.65
C MET D 29 -9.66 -5.20 46.28
N ASN D 30 -9.56 -4.53 47.42
CA ASN D 30 -8.29 -4.34 48.10
C ASN D 30 -7.19 -3.83 47.16
N HIS D 31 -7.47 -2.71 46.49
CA HIS D 31 -6.48 -2.07 45.63
C HIS D 31 -5.67 -1.05 46.43
N GLU D 32 -4.56 -0.59 45.87
CA GLU D 32 -3.67 0.31 46.59
C GLU D 32 -3.69 1.74 46.05
N TYR D 33 -4.24 1.92 44.86
CA TYR D 33 -4.35 3.24 44.26
C TYR D 33 -5.81 3.67 44.16
N MET D 34 -6.07 4.94 44.42
CA MET D 34 -7.43 5.49 44.34
C MET D 34 -7.39 6.91 43.79
N TYR D 35 -8.39 7.27 42.99
CA TYR D 35 -8.43 8.57 42.33
C TYR D 35 -9.79 9.22 42.48
N TRP D 36 -9.84 10.53 42.30
CA TRP D 36 -11.09 11.28 42.29
C TRP D 36 -11.13 12.21 41.07
N TYR D 37 -11.96 11.88 40.08
CA TYR D 37 -12.00 12.65 38.84
C TYR D 37 -13.16 13.63 38.80
N ARG D 38 -13.11 14.56 37.84
CA ARG D 38 -14.16 15.56 37.66
C ARG D 38 -14.48 15.78 36.17
N GLN D 39 -15.67 15.35 35.77
CA GLN D 39 -16.12 15.46 34.39
C GLN D 39 -16.95 16.72 34.15
N ASP D 40 -16.70 17.37 33.02
CA ASP D 40 -17.47 18.55 32.61
C ASP D 40 -17.68 18.60 31.10
N PRO D 41 -18.65 19.40 30.66
CA PRO D 41 -18.88 19.59 29.23
C PRO D 41 -17.63 20.15 28.56
N GLY D 42 -17.28 19.63 27.39
CA GLY D 42 -16.21 20.21 26.60
C GLY D 42 -14.81 19.85 27.05
N MET D 43 -14.71 18.89 27.95
CA MET D 43 -13.40 18.37 28.38
C MET D 43 -13.57 17.05 29.11
N GLY D 44 -12.64 16.14 28.88
CA GLY D 44 -12.74 14.80 29.44
C GLY D 44 -12.72 14.82 30.95
N LEU D 45 -12.31 13.69 31.51
CA LEU D 45 -12.19 13.59 32.95
C LEU D 45 -10.97 14.38 33.42
N ARG D 46 -11.16 15.22 34.43
CA ARG D 46 -10.06 15.92 35.05
C ARG D 46 -9.81 15.35 36.44
N LEU D 47 -8.55 15.12 36.79
CA LEU D 47 -8.20 14.55 38.08
C LEU D 47 -8.17 15.64 39.15
N ILE D 48 -8.47 15.26 40.40
CA ILE D 48 -8.48 16.19 41.52
C ILE D 48 -7.48 15.80 42.60
N HIS D 49 -7.52 14.53 43.00
CA HIS D 49 -6.53 13.99 43.92
C HIS D 49 -6.35 12.51 43.65
N TYR D 50 -5.33 11.93 44.24
CA TYR D 50 -5.19 10.48 44.25
C TYR D 50 -4.47 10.01 45.50
N SER D 51 -4.21 8.71 45.60
CA SER D 51 -3.52 8.15 46.75
C SER D 51 -2.86 6.83 46.38
N VAL D 52 -1.58 6.72 46.69
CA VAL D 52 -0.80 5.55 46.32
C VAL D 52 -0.84 4.50 47.43
N GLY D 53 -1.12 4.93 48.64
CA GLY D 53 -1.08 4.03 49.78
C GLY D 53 -2.21 4.21 50.76
N GLU D 54 -1.94 4.90 51.86
CA GLU D 54 -2.92 5.14 52.91
C GLU D 54 -2.54 6.38 53.68
N GLY D 55 -2.11 7.40 52.93
CA GLY D 55 -1.71 8.68 53.47
C GLY D 55 -1.15 9.46 52.30
N THR D 56 -2.02 9.93 51.43
CA THR D 56 -1.57 10.54 50.19
C THR D 56 -2.55 11.60 49.69
N THR D 57 -2.10 12.42 48.74
CA THR D 57 -2.92 13.48 48.18
C THR D 57 -2.21 14.08 46.95
N ALA D 58 -2.66 15.25 46.52
CA ALA D 58 -1.83 16.20 45.76
C ALA D 58 -2.25 16.60 44.33
N LYS D 59 -2.15 15.70 43.38
CA LYS D 59 -2.11 16.09 41.96
C LYS D 59 -3.44 16.18 41.21
N GLY D 60 -3.34 16.24 39.88
CA GLY D 60 -4.51 16.39 39.02
C GLY D 60 -4.89 17.84 38.79
N GLU D 61 -4.81 18.60 39.88
CA GLU D 61 -5.30 19.98 39.97
C GLU D 61 -6.30 20.04 41.12
N VAL D 62 -6.11 20.96 42.05
CA VAL D 62 -6.86 20.90 43.31
C VAL D 62 -7.65 22.15 43.69
N PRO D 63 -7.08 23.35 43.49
CA PRO D 63 -7.88 24.54 43.77
C PRO D 63 -9.19 24.45 43.00
N ASP D 64 -10.28 24.87 43.62
CA ASP D 64 -10.23 25.47 44.94
C ASP D 64 -10.30 24.44 46.06
N GLY D 65 -11.34 24.56 46.88
CA GLY D 65 -11.48 23.77 48.08
C GLY D 65 -11.82 22.32 47.88
N TYR D 66 -10.91 21.58 47.26
CA TYR D 66 -11.00 20.13 47.22
C TYR D 66 -9.97 19.55 48.15
N ASN D 67 -10.41 19.06 49.30
CA ASN D 67 -9.49 18.39 50.22
C ASN D 67 -9.80 16.90 50.32
N VAL D 68 -8.74 16.10 50.42
CA VAL D 68 -8.90 14.66 50.42
C VAL D 68 -8.50 14.06 51.77
N SER D 69 -8.61 12.75 51.88
CA SER D 69 -8.35 12.06 53.13
C SER D 69 -8.38 10.55 52.94
N ARG D 70 -7.22 9.92 52.95
CA ARG D 70 -7.18 8.46 52.87
C ARG D 70 -6.54 7.84 54.10
N LEU D 71 -7.37 7.36 55.02
CA LEU D 71 -6.89 6.71 56.22
C LEU D 71 -6.98 5.20 56.11
N LYS D 72 -8.18 4.70 55.83
CA LYS D 72 -8.46 3.28 55.84
C LYS D 72 -7.81 2.49 54.69
N LYS D 73 -7.78 3.09 53.50
CA LYS D 73 -7.31 2.43 52.27
C LYS D 73 -8.49 2.00 51.39
N GLN D 74 -9.48 1.38 52.01
CA GLN D 74 -10.69 0.98 51.30
C GLN D 74 -11.55 2.21 51.10
N ASN D 75 -11.25 3.26 51.84
CA ASN D 75 -12.02 4.49 51.77
C ASN D 75 -11.17 5.69 51.40
N PHE D 76 -11.58 6.38 50.32
CA PHE D 76 -10.92 7.57 49.84
C PHE D 76 -11.92 8.73 49.82
N LEU D 77 -11.86 9.61 50.81
CA LEU D 77 -12.88 10.64 50.98
C LEU D 77 -12.56 11.99 50.37
N LEU D 78 -13.53 12.54 49.65
CA LEU D 78 -13.41 13.86 49.06
C LEU D 78 -14.42 14.81 49.70
N GLY D 79 -14.06 16.08 49.80
CA GLY D 79 -14.93 17.05 50.41
C GLY D 79 -14.56 18.47 50.00
N LEU D 80 -15.54 19.36 50.05
CA LEU D 80 -15.32 20.75 49.69
C LEU D 80 -15.79 21.60 50.86
N GLU D 81 -14.86 22.29 51.51
CA GLU D 81 -15.20 23.01 52.75
C GLU D 81 -16.16 24.17 52.50
N SER D 82 -16.03 24.80 51.34
CA SER D 82 -16.94 25.87 50.97
C SER D 82 -17.28 25.76 49.50
N ALA D 83 -18.51 25.34 49.21
CA ALA D 83 -18.95 25.12 47.84
C ALA D 83 -19.12 26.44 47.11
N ALA D 84 -19.24 26.34 45.79
CA ALA D 84 -19.54 27.49 44.94
C ALA D 84 -19.59 27.03 43.50
N PRO D 85 -20.38 27.70 42.66
CA PRO D 85 -20.22 27.51 41.22
C PRO D 85 -18.94 28.23 40.81
N SER D 86 -18.04 27.60 40.04
CA SER D 86 -18.21 26.29 39.42
C SER D 86 -18.57 25.14 40.35
N GLN D 87 -17.62 24.23 40.51
CA GLN D 87 -17.80 23.01 41.33
C GLN D 87 -19.03 22.16 40.98
N THR D 88 -20.02 22.75 40.31
CA THR D 88 -21.15 22.00 39.81
C THR D 88 -20.71 21.13 38.64
N SER D 89 -20.75 19.82 38.83
CA SER D 89 -20.34 18.88 37.80
C SER D 89 -20.60 17.45 38.27
N VAL D 90 -20.14 16.49 37.49
CA VAL D 90 -20.28 15.10 37.85
C VAL D 90 -18.95 14.59 38.36
N TYR D 91 -18.99 13.86 39.47
CA TYR D 91 -17.77 13.40 40.12
C TYR D 91 -17.67 11.88 40.05
N PHE D 92 -16.51 11.38 39.64
CA PHE D 92 -16.30 9.95 39.52
C PHE D 92 -15.09 9.49 40.33
N CYS D 93 -15.35 8.70 41.36
CA CYS D 93 -14.28 8.10 42.13
C CYS D 93 -13.81 6.89 41.35
N ALA D 94 -12.54 6.53 41.52
CA ALA D 94 -11.97 5.43 40.74
C ALA D 94 -10.92 4.66 41.52
N SER D 95 -11.00 3.33 41.47
CA SER D 95 -10.07 2.47 42.19
C SER D 95 -9.01 1.91 41.25
N GLY D 96 -7.79 1.71 41.76
CA GLY D 96 -6.70 1.23 40.93
C GLY D 96 -5.78 0.27 41.65
N GLN D 97 -5.65 -0.94 41.11
CA GLN D 97 -4.77 -1.95 41.68
C GLN D 97 -3.30 -1.53 41.60
N GLY D 98 -2.66 -1.81 40.48
CA GLY D 98 -1.26 -1.49 40.29
C GLY D 98 -1.01 0.00 40.21
N ASN D 99 -0.52 0.44 39.06
CA ASN D 99 -0.23 1.85 38.84
C ASN D 99 -1.38 2.59 38.19
N PHE D 100 -1.06 3.48 37.26
CA PHE D 100 -2.08 4.19 36.49
C PHE D 100 -2.52 3.34 35.31
N ASP D 101 -2.53 2.02 35.50
CA ASP D 101 -3.04 1.11 34.48
C ASP D 101 -4.56 1.04 34.54
N ILE D 102 -5.12 -0.13 34.26
CA ILE D 102 -6.57 -0.29 34.29
C ILE D 102 -7.15 0.34 35.55
N GLN D 103 -8.29 1.00 35.41
CA GLN D 103 -8.95 1.65 36.53
C GLN D 103 -10.44 1.32 36.57
N TYR D 104 -11.03 1.37 37.76
CA TYR D 104 -12.43 0.99 37.97
C TYR D 104 -13.20 2.14 38.63
N PHE D 105 -14.37 2.45 38.09
CA PHE D 105 -15.10 3.65 38.51
C PHE D 105 -16.35 3.39 39.34
N GLY D 106 -16.68 4.34 40.20
CA GLY D 106 -17.94 4.33 40.92
C GLY D 106 -19.05 4.87 40.04
N ALA D 107 -20.29 4.57 40.42
CA ALA D 107 -21.45 5.04 39.66
C ALA D 107 -21.38 6.53 39.34
N GLY D 108 -20.76 7.30 40.23
CA GLY D 108 -20.61 8.73 40.02
C GLY D 108 -21.57 9.56 40.83
N THR D 109 -21.26 10.85 40.97
CA THR D 109 -22.12 11.78 41.68
C THR D 109 -22.41 13.01 40.84
N ARG D 110 -23.62 13.55 40.97
CA ARG D 110 -24.00 14.74 40.22
C ARG D 110 -24.27 15.87 41.19
N LEU D 111 -23.21 16.57 41.59
CA LEU D 111 -23.35 17.70 42.49
C LEU D 111 -23.82 18.95 41.78
N SER D 112 -24.65 19.73 42.48
CA SER D 112 -25.06 21.02 41.97
C SER D 112 -24.89 22.05 43.08
N VAL D 113 -24.23 23.15 42.74
CA VAL D 113 -24.00 24.21 43.71
C VAL D 113 -24.66 25.50 43.23
N LEU D 114 -25.61 25.98 44.02
CA LEU D 114 -26.34 27.19 43.71
C LEU D 114 -26.17 28.16 44.86
N GLU D 115 -26.12 29.45 44.55
CA GLU D 115 -25.97 30.45 45.61
C GLU D 115 -27.34 30.93 46.12
N ASP D 116 -28.40 30.28 45.65
CA ASP D 116 -29.75 30.55 46.13
C ASP D 116 -30.70 29.41 45.75
N LEU D 117 -31.23 28.73 46.75
CA LEU D 117 -32.07 27.55 46.55
C LEU D 117 -33.46 27.91 46.05
N LYS D 118 -33.76 29.21 46.09
CA LYS D 118 -35.07 29.72 45.68
C LYS D 118 -35.57 29.12 44.36
N ASN D 119 -34.64 28.76 43.48
CA ASN D 119 -35.03 28.25 42.16
C ASN D 119 -34.84 26.73 41.96
N VAL D 120 -34.98 25.98 43.06
CA VAL D 120 -35.11 24.53 42.97
C VAL D 120 -36.58 24.18 42.86
N PHE D 121 -36.90 23.26 41.97
CA PHE D 121 -38.28 22.83 41.79
C PHE D 121 -38.33 21.35 41.46
N PRO D 122 -39.40 20.68 41.90
CA PRO D 122 -39.66 19.27 41.56
C PRO D 122 -40.49 19.16 40.28
N PRO D 123 -40.46 17.99 39.63
CA PRO D 123 -41.18 17.75 38.39
C PRO D 123 -42.70 17.63 38.55
N GLU D 124 -43.41 17.85 37.46
CA GLU D 124 -44.85 17.64 37.43
C GLU D 124 -45.20 16.56 36.40
N VAL D 125 -45.13 15.31 36.83
CA VAL D 125 -45.40 14.19 35.94
C VAL D 125 -46.85 14.24 35.46
N ALA D 126 -47.19 13.36 34.52
CA ALA D 126 -48.50 13.33 33.87
C ALA D 126 -48.44 12.38 32.68
N VAL D 127 -49.43 11.50 32.54
CA VAL D 127 -49.45 10.53 31.45
C VAL D 127 -50.58 10.78 30.46
N PHE D 128 -50.27 10.69 29.18
CA PHE D 128 -51.26 10.92 28.13
C PHE D 128 -51.63 9.65 27.39
N GLU D 129 -52.93 9.44 27.24
CA GLU D 129 -53.44 8.18 26.69
C GLU D 129 -53.37 8.12 25.16
N PRO D 130 -53.14 6.91 24.63
CA PRO D 130 -52.84 6.67 23.21
C PRO D 130 -53.90 7.29 22.31
N SER D 131 -53.46 8.08 21.35
CA SER D 131 -54.37 8.62 20.33
C SER D 131 -55.04 7.45 19.62
N GLU D 132 -56.36 7.35 19.74
CA GLU D 132 -57.12 6.26 19.14
C GLU D 132 -56.80 6.13 17.65
N ALA D 133 -56.46 7.24 17.02
CA ALA D 133 -56.04 7.28 15.63
C ALA D 133 -54.93 6.26 15.34
N GLU D 134 -54.06 6.09 16.31
CA GLU D 134 -52.89 5.22 16.18
C GLU D 134 -53.26 3.75 16.23
N ILE D 135 -53.86 3.33 17.34
CA ILE D 135 -54.24 1.93 17.52
C ILE D 135 -54.97 1.46 16.28
N SER D 136 -55.70 2.38 15.66
CA SER D 136 -56.52 2.10 14.50
C SER D 136 -55.76 2.49 13.23
N HIS D 137 -54.57 1.94 13.09
CA HIS D 137 -53.75 2.18 11.92
C HIS D 137 -52.46 1.38 12.03
N THR D 138 -51.78 1.54 13.18
CA THR D 138 -50.55 0.80 13.45
C THR D 138 -50.82 -0.50 14.21
N GLN D 139 -52.04 -0.61 14.75
CA GLN D 139 -52.36 -1.59 15.79
C GLN D 139 -51.33 -1.62 16.93
N LYS D 140 -50.92 -0.42 17.35
CA LYS D 140 -49.98 -0.26 18.46
C LYS D 140 -50.38 0.97 19.27
N ALA D 141 -50.24 0.87 20.58
CA ALA D 141 -50.62 1.96 21.48
C ALA D 141 -49.39 2.61 22.12
N THR D 142 -49.34 3.94 22.09
CA THR D 142 -48.18 4.68 22.58
C THR D 142 -48.50 5.72 23.65
N LEU D 143 -48.08 5.44 24.89
CA LEU D 143 -48.32 6.37 26.00
C LEU D 143 -47.19 7.36 26.09
N VAL D 144 -47.50 8.60 26.47
CA VAL D 144 -46.47 9.61 26.67
C VAL D 144 -46.48 10.17 28.09
N CYS D 145 -45.32 10.13 28.76
CA CYS D 145 -45.17 10.76 30.05
C CYS D 145 -44.53 12.12 29.85
N LEU D 146 -44.70 13.00 30.83
CA LEU D 146 -44.23 14.37 30.73
C LEU D 146 -43.92 14.93 32.11
N ALA D 147 -42.64 15.23 32.35
CA ALA D 147 -42.22 15.85 33.60
C ALA D 147 -41.71 17.27 33.32
N THR D 148 -42.29 18.26 33.98
CA THR D 148 -41.99 19.66 33.68
C THR D 148 -41.82 20.55 34.90
N GLY D 149 -40.94 21.54 34.77
CA GLY D 149 -40.77 22.55 35.80
C GLY D 149 -39.68 22.26 36.82
N PHE D 150 -38.82 21.29 36.52
CA PHE D 150 -37.84 20.86 37.51
C PHE D 150 -36.49 21.55 37.34
N TYR D 151 -35.67 21.48 38.39
CA TYR D 151 -34.35 22.10 38.39
C TYR D 151 -33.60 21.64 39.63
N PRO D 152 -32.42 21.03 39.45
CA PRO D 152 -31.73 20.75 38.18
C PRO D 152 -32.19 19.43 37.56
N ASP D 153 -31.49 18.97 36.53
CA ASP D 153 -31.86 17.72 35.87
C ASP D 153 -31.48 16.49 36.69
N HIS D 154 -31.64 16.60 38.00
CA HIS D 154 -31.48 15.48 38.91
C HIS D 154 -32.68 14.54 38.83
N VAL D 155 -32.87 13.89 37.68
CA VAL D 155 -34.02 13.01 37.51
C VAL D 155 -33.67 11.64 36.97
N GLU D 156 -34.47 10.66 37.39
CA GLU D 156 -34.46 9.32 36.84
C GLU D 156 -35.92 8.92 36.61
N LEU D 157 -36.31 8.89 35.34
CA LEU D 157 -37.67 8.54 34.95
C LEU D 157 -37.74 7.06 34.57
N SER D 158 -38.89 6.44 34.80
CA SER D 158 -39.03 5.00 34.64
C SER D 158 -40.47 4.61 34.41
N TRP D 159 -40.70 3.65 33.51
CA TRP D 159 -42.04 3.14 33.28
C TRP D 159 -42.32 1.88 34.09
N TRP D 160 -43.45 1.87 34.80
CA TRP D 160 -43.84 0.74 35.62
C TRP D 160 -45.15 0.12 35.16
N VAL D 161 -45.07 -1.10 34.66
CA VAL D 161 -46.26 -1.81 34.21
C VAL D 161 -46.66 -2.91 35.18
N ASN D 162 -47.78 -2.71 35.87
CA ASN D 162 -48.27 -3.67 36.84
C ASN D 162 -47.29 -3.91 37.98
N GLY D 163 -46.85 -2.84 38.63
CA GLY D 163 -45.99 -2.96 39.80
C GLY D 163 -44.58 -3.41 39.49
N LYS D 164 -44.27 -3.57 38.20
CA LYS D 164 -42.92 -3.89 37.78
C LYS D 164 -42.41 -2.81 36.83
N GLU D 165 -41.09 -2.70 36.73
CA GLU D 165 -40.49 -1.74 35.81
C GLU D 165 -40.29 -2.43 34.47
N VAL D 166 -40.28 -1.66 33.40
CA VAL D 166 -40.08 -2.24 32.08
C VAL D 166 -39.02 -1.47 31.30
N HIS D 167 -38.26 -2.19 30.50
CA HIS D 167 -37.22 -1.56 29.70
C HIS D 167 -37.44 -1.86 28.24
N SER D 168 -38.36 -2.76 27.97
CA SER D 168 -38.67 -3.12 26.61
C SER D 168 -39.67 -2.12 26.04
N GLY D 169 -39.29 -1.50 24.92
CA GLY D 169 -40.17 -0.60 24.22
C GLY D 169 -40.30 0.79 24.83
N VAL D 170 -39.32 1.18 25.65
CA VAL D 170 -39.35 2.53 26.22
C VAL D 170 -38.26 3.44 25.63
N CYS D 171 -38.53 4.73 25.60
CA CYS D 171 -37.63 5.71 25.01
C CYS D 171 -37.78 7.07 25.70
N THR D 172 -36.66 7.62 26.16
CA THR D 172 -36.65 8.89 26.88
C THR D 172 -35.70 9.89 26.21
N ASP D 173 -36.07 11.16 26.22
CA ASP D 173 -35.15 12.19 25.79
C ASP D 173 -33.85 12.04 26.56
N PRO D 174 -32.72 12.08 25.85
CA PRO D 174 -31.40 11.87 26.44
C PRO D 174 -30.98 13.09 27.25
N GLN D 175 -31.57 14.23 26.90
CA GLN D 175 -31.24 15.48 27.56
C GLN D 175 -32.49 16.31 27.79
N PRO D 176 -32.61 16.87 29.01
CA PRO D 176 -33.71 17.74 29.38
C PRO D 176 -33.86 18.85 28.37
N LEU D 177 -34.97 19.58 28.43
CA LEU D 177 -35.26 20.63 27.47
C LEU D 177 -35.54 21.93 28.20
N LYS D 178 -34.54 22.80 28.28
CA LYS D 178 -34.72 24.10 28.95
C LYS D 178 -35.99 24.79 28.47
N GLU D 179 -36.94 24.99 29.38
CA GLU D 179 -38.18 25.67 29.06
C GLU D 179 -37.93 27.16 28.89
N GLN D 180 -36.68 27.56 29.11
CA GLN D 180 -36.24 28.92 28.85
C GLN D 180 -34.86 28.84 28.19
N PRO D 181 -34.82 28.80 26.86
CA PRO D 181 -33.54 28.70 26.15
C PRO D 181 -32.64 29.88 26.49
N ALA D 182 -33.13 30.76 27.35
CA ALA D 182 -32.41 31.95 27.76
C ALA D 182 -31.65 31.73 29.08
N LEU D 183 -32.40 31.74 30.19
CA LEU D 183 -31.81 31.65 31.53
C LEU D 183 -30.90 30.44 31.70
N ASN D 184 -29.78 30.65 32.38
CA ASN D 184 -28.87 29.55 32.73
C ASN D 184 -29.51 28.61 33.77
N ASP D 185 -30.28 29.19 34.68
CA ASP D 185 -31.03 28.40 35.66
C ASP D 185 -32.47 28.22 35.22
N SER D 186 -32.67 28.09 33.91
CA SER D 186 -33.99 27.83 33.34
C SER D 186 -34.52 26.50 33.86
N ARG D 187 -35.84 26.39 33.95
CA ARG D 187 -36.44 25.14 34.40
C ARG D 187 -36.59 24.13 33.26
N TYR D 188 -36.21 22.89 33.54
CA TYR D 188 -36.15 21.84 32.51
C TYR D 188 -37.44 21.04 32.36
N ALA D 189 -37.54 20.33 31.25
CA ALA D 189 -38.68 19.43 30.97
C ALA D 189 -38.16 18.20 30.26
N LEU D 190 -38.82 17.06 30.50
CA LEU D 190 -38.38 15.80 29.90
C LEU D 190 -39.58 14.97 29.50
N SER D 191 -39.42 14.12 28.49
CA SER D 191 -40.54 13.32 27.99
C SER D 191 -40.11 11.90 27.68
N SER D 192 -40.99 10.95 28.00
CA SER D 192 -40.72 9.56 27.69
C SER D 192 -41.83 8.96 26.85
N ARG D 193 -41.59 7.75 26.36
CA ARG D 193 -42.55 7.08 25.50
C ARG D 193 -42.53 5.59 25.75
N LEU D 194 -43.71 4.99 25.79
CA LEU D 194 -43.83 3.55 25.95
C LEU D 194 -44.85 3.02 24.94
N ARG D 195 -44.35 2.34 23.91
CA ARG D 195 -45.21 1.73 22.89
C ARG D 195 -45.50 0.29 23.27
N VAL D 196 -46.76 -0.11 23.10
CA VAL D 196 -47.19 -1.46 23.41
C VAL D 196 -48.10 -1.96 22.29
N SER D 197 -48.23 -3.27 22.18
CA SER D 197 -49.15 -3.83 21.21
C SER D 197 -50.53 -3.26 21.51
N ALA D 198 -51.25 -2.88 20.46
CA ALA D 198 -52.59 -2.34 20.62
C ALA D 198 -53.36 -3.19 21.63
N THR D 199 -53.39 -4.50 21.39
CA THR D 199 -54.16 -5.43 22.22
C THR D 199 -53.83 -5.28 23.70
N PHE D 200 -52.56 -5.01 24.00
CA PHE D 200 -52.12 -4.90 25.39
C PHE D 200 -52.83 -3.77 26.09
N TRP D 201 -52.57 -2.54 25.65
CA TRP D 201 -53.28 -1.38 26.17
C TRP D 201 -54.77 -1.65 26.35
N GLN D 202 -55.38 -2.27 25.35
CA GLN D 202 -56.82 -2.55 25.36
C GLN D 202 -57.29 -3.37 26.57
N ASN D 203 -56.38 -4.17 27.12
CA ASN D 203 -56.64 -4.90 28.36
C ASN D 203 -56.78 -3.93 29.53
N PRO D 204 -57.89 -4.05 30.29
CA PRO D 204 -58.23 -3.13 31.37
C PRO D 204 -57.74 -3.57 32.75
N ARG D 205 -57.11 -4.74 32.81
CA ARG D 205 -56.47 -5.20 34.03
C ARG D 205 -55.00 -4.81 34.01
N ASN D 206 -54.59 -4.16 32.93
CA ASN D 206 -53.22 -3.68 32.78
C ASN D 206 -53.04 -2.25 33.29
N HIS D 207 -52.09 -2.09 34.22
CA HIS D 207 -51.82 -0.82 34.85
C HIS D 207 -50.53 -0.20 34.33
N PHE D 208 -50.57 1.10 34.04
CA PHE D 208 -49.40 1.83 33.55
C PHE D 208 -49.03 2.98 34.48
N ARG D 209 -47.79 2.99 34.94
CA ARG D 209 -47.33 4.00 35.90
C ARG D 209 -46.05 4.66 35.40
N CYS D 210 -46.04 5.99 35.38
CA CYS D 210 -44.86 6.72 34.97
C CYS D 210 -44.18 7.36 36.18
N GLN D 211 -43.06 6.78 36.58
CA GLN D 211 -42.36 7.21 37.79
C GLN D 211 -41.18 8.10 37.47
N VAL D 212 -41.11 9.25 38.12
CA VAL D 212 -39.97 10.13 37.98
C VAL D 212 -39.45 10.52 39.37
N GLN D 213 -38.33 9.94 39.76
CA GLN D 213 -37.70 10.36 41.01
C GLN D 213 -36.94 11.66 40.79
N PHE D 214 -37.04 12.55 41.77
CA PHE D 214 -36.38 13.84 41.72
C PHE D 214 -35.44 13.96 42.91
N TYR D 215 -34.25 14.49 42.68
CA TYR D 215 -33.29 14.67 43.75
C TYR D 215 -33.04 16.15 43.99
N GLY D 216 -33.76 16.71 44.96
CA GLY D 216 -33.61 18.11 45.31
C GLY D 216 -33.15 18.31 46.74
N LEU D 217 -33.93 19.06 47.51
CA LEU D 217 -33.60 19.41 48.89
C LEU D 217 -33.67 18.23 49.84
N SER D 218 -33.21 18.45 51.06
CA SER D 218 -33.22 17.41 52.09
C SER D 218 -34.13 17.78 53.26
N GLU D 219 -34.07 16.95 54.31
CA GLU D 219 -34.74 17.25 55.56
C GLU D 219 -34.28 18.58 56.11
N ASN D 220 -33.00 18.63 56.50
CA ASN D 220 -32.45 19.79 57.21
C ASN D 220 -31.83 20.82 56.28
N ASP D 221 -32.66 21.50 55.51
CA ASP D 221 -32.21 22.59 54.67
C ASP D 221 -33.05 23.81 54.98
N GLU D 222 -32.42 24.96 55.10
CA GLU D 222 -33.19 26.17 55.36
C GLU D 222 -34.21 26.35 54.24
N TRP D 223 -35.37 26.89 54.58
CA TRP D 223 -36.41 27.14 53.59
C TRP D 223 -37.42 28.17 54.10
N THR D 224 -37.50 29.29 53.40
CA THR D 224 -38.35 30.40 53.81
C THR D 224 -39.26 30.87 52.68
N GLN D 225 -39.34 30.09 51.61
CA GLN D 225 -40.22 30.42 50.51
C GLN D 225 -41.64 29.99 50.82
N ASP D 226 -42.60 30.82 50.42
CA ASP D 226 -44.01 30.54 50.66
C ASP D 226 -44.37 29.10 50.27
N ARG D 227 -44.06 28.75 49.03
CA ARG D 227 -44.35 27.41 48.50
C ARG D 227 -43.76 26.28 49.34
N ALA D 228 -44.06 25.05 48.96
CA ALA D 228 -43.59 23.89 49.70
C ALA D 228 -42.14 23.57 49.35
N LYS D 229 -41.50 22.76 50.17
CA LYS D 229 -40.07 22.47 50.00
C LYS D 229 -39.79 21.50 48.85
N PRO D 230 -38.85 21.87 47.98
CA PRO D 230 -38.42 21.09 46.82
C PRO D 230 -37.49 19.95 47.22
N VAL D 231 -38.00 19.00 47.97
CA VAL D 231 -37.18 17.92 48.50
C VAL D 231 -37.17 16.71 47.57
N THR D 232 -36.16 15.86 47.73
CA THR D 232 -36.10 14.62 46.99
C THR D 232 -37.42 13.87 47.13
N GLN D 233 -37.92 13.30 46.04
CA GLN D 233 -39.24 12.68 46.05
C GLN D 233 -39.53 11.91 44.77
N ILE D 234 -40.60 11.14 44.77
CA ILE D 234 -40.97 10.31 43.62
C ILE D 234 -42.38 10.62 43.13
N VAL D 235 -42.47 11.41 42.07
CA VAL D 235 -43.75 11.84 41.51
C VAL D 235 -44.26 10.87 40.45
N SER D 236 -45.55 10.54 40.52
CA SER D 236 -46.12 9.53 39.63
C SER D 236 -47.40 9.98 38.90
N ALA D 237 -47.66 9.34 37.77
CA ALA D 237 -48.88 9.56 37.00
C ALA D 237 -49.31 8.22 36.44
N GLU D 238 -50.58 7.88 36.61
CA GLU D 238 -51.06 6.55 36.23
C GLU D 238 -52.09 6.57 35.10
N ALA D 239 -52.29 5.41 34.48
CA ALA D 239 -53.42 5.19 33.59
C ALA D 239 -53.69 3.69 33.43
N TRP D 240 -54.97 3.31 33.47
CA TRP D 240 -55.36 1.92 33.29
C TRP D 240 -55.70 1.64 31.85
N GLY D 241 -55.60 0.38 31.44
CA GLY D 241 -55.89 -0.01 30.07
C GLY D 241 -57.36 0.17 29.70
N ARG D 242 -57.63 1.13 28.82
CA ARG D 242 -58.99 1.33 28.30
C ARG D 242 -59.30 0.27 27.26
N ALA D 243 -60.51 -0.28 27.32
CA ALA D 243 -61.04 -1.07 26.21
C ALA D 243 -61.82 -0.08 25.37
N ASP D 244 -61.91 1.15 25.89
CA ASP D 244 -62.60 2.26 25.26
C ASP D 244 -62.39 2.33 23.76
N LYS E 4 14.06 -21.02 7.01
CA LYS E 4 12.73 -20.49 6.84
C LYS E 4 12.49 -19.30 7.76
N GLU E 5 11.21 -19.03 8.05
CA GLU E 5 10.83 -17.91 8.90
C GLU E 5 10.87 -16.56 8.20
N VAL E 6 11.98 -16.29 7.50
CA VAL E 6 12.19 -15.01 6.81
C VAL E 6 12.97 -15.17 5.50
N GLU E 7 12.27 -15.04 4.38
CA GLU E 7 12.90 -15.18 3.07
C GLU E 7 13.15 -13.81 2.47
N GLN E 8 14.00 -13.75 1.45
CA GLN E 8 14.48 -12.47 0.94
C GLN E 8 15.07 -12.62 -0.45
N ASP E 9 14.89 -11.62 -1.29
CA ASP E 9 15.54 -11.58 -2.61
C ASP E 9 16.95 -12.20 -2.56
N PRO E 10 17.17 -13.24 -3.37
CA PRO E 10 18.36 -14.09 -3.39
C PRO E 10 19.56 -13.45 -4.08
N GLY E 11 19.83 -13.88 -5.30
CA GLY E 11 20.96 -13.41 -6.09
C GLY E 11 21.09 -11.90 -6.11
N PRO E 12 22.24 -11.39 -6.58
CA PRO E 12 22.64 -9.98 -6.49
C PRO E 12 21.95 -9.07 -7.49
N PHE E 13 21.62 -7.87 -7.06
CA PHE E 13 21.16 -6.83 -7.96
C PHE E 13 22.36 -6.03 -8.44
N ASN E 14 22.72 -6.19 -9.71
CA ASN E 14 23.78 -5.37 -10.30
C ASN E 14 23.18 -4.38 -11.28
N VAL E 15 23.06 -3.13 -10.85
CA VAL E 15 22.32 -2.13 -11.62
C VAL E 15 23.12 -0.87 -11.90
N PRO E 16 22.76 -0.15 -12.97
CA PRO E 16 23.40 1.12 -13.33
C PRO E 16 23.10 2.24 -12.34
N GLU E 17 24.11 3.05 -12.09
CA GLU E 17 24.01 4.20 -11.21
C GLU E 17 22.96 5.21 -11.71
N GLY E 18 21.77 5.14 -11.13
CA GLY E 18 20.69 6.06 -11.47
C GLY E 18 19.37 5.32 -11.49
N ALA E 19 19.46 4.01 -11.65
CA ALA E 19 18.30 3.14 -11.70
C ALA E 19 17.65 3.11 -10.33
N THR E 20 16.42 2.61 -10.26
CA THR E 20 15.78 2.38 -8.98
C THR E 20 15.79 0.87 -8.70
N VAL E 21 15.78 0.52 -7.43
CA VAL E 21 15.89 -0.87 -7.04
C VAL E 21 14.82 -1.23 -6.05
N ALA E 22 14.34 -2.46 -6.14
CA ALA E 22 13.27 -2.91 -5.28
C ALA E 22 13.63 -4.18 -4.52
N PHE E 23 13.48 -4.11 -3.21
CA PHE E 23 13.69 -5.26 -2.34
C PHE E 23 12.39 -5.65 -1.67
N ASN E 24 12.11 -6.95 -1.62
CA ASN E 24 10.93 -7.44 -0.91
C ASN E 24 11.26 -8.61 0.01
N CYS E 25 10.75 -8.55 1.24
CA CYS E 25 10.98 -9.60 2.21
C CYS E 25 9.67 -10.15 2.77
N THR E 26 9.55 -11.48 2.79
CA THR E 26 8.31 -12.12 3.23
C THR E 26 8.53 -12.93 4.52
N TYR E 27 7.82 -12.55 5.57
CA TYR E 27 7.86 -13.30 6.83
C TYR E 27 6.71 -14.30 6.89
N SER E 28 6.83 -15.29 7.78
CA SER E 28 5.86 -16.38 7.81
C SER E 28 4.88 -16.32 8.98
N ASN E 29 5.30 -15.71 10.07
CA ASN E 29 4.48 -15.64 11.27
C ASN E 29 3.69 -14.34 11.35
N SER E 30 2.38 -14.45 11.53
CA SER E 30 1.49 -13.30 11.49
C SER E 30 1.64 -12.39 12.70
N ALA E 31 2.10 -12.98 13.80
CA ALA E 31 2.18 -12.28 15.08
C ALA E 31 3.20 -11.14 15.07
N SER E 32 4.18 -11.24 14.17
CA SER E 32 5.28 -10.27 14.08
C SER E 32 4.89 -8.85 14.48
N GLN E 33 5.83 -8.15 15.12
CA GLN E 33 5.50 -6.89 15.77
C GLN E 33 6.22 -5.65 15.21
N SER E 34 7.46 -5.82 14.77
CA SER E 34 8.23 -4.71 14.21
C SER E 34 9.04 -5.18 13.01
N PHE E 35 9.42 -4.24 12.15
CA PHE E 35 10.07 -4.59 10.90
C PHE E 35 11.10 -3.53 10.50
N PHE E 36 12.30 -3.98 10.13
CA PHE E 36 13.39 -3.07 9.84
C PHE E 36 14.13 -3.44 8.57
N TRP E 37 14.76 -2.44 7.96
CA TRP E 37 15.68 -2.66 6.85
C TRP E 37 17.04 -2.18 7.28
N TYR E 38 18.00 -3.11 7.30
CA TYR E 38 19.36 -2.77 7.69
C TYR E 38 20.30 -2.79 6.50
N ARG E 39 21.35 -1.96 6.57
CA ARG E 39 22.36 -1.88 5.51
C ARG E 39 23.74 -2.27 6.06
N GLN E 40 24.44 -3.15 5.36
CA GLN E 40 25.75 -3.62 5.84
C GLN E 40 26.86 -3.61 4.77
N ASP E 41 27.74 -2.61 4.82
CA ASP E 41 28.88 -2.56 3.92
C ASP E 41 29.77 -3.78 4.18
N SER E 42 30.48 -4.24 3.17
CA SER E 42 31.39 -5.38 3.34
C SER E 42 32.79 -4.88 3.70
N ARG E 43 33.35 -5.39 4.80
CA ARG E 43 32.68 -6.35 5.65
C ARG E 43 32.67 -5.84 7.09
N LYS E 44 31.93 -4.76 7.32
CA LYS E 44 31.74 -4.24 8.65
C LYS E 44 30.36 -4.57 9.22
N GLU E 45 29.72 -3.58 9.84
CA GLU E 45 28.59 -3.87 10.73
C GLU E 45 27.22 -3.35 10.28
N PRO E 46 26.17 -4.12 10.54
CA PRO E 46 24.79 -3.70 10.30
C PRO E 46 24.50 -2.34 10.92
N LYS E 47 24.24 -1.37 10.07
CA LYS E 47 23.80 -0.06 10.52
C LYS E 47 22.36 0.15 10.07
N LEU E 48 21.50 0.61 10.97
CA LEU E 48 20.10 0.80 10.63
C LEU E 48 19.96 1.56 9.31
N LEU E 49 18.84 1.36 8.64
CA LEU E 49 18.55 2.09 7.42
C LEU E 49 17.12 2.60 7.45
N MET E 50 16.16 1.69 7.63
CA MET E 50 14.74 2.03 7.65
C MET E 50 14.01 1.30 8.76
N SER E 51 13.23 2.05 9.53
CA SER E 51 12.20 1.42 10.34
C SER E 51 10.96 1.33 9.46
N VAL E 52 10.47 0.12 9.25
CA VAL E 52 9.32 -0.04 8.35
C VAL E 52 8.00 -0.06 9.12
N TYR E 53 7.11 0.84 8.75
CA TYR E 53 5.82 0.97 9.41
C TYR E 53 4.66 0.61 8.49
N SER E 54 3.53 0.26 9.10
CA SER E 54 2.34 -0.08 8.36
C SER E 54 1.90 1.11 7.53
N SER E 55 2.17 2.32 8.03
CA SER E 55 1.76 3.54 7.38
C SER E 55 2.46 3.77 6.04
N GLY E 56 3.44 2.92 5.74
CA GLY E 56 4.29 3.16 4.58
C GLY E 56 5.09 4.41 4.84
N ASN E 57 6.35 4.42 4.43
CA ASN E 57 7.21 5.59 4.64
C ASN E 57 7.11 6.63 3.53
N GLU E 58 7.88 7.70 3.69
CA GLU E 58 7.90 8.80 2.75
C GLU E 58 9.32 9.16 2.37
N ASP E 59 10.01 9.89 3.25
CA ASP E 59 11.39 10.29 3.00
C ASP E 59 12.26 9.05 2.92
N GLY E 60 13.37 9.15 2.21
CA GLY E 60 13.70 10.33 1.43
C GLY E 60 14.64 9.85 0.34
N ARG E 61 14.08 9.53 -0.82
CA ARG E 61 14.78 8.76 -1.85
C ARG E 61 14.57 7.27 -1.56
N PHE E 62 14.71 6.91 -0.30
CA PHE E 62 14.38 5.57 0.14
C PHE E 62 12.90 5.53 0.46
N THR E 63 12.29 4.37 0.31
CA THR E 63 10.87 4.17 0.59
C THR E 63 10.63 2.73 1.06
N ALA E 64 9.98 2.58 2.21
CA ALA E 64 9.68 1.25 2.75
C ALA E 64 8.25 1.18 3.24
N GLN E 65 7.59 0.06 2.97
CA GLN E 65 6.20 -0.11 3.40
C GLN E 65 5.96 -1.48 4.00
N LEU E 66 4.93 -1.57 4.83
CA LEU E 66 4.55 -2.84 5.44
C LEU E 66 3.19 -3.27 4.89
N ASN E 67 3.04 -4.58 4.69
CA ASN E 67 1.76 -5.14 4.26
C ASN E 67 1.43 -6.32 5.17
N ARG E 68 1.08 -5.99 6.41
CA ARG E 68 0.83 -6.98 7.45
C ARG E 68 -0.06 -8.11 6.98
N ALA E 69 -0.97 -7.78 6.07
CA ALA E 69 -1.91 -8.77 5.54
C ALA E 69 -1.19 -9.85 4.73
N SER E 70 -0.37 -9.41 3.76
CA SER E 70 0.33 -10.34 2.88
C SER E 70 1.67 -10.74 3.48
N GLN E 71 1.96 -10.17 4.65
CA GLN E 71 3.14 -10.52 5.44
C GLN E 71 4.44 -10.36 4.65
N TYR E 72 4.65 -9.17 4.10
CA TYR E 72 5.88 -8.82 3.42
C TYR E 72 6.19 -7.35 3.66
N ILE E 73 7.48 -7.01 3.75
CA ILE E 73 7.87 -5.61 3.78
C ILE E 73 8.60 -5.32 2.49
N SER E 74 8.77 -4.05 2.16
CA SER E 74 9.45 -3.70 0.93
C SER E 74 10.39 -2.52 1.12
N LEU E 75 11.35 -2.42 0.21
CA LEU E 75 12.26 -1.29 0.16
C LEU E 75 12.46 -0.84 -1.28
N LEU E 76 12.41 0.46 -1.50
CA LEU E 76 12.59 1.02 -2.83
C LEU E 76 13.61 2.14 -2.82
N ILE E 77 14.70 1.95 -3.55
CA ILE E 77 15.73 2.97 -3.64
C ILE E 77 15.68 3.58 -5.03
N ARG E 78 15.22 4.81 -5.11
CA ARG E 78 15.20 5.50 -6.39
C ARG E 78 16.46 6.34 -6.55
N ASP E 79 16.95 6.44 -7.79
CA ASP E 79 18.11 7.25 -8.11
C ASP E 79 19.39 6.72 -7.47
N SER E 80 19.68 5.44 -7.69
CA SER E 80 20.86 4.78 -7.10
C SER E 80 22.13 5.63 -7.03
N LYS E 81 23.06 5.21 -6.18
CA LYS E 81 24.36 5.86 -6.04
C LYS E 81 25.39 4.81 -5.70
N LEU E 82 26.63 5.02 -6.11
CA LEU E 82 27.70 4.06 -5.80
C LEU E 82 27.69 3.70 -4.32
N SER E 83 27.62 4.71 -3.47
CA SER E 83 27.66 4.52 -2.02
C SER E 83 26.64 3.50 -1.56
N ASP E 84 25.52 3.40 -2.28
CA ASP E 84 24.46 2.48 -1.92
C ASP E 84 24.89 1.02 -2.04
N SER E 85 26.02 0.77 -2.70
CA SER E 85 26.49 -0.59 -2.92
C SER E 85 26.77 -1.33 -1.61
N ALA E 86 25.91 -2.27 -1.26
CA ALA E 86 26.04 -2.98 0.01
C ALA E 86 25.24 -4.26 0.00
N THR E 87 25.10 -4.87 1.18
CA THR E 87 24.14 -5.95 1.40
C THR E 87 23.02 -5.42 2.28
N TYR E 88 21.78 -5.70 1.90
CA TYR E 88 20.62 -5.17 2.63
C TYR E 88 19.90 -6.26 3.42
N LEU E 89 19.55 -5.95 4.66
CA LEU E 89 19.09 -6.94 5.61
C LEU E 89 17.66 -6.75 6.06
N CYS E 90 16.87 -7.81 5.94
CA CYS E 90 15.52 -7.84 6.46
C CYS E 90 15.57 -8.23 7.91
N VAL E 91 14.95 -7.42 8.77
CA VAL E 91 14.83 -7.77 10.19
C VAL E 91 13.38 -7.73 10.65
N VAL E 92 12.90 -8.86 11.17
CA VAL E 92 11.52 -8.98 11.65
C VAL E 92 11.49 -9.39 13.12
N ARG E 93 10.80 -8.59 13.93
CA ARG E 93 10.71 -8.89 15.36
C ARG E 93 9.64 -9.93 15.65
N ALA E 94 9.96 -11.18 15.35
CA ALA E 94 9.09 -12.29 15.71
C ALA E 94 9.34 -12.68 17.15
N GLY E 95 8.80 -11.87 18.07
CA GLY E 95 9.00 -12.07 19.50
C GLY E 95 10.45 -11.81 19.91
N LYS E 96 11.39 -12.30 19.10
CA LYS E 96 12.80 -12.18 19.44
C LYS E 96 13.71 -11.87 18.25
N LEU E 97 13.16 -11.25 17.21
CA LEU E 97 13.99 -10.63 16.17
C LEU E 97 14.78 -11.60 15.27
N ILE E 98 14.31 -11.78 14.04
CA ILE E 98 14.98 -12.64 13.07
C ILE E 98 15.76 -11.81 12.06
N PHE E 99 16.87 -12.37 11.59
CA PHE E 99 17.71 -11.71 10.59
C PHE E 99 17.80 -12.51 9.31
N GLY E 100 17.42 -11.89 8.20
CA GLY E 100 17.49 -12.55 6.90
C GLY E 100 18.92 -12.51 6.40
N GLN E 101 19.25 -13.34 5.41
CA GLN E 101 20.64 -13.39 4.94
C GLN E 101 20.98 -12.33 3.90
N GLY E 102 20.04 -11.43 3.65
CA GLY E 102 20.32 -10.22 2.91
C GLY E 102 20.56 -10.37 1.42
N THR E 103 20.30 -9.29 0.69
CA THR E 103 20.53 -9.26 -0.75
C THR E 103 21.60 -8.23 -1.09
N GLU E 104 22.62 -8.67 -1.82
CA GLU E 104 23.69 -7.77 -2.18
C GLU E 104 23.34 -6.92 -3.39
N LEU E 105 23.57 -5.62 -3.26
CA LEU E 105 23.35 -4.67 -4.34
C LEU E 105 24.65 -4.01 -4.74
N SER E 106 25.02 -4.16 -6.01
CA SER E 106 26.23 -3.56 -6.50
C SER E 106 25.93 -2.53 -7.57
N VAL E 107 25.71 -1.29 -7.17
CA VAL E 107 25.46 -0.23 -8.13
C VAL E 107 26.72 0.00 -8.95
N LYS E 108 26.62 -0.21 -10.26
CA LYS E 108 27.77 -0.03 -11.16
C LYS E 108 27.75 1.35 -11.79
N PRO E 109 28.92 2.00 -11.83
CA PRO E 109 29.01 3.33 -12.42
C PRO E 109 29.08 3.24 -13.93
N ASN E 110 28.82 4.34 -14.62
CA ASN E 110 28.95 4.36 -16.07
C ASN E 110 30.25 5.03 -16.49
N ILE E 111 30.96 4.39 -17.42
CA ILE E 111 32.20 4.96 -17.92
C ILE E 111 31.89 5.73 -19.20
N GLN E 112 32.10 7.04 -19.17
CA GLN E 112 31.87 7.89 -20.33
C GLN E 112 32.56 7.30 -21.57
N ASN E 113 33.87 7.50 -21.66
CA ASN E 113 34.65 6.98 -22.77
C ASN E 113 35.49 5.77 -22.37
N PRO E 114 34.94 4.57 -22.60
CA PRO E 114 35.60 3.31 -22.26
C PRO E 114 36.71 2.95 -23.24
N ASP E 115 37.95 3.33 -22.94
CA ASP E 115 39.07 2.81 -23.71
C ASP E 115 39.88 1.80 -22.88
N PRO E 116 39.37 0.56 -22.82
CA PRO E 116 39.93 -0.52 -22.00
C PRO E 116 41.36 -0.84 -22.40
N ALA E 117 42.12 -1.40 -21.47
CA ALA E 117 43.51 -1.74 -21.72
C ALA E 117 44.03 -2.77 -20.72
N VAL E 118 45.22 -3.31 -21.02
CA VAL E 118 45.91 -4.21 -20.11
C VAL E 118 47.40 -3.91 -20.13
N TYR E 119 47.84 -3.10 -19.17
CA TYR E 119 49.25 -2.71 -19.07
C TYR E 119 50.04 -3.68 -18.20
N GLN E 120 51.35 -3.44 -18.09
CA GLN E 120 52.21 -4.32 -17.30
C GLN E 120 53.09 -3.54 -16.33
N LEU E 121 52.65 -3.44 -15.08
CA LEU E 121 53.44 -2.79 -14.04
C LEU E 121 54.59 -3.71 -13.62
N ARG E 122 55.71 -3.11 -13.26
CA ARG E 122 56.87 -3.88 -12.85
C ARG E 122 57.22 -3.63 -11.39
N ASP E 123 57.63 -4.69 -10.70
CA ASP E 123 57.93 -4.63 -9.26
C ASP E 123 59.02 -3.62 -8.93
N SER E 124 58.82 -2.86 -7.86
CA SER E 124 59.88 -2.03 -7.29
C SER E 124 60.95 -2.96 -6.74
N LYS E 125 61.55 -2.58 -5.61
CA LYS E 125 62.55 -3.41 -4.96
C LYS E 125 63.43 -4.12 -5.98
N SER E 126 63.02 -5.32 -6.38
CA SER E 126 63.69 -6.08 -7.42
C SER E 126 62.81 -7.26 -7.82
N SER E 127 63.44 -8.35 -8.26
CA SER E 127 62.74 -9.59 -8.57
C SER E 127 61.91 -9.51 -9.85
N ASP E 128 61.42 -8.31 -10.16
CA ASP E 128 60.60 -8.09 -11.34
C ASP E 128 59.17 -8.58 -11.13
N LYS E 129 59.02 -9.83 -10.73
CA LYS E 129 57.70 -10.45 -10.57
C LYS E 129 56.82 -10.13 -11.78
N SER E 130 55.54 -9.85 -11.54
CA SER E 130 54.62 -9.50 -12.61
C SER E 130 53.21 -9.18 -12.14
N VAL E 131 52.63 -8.11 -12.67
CA VAL E 131 51.23 -7.79 -12.42
C VAL E 131 50.59 -7.19 -13.65
N CYS E 132 49.56 -7.86 -14.17
CA CYS E 132 48.81 -7.35 -15.31
C CYS E 132 47.60 -6.55 -14.82
N LEU E 133 47.48 -5.32 -15.31
CA LEU E 133 46.40 -4.44 -14.89
C LEU E 133 45.36 -4.21 -15.98
N PHE E 134 44.15 -4.71 -15.76
CA PHE E 134 43.04 -4.45 -16.65
C PHE E 134 42.19 -3.31 -16.09
N THR E 135 42.15 -2.19 -16.79
CA THR E 135 41.46 -1.01 -16.29
C THR E 135 40.83 -0.14 -17.39
N ASP E 136 39.87 0.69 -17.00
CA ASP E 136 39.16 1.63 -17.87
C ASP E 136 37.83 1.11 -18.42
N PHE E 137 37.83 -0.16 -18.83
CA PHE E 137 36.67 -0.78 -19.47
C PHE E 137 35.31 -0.38 -18.88
N ASP E 138 34.27 -0.57 -19.66
CA ASP E 138 32.91 -0.21 -19.26
C ASP E 138 32.35 -1.24 -18.29
N SER E 139 31.35 -0.81 -17.53
CA SER E 139 30.82 -1.61 -16.43
C SER E 139 30.11 -2.87 -16.89
N GLN E 140 29.99 -3.06 -18.20
CA GLN E 140 29.32 -4.24 -18.72
C GLN E 140 30.27 -5.43 -18.74
N THR E 141 31.51 -5.18 -19.15
CA THR E 141 32.53 -6.20 -19.14
C THR E 141 32.49 -6.91 -17.78
N ASN E 142 32.55 -8.24 -17.80
CA ASN E 142 32.47 -9.02 -16.57
C ASN E 142 33.66 -9.97 -16.43
N VAL E 143 34.41 -9.80 -15.36
CA VAL E 143 35.65 -10.54 -15.14
C VAL E 143 35.44 -11.80 -14.31
N SER E 144 36.12 -12.88 -14.67
CA SER E 144 35.99 -14.14 -13.95
C SER E 144 37.34 -14.81 -13.71
N GLN E 145 37.31 -16.04 -13.20
CA GLN E 145 38.53 -16.74 -12.80
C GLN E 145 39.41 -17.11 -14.01
N SER E 146 40.46 -17.87 -13.75
CA SER E 146 41.31 -18.38 -14.82
C SER E 146 41.30 -19.90 -14.81
N LYS E 147 41.57 -20.50 -15.97
CA LYS E 147 41.64 -21.95 -16.07
C LYS E 147 42.75 -22.49 -15.16
N ASP E 148 43.79 -21.69 -14.98
CA ASP E 148 44.93 -22.09 -14.17
C ASP E 148 44.72 -21.74 -12.70
N SER E 149 45.41 -22.45 -11.82
CA SER E 149 45.28 -22.23 -10.38
C SER E 149 46.40 -21.37 -9.81
N ASP E 150 47.52 -21.32 -10.52
CA ASP E 150 48.66 -20.52 -10.08
C ASP E 150 48.59 -19.09 -10.61
N VAL E 151 47.51 -18.78 -11.31
CA VAL E 151 47.28 -17.42 -11.76
C VAL E 151 46.09 -16.82 -11.02
N TYR E 152 46.38 -15.85 -10.15
CA TYR E 152 45.35 -15.31 -9.28
C TYR E 152 44.66 -14.11 -9.91
N ILE E 153 43.32 -14.11 -9.85
CA ILE E 153 42.53 -13.05 -10.46
C ILE E 153 41.53 -12.42 -9.49
N THR E 154 41.57 -11.08 -9.40
CA THR E 154 40.68 -10.34 -8.51
C THR E 154 39.53 -9.74 -9.28
N ASP E 155 38.36 -9.70 -8.65
CA ASP E 155 37.18 -9.13 -9.28
C ASP E 155 37.37 -7.64 -9.53
N LYS E 156 36.61 -7.10 -10.48
CA LYS E 156 36.70 -5.69 -10.84
C LYS E 156 36.57 -4.80 -9.63
N CYS E 157 36.97 -3.54 -9.79
CA CYS E 157 37.02 -2.62 -8.66
C CYS E 157 36.98 -1.18 -9.14
N VAL E 158 35.97 -0.44 -8.71
CA VAL E 158 35.78 0.94 -9.13
C VAL E 158 36.72 1.88 -8.39
N LEU E 159 37.09 2.97 -9.06
CA LEU E 159 38.07 3.89 -8.52
C LEU E 159 37.65 5.32 -8.88
N ASP E 160 37.74 6.23 -7.90
CA ASP E 160 37.29 7.61 -8.10
C ASP E 160 38.33 8.66 -7.74
N MET E 161 38.73 9.46 -8.73
CA MET E 161 39.61 10.60 -8.51
C MET E 161 38.78 11.85 -8.27
N ARG E 162 38.60 12.20 -6.99
CA ARG E 162 37.68 13.25 -6.59
C ARG E 162 37.82 14.57 -7.35
N SER E 163 39.05 15.01 -7.58
CA SER E 163 39.30 16.32 -8.21
C SER E 163 39.32 16.28 -9.73
N MET E 164 38.67 15.28 -10.31
CA MET E 164 38.57 15.15 -11.75
C MET E 164 37.26 14.48 -12.11
N ASP E 165 36.42 14.29 -11.09
CA ASP E 165 35.18 13.54 -11.22
C ASP E 165 35.37 12.39 -12.20
N PHE E 166 36.56 11.80 -12.16
CA PHE E 166 36.90 10.72 -13.06
C PHE E 166 36.86 9.38 -12.35
N LYS E 167 35.97 8.51 -12.79
CA LYS E 167 35.87 7.16 -12.25
C LYS E 167 36.18 6.15 -13.33
N SER E 168 36.74 5.01 -12.94
CA SER E 168 37.06 3.95 -13.89
C SER E 168 37.14 2.61 -13.18
N ASN E 169 36.82 1.55 -13.90
CA ASN E 169 36.89 0.21 -13.34
C ASN E 169 38.31 -0.32 -13.36
N SER E 170 38.54 -1.44 -12.67
CA SER E 170 39.89 -2.00 -12.57
C SER E 170 39.88 -3.45 -12.11
N ALA E 171 40.72 -4.26 -12.74
CA ALA E 171 40.84 -5.68 -12.37
C ALA E 171 42.28 -6.13 -12.46
N VAL E 172 42.70 -7.00 -11.55
CA VAL E 172 44.11 -7.38 -11.46
C VAL E 172 44.33 -8.89 -11.45
N ALA E 173 45.43 -9.33 -12.05
CA ALA E 173 45.79 -10.75 -12.09
C ALA E 173 47.31 -10.94 -12.08
N TRP E 174 47.77 -11.95 -11.35
CA TRP E 174 49.19 -12.20 -11.19
C TRP E 174 49.51 -13.69 -11.06
N SER E 175 50.76 -14.03 -11.34
CA SER E 175 51.24 -15.40 -11.23
C SER E 175 52.77 -15.42 -11.26
N ASN E 176 53.37 -16.44 -10.65
CA ASN E 176 54.82 -16.60 -10.70
C ASN E 176 55.30 -16.65 -12.15
N LYS E 177 56.47 -16.07 -12.42
CA LYS E 177 57.01 -16.03 -13.78
C LYS E 177 57.00 -17.42 -14.42
N SER E 178 55.89 -17.77 -15.05
CA SER E 178 55.64 -19.12 -15.55
C SER E 178 55.91 -19.41 -17.03
N ASP E 179 56.00 -18.39 -17.89
CA ASP E 179 55.89 -16.98 -17.53
C ASP E 179 54.80 -16.31 -18.37
N PHE E 180 53.59 -16.23 -17.81
CA PHE E 180 52.47 -15.64 -18.53
C PHE E 180 52.69 -14.17 -18.82
N ALA E 181 51.99 -13.65 -19.82
CA ALA E 181 52.10 -12.24 -20.19
C ALA E 181 50.76 -11.54 -20.06
N CYS E 182 50.78 -10.21 -20.10
CA CYS E 182 49.56 -9.43 -19.95
C CYS E 182 48.72 -9.42 -21.23
N ALA E 183 48.96 -10.39 -22.10
CA ALA E 183 48.21 -10.51 -23.33
C ALA E 183 47.37 -11.78 -23.33
N ASN E 184 47.82 -12.77 -22.57
CA ASN E 184 47.12 -14.04 -22.43
C ASN E 184 46.62 -14.22 -21.01
N ALA E 185 46.46 -13.09 -20.32
CA ALA E 185 46.07 -13.09 -18.92
C ALA E 185 44.65 -13.61 -18.70
N PHE E 186 43.68 -12.70 -18.79
CA PHE E 186 42.28 -13.01 -18.54
C PHE E 186 41.67 -13.77 -19.71
N ASN E 187 42.44 -14.68 -20.29
CA ASN E 187 42.00 -15.50 -21.41
C ASN E 187 40.62 -16.11 -21.19
N ASN E 188 40.31 -16.44 -19.94
CA ASN E 188 39.06 -17.12 -19.63
C ASN E 188 37.88 -16.19 -19.39
N SER E 189 38.11 -14.88 -19.55
CA SER E 189 37.03 -13.92 -19.40
C SER E 189 36.65 -13.29 -20.73
N ILE E 190 35.46 -12.70 -20.76
CA ILE E 190 34.96 -12.08 -21.97
C ILE E 190 35.44 -10.65 -22.08
N ILE E 191 36.62 -10.48 -22.65
CA ILE E 191 37.22 -9.17 -22.86
C ILE E 191 36.54 -8.47 -24.03
N PRO E 192 36.63 -7.13 -24.07
CA PRO E 192 36.14 -6.34 -25.20
C PRO E 192 36.89 -6.64 -26.49
N GLU E 193 36.37 -6.13 -27.61
CA GLU E 193 36.97 -6.37 -28.91
C GLU E 193 38.04 -5.32 -29.21
N ASP E 194 38.11 -4.31 -28.37
CA ASP E 194 39.05 -3.20 -28.58
C ASP E 194 40.04 -3.01 -27.42
N THR E 195 40.50 -4.12 -26.84
CA THR E 195 41.49 -4.07 -25.76
C THR E 195 42.90 -3.90 -26.33
N PHE E 196 43.56 -2.81 -25.94
CA PHE E 196 44.88 -2.48 -26.48
C PHE E 196 46.01 -3.06 -25.63
N PHE E 197 46.85 -3.91 -26.23
CA PHE E 197 47.92 -4.60 -25.52
C PHE E 197 49.31 -4.09 -25.88
N PRO E 198 49.97 -3.39 -24.94
CA PRO E 198 51.35 -2.91 -25.09
C PRO E 198 52.38 -3.95 -24.66
N SER E 199 53.36 -4.24 -25.51
CA SER E 199 54.31 -5.32 -25.25
C SER E 199 55.75 -4.89 -24.90
N PRO E 200 56.36 -4.01 -25.73
CA PRO E 200 57.76 -3.64 -25.55
C PRO E 200 58.11 -3.27 -24.11
N ALA F 4 30.63 9.68 22.13
CA ALA F 4 29.43 8.94 21.74
C ALA F 4 29.76 7.54 21.19
N GLY F 5 28.72 6.73 20.97
CA GLY F 5 28.86 5.46 20.26
C GLY F 5 28.86 4.16 21.05
N VAL F 6 28.47 3.07 20.38
CA VAL F 6 28.60 1.72 20.92
C VAL F 6 29.92 1.12 20.47
N THR F 7 30.84 0.91 21.41
CA THR F 7 32.19 0.51 21.06
C THR F 7 32.43 -0.96 21.34
N GLN F 8 33.25 -1.60 20.50
CA GLN F 8 33.50 -3.02 20.65
C GLN F 8 34.96 -3.36 20.40
N THR F 9 35.49 -4.25 21.23
CA THR F 9 36.89 -4.61 21.14
C THR F 9 37.13 -6.01 21.69
N PRO F 10 38.16 -6.70 21.20
CA PRO F 10 39.10 -6.19 20.19
C PRO F 10 38.51 -6.32 18.79
N LYS F 11 39.20 -5.79 17.79
CA LYS F 11 38.72 -5.81 16.40
C LYS F 11 39.07 -7.13 15.72
N PHE F 12 40.25 -7.65 16.05
CA PHE F 12 40.74 -8.91 15.49
C PHE F 12 41.41 -9.72 16.60
N ARG F 13 41.46 -11.03 16.43
CA ARG F 13 42.05 -11.89 17.45
C ARG F 13 42.29 -13.31 16.95
N VAL F 14 43.30 -13.97 17.52
CA VAL F 14 43.58 -15.36 17.23
C VAL F 14 43.81 -16.14 18.51
N LEU F 15 43.20 -17.32 18.61
CA LEU F 15 43.31 -18.14 19.80
C LEU F 15 43.62 -19.59 19.44
N LYS F 16 44.46 -20.23 20.24
CA LYS F 16 44.66 -21.66 20.09
C LYS F 16 43.54 -22.42 20.81
N THR F 17 43.05 -23.49 20.19
CA THR F 17 42.02 -24.32 20.78
C THR F 17 42.33 -24.58 22.25
N GLY F 18 41.34 -24.31 23.11
CA GLY F 18 41.50 -24.54 24.54
C GLY F 18 41.75 -23.25 25.30
N GLN F 19 42.43 -22.31 24.66
CA GLN F 19 42.71 -21.02 25.27
C GLN F 19 41.43 -20.20 25.36
N SER F 20 41.34 -19.34 26.36
CA SER F 20 40.13 -18.58 26.60
C SER F 20 40.29 -17.10 26.29
N MET F 21 39.17 -16.41 26.12
CA MET F 21 39.22 -14.97 25.90
C MET F 21 37.92 -14.31 26.35
N THR F 22 37.84 -12.99 26.16
CA THR F 22 36.66 -12.22 26.56
C THR F 22 36.48 -11.01 25.66
N LEU F 23 35.25 -10.79 25.20
CA LEU F 23 34.93 -9.66 24.33
C LEU F 23 34.15 -8.59 25.08
N LEU F 24 34.52 -7.32 24.87
CA LEU F 24 33.87 -6.21 25.54
C LEU F 24 32.94 -5.45 24.62
N CYS F 25 31.71 -5.25 25.07
CA CYS F 25 30.78 -4.34 24.41
C CYS F 25 30.51 -3.19 25.36
N ALA F 26 30.94 -1.98 24.97
CA ALA F 26 30.73 -0.80 25.79
C ALA F 26 29.73 0.13 25.12
N GLN F 27 28.79 0.66 25.90
CA GLN F 27 27.77 1.54 25.33
C GLN F 27 27.65 2.86 26.07
N ASP F 28 28.01 3.92 25.35
CA ASP F 28 28.03 5.28 25.85
C ASP F 28 26.63 5.90 25.82
N MET F 29 25.62 5.07 25.56
CA MET F 29 24.27 5.58 25.28
C MET F 29 23.21 5.33 26.36
N ASN F 30 23.64 4.86 27.53
CA ASN F 30 22.69 4.56 28.61
C ASN F 30 21.47 3.76 28.13
N HIS F 31 21.72 2.68 27.39
CA HIS F 31 20.66 1.77 26.95
C HIS F 31 20.51 0.63 27.94
N GLU F 32 19.33 0.03 27.97
CA GLU F 32 19.05 -1.04 28.92
C GLU F 32 19.23 -2.43 28.32
N TYR F 33 19.14 -2.53 27.00
CA TYR F 33 19.20 -3.83 26.33
C TYR F 33 20.49 -4.00 25.55
N MET F 34 21.15 -5.15 25.72
CA MET F 34 22.38 -5.44 25.01
C MET F 34 22.46 -6.89 24.51
N TYR F 35 23.19 -7.10 23.42
CA TYR F 35 23.19 -8.38 22.71
C TYR F 35 24.56 -8.82 22.20
N TRP F 36 24.76 -10.13 22.14
CA TRP F 36 25.92 -10.70 21.46
C TRP F 36 25.51 -11.63 20.33
N TYR F 37 25.74 -11.19 19.10
CA TYR F 37 25.42 -11.99 17.92
C TYR F 37 26.65 -12.71 17.36
N ARG F 38 26.40 -13.80 16.64
CA ARG F 38 27.43 -14.48 15.87
C ARG F 38 27.04 -14.40 14.39
N GLN F 39 27.99 -14.10 13.52
CA GLN F 39 27.72 -14.00 12.08
C GLN F 39 28.54 -14.95 11.23
N ASP F 40 27.85 -15.84 10.52
CA ASP F 40 28.52 -16.78 9.64
C ASP F 40 27.92 -16.76 8.24
N PRO F 41 28.70 -17.16 7.24
CA PRO F 41 28.24 -17.23 5.85
C PRO F 41 27.06 -18.17 5.66
N GLY F 42 26.07 -17.73 4.88
CA GLY F 42 24.93 -18.55 4.55
C GLY F 42 23.93 -18.63 5.69
N MET F 43 23.68 -17.47 6.30
CA MET F 43 22.81 -17.38 7.46
C MET F 43 22.97 -16.01 8.10
N GLY F 44 21.84 -15.40 8.45
CA GLY F 44 21.87 -14.13 9.13
C GLY F 44 22.60 -14.21 10.44
N LEU F 45 22.55 -13.13 11.20
CA LEU F 45 23.13 -13.12 12.53
C LEU F 45 22.47 -14.19 13.36
N ARG F 46 23.08 -14.51 14.49
CA ARG F 46 22.49 -15.44 15.44
C ARG F 46 22.74 -14.97 16.87
N LEU F 47 21.69 -15.00 17.68
CA LEU F 47 21.81 -14.58 19.07
C LEU F 47 22.59 -15.61 19.88
N ILE F 48 23.45 -15.14 20.76
CA ILE F 48 24.16 -16.02 21.68
C ILE F 48 23.64 -15.77 23.09
N HIS F 49 23.64 -14.52 23.49
CA HIS F 49 23.03 -14.12 24.75
C HIS F 49 22.53 -12.71 24.61
N TYR F 50 21.85 -12.24 25.63
CA TYR F 50 21.41 -10.85 25.67
C TYR F 50 21.01 -10.53 27.10
N SER F 51 21.41 -9.36 27.57
CA SER F 51 21.02 -8.90 28.89
C SER F 51 20.10 -7.72 28.76
N VAL F 52 19.28 -7.51 29.78
CA VAL F 52 18.27 -6.48 29.70
C VAL F 52 18.30 -5.59 30.94
N GLY F 53 19.35 -5.70 31.75
CA GLY F 53 19.44 -4.90 32.96
C GLY F 53 20.81 -4.85 33.60
N GLU F 54 21.03 -5.66 34.63
CA GLU F 54 22.36 -5.80 35.20
C GLU F 54 22.59 -7.22 35.69
N GLY F 55 21.50 -7.97 35.78
CA GLY F 55 21.60 -9.40 36.02
C GLY F 55 20.66 -10.03 35.02
N THR F 56 21.20 -10.45 33.89
CA THR F 56 20.36 -11.03 32.85
C THR F 56 21.18 -11.84 31.87
N THR F 57 20.52 -12.81 31.23
CA THR F 57 21.19 -13.68 30.28
C THR F 57 20.11 -14.29 29.38
N ALA F 58 20.45 -15.24 28.52
CA ALA F 58 19.43 -16.17 28.01
C ALA F 58 19.72 -17.02 26.77
N LYS F 59 19.19 -16.58 25.63
CA LYS F 59 18.82 -17.49 24.56
C LYS F 59 19.61 -17.34 23.26
N GLY F 60 19.10 -17.98 22.21
CA GLY F 60 19.64 -17.85 20.86
C GLY F 60 20.30 -19.12 20.37
N GLU F 61 21.24 -19.61 21.17
CA GLU F 61 22.11 -20.70 20.80
C GLU F 61 23.39 -20.52 21.65
N VAL F 62 23.29 -20.92 22.91
CA VAL F 62 24.33 -20.64 23.90
C VAL F 62 25.52 -21.58 23.82
N PRO F 63 25.28 -22.91 23.94
CA PRO F 63 26.39 -23.78 23.59
C PRO F 63 26.89 -23.39 22.21
N ASP F 64 28.19 -23.50 21.98
CA ASP F 64 29.11 -24.03 22.98
C ASP F 64 29.50 -23.02 24.06
N GLY F 65 30.77 -23.03 24.43
CA GLY F 65 31.27 -22.22 25.51
C GLY F 65 31.06 -20.73 25.31
N TYR F 66 29.83 -20.29 25.45
CA TYR F 66 29.53 -18.87 25.45
C TYR F 66 28.84 -18.49 26.75
N ASN F 67 29.59 -17.88 27.67
CA ASN F 67 28.98 -17.29 28.85
C ASN F 67 28.98 -15.77 28.73
N VAL F 68 28.13 -15.12 29.51
CA VAL F 68 28.05 -13.67 29.41
C VAL F 68 27.78 -13.06 30.78
N SER F 69 28.23 -11.82 30.95
CA SER F 69 28.09 -11.12 32.22
C SER F 69 27.65 -9.69 31.96
N ARG F 70 26.95 -9.11 32.92
CA ARG F 70 26.64 -7.69 32.83
C ARG F 70 26.64 -7.01 34.20
N LEU F 71 27.81 -6.99 34.83
CA LEU F 71 27.94 -6.33 36.12
C LEU F 71 27.42 -4.90 36.06
N LYS F 72 27.96 -4.13 35.11
CA LYS F 72 27.54 -2.74 34.94
C LYS F 72 26.61 -2.63 33.74
N LYS F 73 25.85 -1.53 33.67
CA LYS F 73 24.91 -1.33 32.58
C LYS F 73 25.61 -0.92 31.28
N GLN F 74 26.71 -0.17 31.40
CA GLN F 74 27.43 0.31 30.22
C GLN F 74 28.08 -0.83 29.47
N ASN F 75 28.33 -1.95 30.14
CA ASN F 75 29.13 -3.02 29.56
C ASN F 75 28.53 -4.42 29.60
N PHE F 76 28.46 -5.03 28.42
CA PHE F 76 28.06 -6.43 28.25
C PHE F 76 29.29 -7.25 27.83
N LEU F 77 29.64 -8.24 28.63
CA LEU F 77 30.87 -8.98 28.42
C LEU F 77 30.57 -10.41 28.03
N LEU F 78 30.95 -10.76 26.81
CA LEU F 78 30.79 -12.14 26.33
C LEU F 78 32.11 -12.86 26.52
N GLY F 79 32.06 -14.11 26.96
CA GLY F 79 33.29 -14.83 27.20
C GLY F 79 33.28 -16.28 26.77
N LEU F 80 34.34 -16.69 26.08
CA LEU F 80 34.51 -18.11 25.75
C LEU F 80 35.56 -18.69 26.69
N GLU F 81 35.27 -19.87 27.23
CA GLU F 81 36.08 -20.47 28.28
C GLU F 81 37.09 -21.50 27.74
N SER F 82 36.71 -22.18 26.67
CA SER F 82 37.58 -23.17 26.02
C SER F 82 37.44 -23.11 24.51
N ALA F 83 37.91 -22.02 23.91
CA ALA F 83 37.73 -21.80 22.47
C ALA F 83 38.09 -23.01 21.62
N ALA F 84 37.41 -23.16 20.50
CA ALA F 84 37.66 -24.26 19.58
C ALA F 84 36.98 -23.98 18.25
N PRO F 85 37.52 -24.55 17.16
CA PRO F 85 36.80 -24.53 15.88
C PRO F 85 35.68 -25.56 15.95
N SER F 86 34.43 -25.19 15.69
CA SER F 86 34.03 -23.89 15.13
C SER F 86 34.42 -22.66 15.92
N GLN F 87 33.41 -21.97 16.44
CA GLN F 87 33.58 -20.72 17.18
C GLN F 87 34.37 -19.65 16.44
N THR F 88 35.09 -20.05 15.39
CA THR F 88 35.78 -19.09 14.56
C THR F 88 34.77 -18.45 13.61
N SER F 89 34.51 -17.16 13.84
CA SER F 89 33.67 -16.39 12.94
C SER F 89 33.85 -14.88 13.17
N VAL F 90 32.75 -14.14 13.09
CA VAL F 90 32.76 -12.69 13.26
C VAL F 90 31.66 -12.27 14.22
N TYR F 91 32.03 -11.58 15.29
CA TYR F 91 31.08 -11.25 16.35
C TYR F 91 30.66 -9.79 16.33
N PHE F 92 29.36 -9.56 16.43
CA PHE F 92 28.84 -8.20 16.55
C PHE F 92 28.07 -8.12 17.85
N CYS F 93 27.85 -6.91 18.35
CA CYS F 93 27.10 -6.74 19.57
C CYS F 93 26.26 -5.49 19.42
N ALA F 94 25.07 -5.50 19.99
CA ALA F 94 24.17 -4.38 19.80
C ALA F 94 23.59 -3.85 21.10
N SER F 95 23.28 -2.56 21.08
CA SER F 95 22.65 -1.89 22.19
C SER F 95 21.26 -1.51 21.72
N GLY F 96 20.29 -1.57 22.62
CA GLY F 96 18.93 -1.21 22.28
C GLY F 96 18.26 -0.44 23.39
N GLN F 97 17.61 0.67 23.04
CA GLN F 97 16.85 1.44 24.02
C GLN F 97 15.43 0.91 24.08
N GLY F 98 15.07 0.14 23.06
CA GLY F 98 13.80 -0.58 23.06
C GLY F 98 14.01 -1.98 23.60
N ASN F 99 13.04 -2.86 23.38
CA ASN F 99 13.13 -4.23 23.86
C ASN F 99 13.90 -5.11 22.88
N PHE F 100 13.27 -5.40 21.74
CA PHE F 100 13.98 -5.92 20.58
C PHE F 100 13.69 -4.96 19.44
N ASP F 101 14.08 -3.71 19.64
CA ASP F 101 13.70 -2.59 18.78
C ASP F 101 14.86 -2.20 17.85
N ILE F 102 15.12 -0.91 17.73
CA ILE F 102 16.26 -0.42 16.97
C ILE F 102 17.56 -0.83 17.68
N GLN F 103 18.45 -1.51 16.95
CA GLN F 103 19.69 -1.98 17.53
C GLN F 103 20.94 -1.31 16.95
N TYR F 104 21.73 -0.69 17.82
CA TYR F 104 22.95 -0.03 17.41
C TYR F 104 24.12 -1.01 17.60
N PHE F 105 24.72 -1.44 16.49
CA PHE F 105 25.78 -2.44 16.52
C PHE F 105 27.18 -1.85 16.74
N GLY F 106 28.16 -2.73 16.91
CA GLY F 106 29.53 -2.33 17.09
C GLY F 106 30.36 -2.75 15.89
N ALA F 107 31.51 -2.13 15.71
CA ALA F 107 32.36 -2.38 14.54
C ALA F 107 32.52 -3.87 14.22
N GLY F 108 32.53 -4.70 15.26
CA GLY F 108 32.64 -6.13 15.11
C GLY F 108 33.92 -6.73 15.66
N THR F 109 34.00 -8.06 15.63
CA THR F 109 35.20 -8.77 16.07
C THR F 109 35.43 -10.03 15.24
N ARG F 110 36.45 -10.00 14.39
CA ARG F 110 36.81 -11.16 13.57
C ARG F 110 37.82 -12.06 14.30
N LEU F 111 37.32 -13.16 14.85
CA LEU F 111 38.15 -14.10 15.61
C LEU F 111 38.42 -15.40 14.87
N SER F 112 39.68 -15.82 14.88
CA SER F 112 40.10 -17.06 14.24
C SER F 112 40.61 -18.05 15.29
N VAL F 113 39.97 -19.21 15.37
CA VAL F 113 40.39 -20.22 16.33
C VAL F 113 41.13 -21.37 15.65
N LEU F 114 42.42 -21.46 15.92
CA LEU F 114 43.25 -22.51 15.33
C LEU F 114 43.80 -23.42 16.41
N GLU F 115 43.71 -24.73 16.18
CA GLU F 115 44.25 -25.70 17.13
C GLU F 115 45.76 -25.81 17.00
N ASP F 116 46.34 -24.99 16.13
CA ASP F 116 47.80 -24.90 15.98
C ASP F 116 48.21 -23.59 15.34
N LEU F 117 49.10 -22.86 16.01
CA LEU F 117 49.48 -21.52 15.56
C LEU F 117 50.48 -21.53 14.40
N LYS F 118 50.86 -22.73 13.97
CA LYS F 118 51.84 -22.87 12.90
C LYS F 118 51.42 -22.16 11.62
N ASN F 119 50.15 -22.31 11.22
CA ASN F 119 49.69 -21.78 9.94
C ASN F 119 49.27 -20.31 9.94
N VAL F 120 49.76 -19.55 10.92
CA VAL F 120 49.57 -18.11 10.96
C VAL F 120 50.74 -17.42 10.28
N PHE F 121 50.50 -16.77 9.15
CA PHE F 121 51.57 -16.08 8.42
C PHE F 121 51.22 -14.62 8.17
N PRO F 122 52.24 -13.75 8.22
CA PRO F 122 52.14 -12.32 7.90
C PRO F 122 52.22 -12.08 6.39
N PRO F 123 51.88 -10.87 5.94
CA PRO F 123 51.75 -10.55 4.51
C PRO F 123 53.03 -10.03 3.89
N GLU F 124 53.37 -10.57 2.72
CA GLU F 124 54.42 -10.00 1.90
C GLU F 124 53.81 -8.86 1.08
N VAL F 125 54.32 -7.65 1.26
CA VAL F 125 53.75 -6.49 0.57
C VAL F 125 54.63 -5.96 -0.57
N ALA F 126 54.06 -5.92 -1.77
CA ALA F 126 54.81 -5.46 -2.95
C ALA F 126 54.11 -4.32 -3.70
N VAL F 127 54.81 -3.22 -3.91
CA VAL F 127 54.28 -2.08 -4.64
C VAL F 127 54.80 -2.03 -6.07
N PHE F 128 53.97 -2.41 -7.03
CA PHE F 128 54.36 -2.39 -8.43
C PHE F 128 54.19 -1.00 -9.01
N GLU F 129 55.14 -0.58 -9.84
CA GLU F 129 55.13 0.76 -10.40
C GLU F 129 54.36 0.86 -11.72
N PRO F 130 53.77 2.03 -11.98
CA PRO F 130 52.94 2.30 -13.17
C PRO F 130 53.65 2.06 -14.49
N SER F 131 53.09 1.17 -15.30
CA SER F 131 53.58 0.98 -16.67
C SER F 131 53.50 2.30 -17.44
N GLU F 132 54.62 2.72 -18.03
CA GLU F 132 54.70 3.98 -18.75
C GLU F 132 53.60 4.11 -19.81
N ALA F 133 53.29 3.00 -20.49
CA ALA F 133 52.22 2.98 -21.48
C ALA F 133 51.01 3.76 -20.97
N GLU F 134 50.52 3.36 -19.81
CA GLU F 134 49.42 4.03 -19.13
C GLU F 134 49.57 5.55 -19.15
N ILE F 135 50.79 6.02 -18.89
CA ILE F 135 51.06 7.46 -18.84
C ILE F 135 50.99 8.11 -20.21
N SER F 136 51.66 7.51 -21.19
CA SER F 136 51.67 8.04 -22.54
C SER F 136 50.46 7.54 -23.33
N HIS F 137 49.30 7.58 -22.71
CA HIS F 137 48.06 7.13 -23.32
C HIS F 137 46.88 7.66 -22.53
N THR F 138 46.96 7.50 -21.20
CA THR F 138 45.89 7.93 -20.32
C THR F 138 46.33 9.17 -19.54
N GLN F 139 47.58 9.55 -19.71
CA GLN F 139 48.20 10.63 -18.92
C GLN F 139 47.73 10.63 -17.46
N LYS F 140 47.86 9.46 -16.83
CA LYS F 140 47.57 9.28 -15.41
C LYS F 140 48.25 8.00 -14.94
N ALA F 141 48.77 7.99 -13.72
CA ALA F 141 49.55 6.86 -13.21
C ALA F 141 48.78 6.02 -12.19
N THR F 142 49.01 4.71 -12.21
CA THR F 142 48.36 3.81 -11.25
C THR F 142 49.32 2.89 -10.51
N LEU F 143 49.47 3.15 -9.21
CA LEU F 143 50.34 2.33 -8.38
C LEU F 143 49.56 1.18 -7.75
N VAL F 144 49.94 -0.05 -8.11
CA VAL F 144 49.27 -1.23 -7.59
C VAL F 144 50.03 -1.80 -6.40
N CYS F 145 49.30 -2.47 -5.50
CA CYS F 145 49.90 -3.02 -4.30
C CYS F 145 49.31 -4.40 -4.01
N LEU F 146 50.17 -5.36 -3.68
CA LEU F 146 49.72 -6.71 -3.38
C LEU F 146 50.08 -7.11 -1.95
N ALA F 147 49.47 -8.19 -1.48
CA ALA F 147 49.78 -8.74 -0.16
C ALA F 147 49.50 -10.23 -0.17
N THR F 148 50.56 -11.02 -0.31
CA THR F 148 50.41 -12.47 -0.51
C THR F 148 50.75 -13.29 0.72
N GLY F 149 50.32 -14.55 0.69
CA GLY F 149 50.71 -15.56 1.67
C GLY F 149 50.48 -15.26 3.13
N PHE F 150 49.34 -14.66 3.46
CA PHE F 150 49.04 -14.35 4.85
C PHE F 150 47.79 -15.06 5.36
N TYR F 151 47.76 -15.32 6.67
CA TYR F 151 46.65 -16.01 7.31
C TYR F 151 46.61 -15.64 8.79
N PRO F 152 45.41 -15.31 9.32
CA PRO F 152 44.13 -15.20 8.61
C PRO F 152 44.03 -13.93 7.79
N ASP F 153 42.82 -13.59 7.35
CA ASP F 153 42.62 -12.39 6.52
C ASP F 153 42.54 -11.10 7.34
N HIS F 154 43.07 -11.14 8.56
CA HIS F 154 43.01 -10.01 9.47
C HIS F 154 43.96 -8.89 9.06
N VAL F 155 43.54 -8.04 8.13
CA VAL F 155 44.39 -6.96 7.64
C VAL F 155 43.65 -5.66 7.37
N GLU F 156 44.40 -4.56 7.26
CA GLU F 156 43.86 -3.24 6.95
C GLU F 156 44.87 -2.53 6.06
N LEU F 157 44.49 -2.27 4.81
CA LEU F 157 45.40 -1.75 3.80
C LEU F 157 45.16 -0.27 3.53
N SER F 158 46.24 0.49 3.35
CA SER F 158 46.14 1.94 3.19
C SER F 158 47.26 2.52 2.33
N TRP F 159 47.02 3.70 1.76
CA TRP F 159 48.05 4.40 1.00
C TRP F 159 48.43 5.71 1.69
N TRP F 160 49.69 6.11 1.55
CA TRP F 160 50.20 7.29 2.24
C TRP F 160 51.07 8.15 1.32
N VAL F 161 50.48 9.23 0.81
CA VAL F 161 51.21 10.19 -0.02
C VAL F 161 51.80 11.29 0.84
N ASN F 162 53.12 11.23 1.01
CA ASN F 162 53.84 12.25 1.78
C ASN F 162 53.25 12.48 3.17
N GLY F 163 53.42 11.50 4.05
CA GLY F 163 52.98 11.63 5.43
C GLY F 163 51.47 11.72 5.61
N LYS F 164 50.74 11.58 4.51
CA LYS F 164 49.29 11.69 4.56
C LYS F 164 48.62 10.45 3.98
N GLU F 165 47.80 9.80 4.80
CA GLU F 165 46.96 8.72 4.30
C GLU F 165 45.97 9.33 3.32
N VAL F 166 45.68 8.61 2.25
CA VAL F 166 44.77 9.12 1.23
C VAL F 166 43.73 8.09 0.85
N HIS F 167 42.56 8.57 0.44
CA HIS F 167 41.49 7.70 -0.04
C HIS F 167 41.10 8.18 -1.44
N SER F 168 41.33 9.45 -1.69
CA SER F 168 41.01 10.04 -2.98
C SER F 168 41.76 9.30 -4.09
N GLY F 169 41.06 8.46 -4.82
CA GLY F 169 41.65 7.74 -5.93
C GLY F 169 42.16 6.36 -5.56
N VAL F 170 41.41 5.65 -4.73
CA VAL F 170 41.80 4.31 -4.32
C VAL F 170 40.68 3.30 -4.50
N CYS F 171 41.06 2.03 -4.39
CA CYS F 171 40.12 0.93 -4.55
C CYS F 171 40.82 -0.35 -4.11
N THR F 172 40.37 -0.89 -2.98
CA THR F 172 40.92 -2.14 -2.47
C THR F 172 39.89 -3.25 -2.56
N ASP F 173 40.33 -4.45 -2.90
CA ASP F 173 39.46 -5.62 -2.88
C ASP F 173 38.65 -5.58 -1.59
N PRO F 174 37.31 -5.72 -1.70
CA PRO F 174 36.46 -5.72 -0.50
C PRO F 174 36.76 -6.97 0.30
N GLN F 175 37.01 -8.06 -0.40
CA GLN F 175 37.29 -9.34 0.23
C GLN F 175 38.65 -9.88 -0.23
N PRO F 176 39.42 -10.44 0.71
CA PRO F 176 40.70 -11.11 0.43
C PRO F 176 40.54 -12.35 -0.45
N LEU F 177 41.56 -12.60 -1.26
CA LEU F 177 41.57 -13.71 -2.20
C LEU F 177 42.13 -14.98 -1.56
N LYS F 178 41.77 -16.14 -2.10
CA LYS F 178 42.33 -17.40 -1.63
C LYS F 178 43.31 -17.96 -2.66
N GLU F 179 44.48 -18.38 -2.19
CA GLU F 179 45.51 -18.90 -3.08
C GLU F 179 45.36 -20.39 -3.33
N GLN F 180 44.82 -21.09 -2.34
CA GLN F 180 44.44 -22.49 -2.49
C GLN F 180 42.95 -22.62 -2.19
N PRO F 181 42.10 -22.21 -3.15
CA PRO F 181 40.66 -22.06 -2.97
C PRO F 181 39.96 -23.28 -2.40
N ALA F 182 40.52 -24.47 -2.62
CA ALA F 182 39.89 -25.71 -2.18
C ALA F 182 40.46 -26.22 -0.85
N LEU F 183 41.25 -25.38 -0.18
CA LEU F 183 41.75 -25.74 1.14
C LEU F 183 40.97 -24.99 2.22
N ASN F 184 40.72 -25.66 3.34
CA ASN F 184 39.95 -25.07 4.42
C ASN F 184 40.73 -23.97 5.15
N ASP F 185 42.04 -24.03 5.05
CA ASP F 185 42.92 -23.03 5.66
C ASP F 185 43.90 -22.48 4.64
N SER F 186 43.37 -21.79 3.63
CA SER F 186 44.15 -21.27 2.52
C SER F 186 44.91 -20.00 2.88
N ARG F 187 46.11 -19.85 2.32
CA ARG F 187 46.85 -18.60 2.44
C ARG F 187 46.14 -17.51 1.63
N TYR F 188 45.99 -16.33 2.21
CA TYR F 188 45.24 -15.24 1.58
C TYR F 188 46.11 -14.21 0.87
N ALA F 189 45.54 -13.55 -0.13
CA ALA F 189 46.24 -12.53 -0.91
C ALA F 189 45.30 -11.39 -1.28
N LEU F 190 45.79 -10.16 -1.24
CA LEU F 190 44.93 -8.99 -1.39
C LEU F 190 45.56 -7.89 -2.21
N SER F 191 44.77 -7.29 -3.08
CA SER F 191 45.27 -6.27 -4.01
C SER F 191 44.66 -4.90 -3.73
N SER F 192 45.38 -3.85 -4.11
CA SER F 192 44.87 -2.49 -3.98
C SER F 192 45.34 -1.61 -5.14
N ARG F 193 44.70 -0.46 -5.31
CA ARG F 193 45.03 0.44 -6.41
C ARG F 193 45.06 1.90 -5.99
N LEU F 194 45.97 2.65 -6.61
CA LEU F 194 46.10 4.09 -6.37
C LEU F 194 46.43 4.78 -7.69
N ARG F 195 45.74 5.89 -7.96
CA ARG F 195 45.87 6.54 -9.26
C ARG F 195 45.94 8.05 -9.10
N VAL F 196 46.92 8.65 -9.77
CA VAL F 196 47.10 10.10 -9.76
C VAL F 196 47.37 10.63 -11.18
N SER F 197 47.31 11.95 -11.35
CA SER F 197 47.57 12.55 -12.66
C SER F 197 49.01 12.27 -13.09
N ALA F 198 49.19 11.87 -14.35
CA ALA F 198 50.53 11.50 -14.84
C ALA F 198 51.63 12.47 -14.42
N THR F 199 51.37 13.76 -14.56
CA THR F 199 52.34 14.79 -14.16
C THR F 199 52.74 14.58 -12.71
N PHE F 200 51.77 14.24 -11.87
CA PHE F 200 52.00 14.05 -10.45
C PHE F 200 52.86 12.83 -10.15
N TRP F 201 52.98 11.92 -11.11
CA TRP F 201 53.81 10.73 -10.94
C TRP F 201 55.28 11.06 -11.22
N GLN F 202 55.52 11.78 -12.30
CA GLN F 202 56.88 12.15 -12.67
C GLN F 202 57.61 12.90 -11.55
N ASN F 203 56.93 13.88 -10.97
CA ASN F 203 57.46 14.61 -9.81
C ASN F 203 58.17 13.65 -8.85
N PRO F 204 59.47 13.91 -8.61
CA PRO F 204 60.30 13.02 -7.78
C PRO F 204 60.28 13.35 -6.29
N ARG F 205 59.73 14.50 -5.91
CA ARG F 205 59.59 14.84 -4.50
C ARG F 205 58.38 14.12 -3.90
N ASN F 206 57.63 13.44 -4.76
CA ASN F 206 56.45 12.71 -4.33
C ASN F 206 56.80 11.33 -3.80
N HIS F 207 56.25 11.00 -2.64
CA HIS F 207 56.50 9.72 -2.02
C HIS F 207 55.21 8.93 -1.81
N PHE F 208 55.22 7.67 -2.21
CA PHE F 208 54.05 6.81 -2.13
C PHE F 208 54.33 5.60 -1.24
N ARG F 209 53.38 5.28 -0.36
CA ARG F 209 53.56 4.16 0.57
C ARG F 209 52.29 3.34 0.74
N CYS F 210 52.43 2.02 0.64
CA CYS F 210 51.32 1.10 0.84
C CYS F 210 51.43 0.45 2.21
N GLN F 211 50.67 0.94 3.18
CA GLN F 211 50.73 0.40 4.53
C GLN F 211 49.67 -0.66 4.84
N VAL F 212 50.11 -1.87 5.16
CA VAL F 212 49.23 -2.98 5.46
C VAL F 212 49.33 -3.43 6.92
N GLN F 213 48.27 -3.22 7.70
CA GLN F 213 48.25 -3.67 9.08
C GLN F 213 47.92 -5.15 9.15
N PHE F 214 48.83 -5.95 9.68
CA PHE F 214 48.51 -7.36 9.93
C PHE F 214 48.04 -7.53 11.37
N TYR F 215 47.46 -8.67 11.67
CA TYR F 215 46.89 -8.87 13.00
C TYR F 215 46.99 -10.32 13.45
N GLY F 216 48.19 -10.74 13.82
CA GLY F 216 48.42 -12.11 14.21
C GLY F 216 48.72 -12.31 15.69
N LEU F 217 49.76 -13.10 15.95
CA LEU F 217 50.12 -13.55 17.30
C LEU F 217 50.30 -12.41 18.29
N SER F 218 50.12 -12.75 19.56
CA SER F 218 50.33 -11.80 20.65
C SER F 218 51.70 -12.06 21.26
N GLU F 219 52.04 -11.28 22.28
CA GLU F 219 53.36 -11.31 22.90
C GLU F 219 53.70 -12.65 23.55
N ASN F 220 52.88 -13.06 24.51
CA ASN F 220 53.19 -14.22 25.34
C ASN F 220 52.69 -15.54 24.76
N ASP F 221 52.63 -15.62 23.44
CA ASP F 221 52.15 -16.84 22.79
C ASP F 221 53.29 -17.83 22.54
N GLU F 222 53.04 -19.09 22.87
CA GLU F 222 54.04 -20.14 22.67
C GLU F 222 54.47 -20.24 21.21
N TRP F 223 55.61 -19.65 20.89
CA TRP F 223 56.14 -19.77 19.54
C TRP F 223 57.39 -20.62 19.57
N THR F 224 57.43 -21.65 18.72
CA THR F 224 58.59 -22.54 18.63
C THR F 224 59.14 -22.53 17.22
N GLN F 225 58.25 -22.38 16.25
CA GLN F 225 58.60 -22.47 14.84
C GLN F 225 59.86 -21.69 14.50
N ASP F 226 60.62 -22.23 13.55
CA ASP F 226 61.84 -21.60 13.10
C ASP F 226 61.58 -20.13 12.78
N ARG F 227 60.68 -19.89 11.83
CA ARG F 227 60.33 -18.55 11.37
C ARG F 227 60.00 -17.56 12.50
N ALA F 228 59.99 -16.27 12.15
CA ALA F 228 59.83 -15.20 13.14
C ALA F 228 58.38 -14.94 13.59
N LYS F 229 58.08 -15.35 14.82
CA LYS F 229 56.79 -15.15 15.47
C LYS F 229 55.87 -14.13 14.79
N PRO F 230 54.79 -14.63 14.17
CA PRO F 230 53.83 -13.84 13.38
C PRO F 230 52.97 -12.95 14.25
N VAL F 231 53.47 -11.79 14.61
CA VAL F 231 52.77 -10.95 15.58
C VAL F 231 52.21 -9.68 14.97
N THR F 232 51.11 -9.20 15.57
CA THR F 232 50.52 -7.91 15.22
C THR F 232 51.58 -6.90 14.78
N GLN F 233 51.69 -6.68 13.48
CA GLN F 233 52.76 -5.86 12.94
C GLN F 233 52.30 -5.02 11.77
N ILE F 234 53.24 -4.29 11.18
CA ILE F 234 52.97 -3.52 9.98
C ILE F 234 54.03 -3.81 8.91
N VAL F 235 53.58 -4.15 7.72
CA VAL F 235 54.47 -4.37 6.58
C VAL F 235 54.12 -3.34 5.50
N SER F 236 55.14 -2.77 4.86
CA SER F 236 54.92 -1.72 3.88
C SER F 236 55.92 -1.76 2.71
N ALA F 237 55.54 -1.15 1.60
CA ALA F 237 56.40 -1.07 0.42
C ALA F 237 56.29 0.32 -0.21
N GLU F 238 57.40 0.78 -0.79
CA GLU F 238 57.51 2.18 -1.22
C GLU F 238 57.92 2.32 -2.69
N ALA F 239 57.70 3.52 -3.22
CA ALA F 239 58.12 3.89 -4.56
C ALA F 239 58.12 5.41 -4.69
N TRP F 240 59.24 5.98 -5.11
CA TRP F 240 59.36 7.42 -5.22
C TRP F 240 58.89 7.93 -6.57
N GLY F 241 58.84 9.25 -6.71
CA GLY F 241 58.42 9.89 -7.95
C GLY F 241 59.44 9.75 -9.07
N ARG F 242 59.00 9.21 -10.19
CA ARG F 242 59.87 9.00 -11.34
C ARG F 242 59.56 9.95 -12.49
N ALA F 243 60.42 10.95 -12.68
CA ALA F 243 60.35 11.78 -13.87
C ALA F 243 60.67 10.90 -15.07
N ASP F 244 61.25 9.73 -14.77
CA ASP F 244 61.56 8.70 -15.75
C ASP F 244 60.49 8.61 -16.85
N LYS G 4 26.13 -9.82 -25.43
CA LYS G 4 26.49 -8.44 -25.74
C LYS G 4 25.42 -7.74 -26.60
N GLU G 5 25.53 -6.42 -26.68
CA GLU G 5 24.57 -5.57 -27.39
C GLU G 5 23.44 -5.07 -26.50
N VAL G 6 22.62 -5.99 -25.99
CA VAL G 6 21.54 -5.65 -25.08
C VAL G 6 21.51 -6.59 -23.89
N GLU G 7 21.94 -6.10 -22.72
CA GLU G 7 21.92 -6.89 -21.50
C GLU G 7 20.76 -6.51 -20.59
N GLN G 8 20.22 -7.51 -19.90
CA GLN G 8 18.99 -7.37 -19.13
C GLN G 8 19.14 -8.06 -17.79
N ASP G 9 18.36 -7.64 -16.79
CA ASP G 9 18.35 -8.29 -15.48
C ASP G 9 18.32 -9.81 -15.64
N PRO G 10 19.26 -10.50 -14.97
CA PRO G 10 19.39 -11.97 -14.97
C PRO G 10 18.22 -12.73 -14.35
N GLY G 11 18.53 -13.53 -13.33
CA GLY G 11 17.60 -14.48 -12.73
C GLY G 11 16.18 -14.01 -12.56
N PRO G 12 15.25 -14.96 -12.33
CA PRO G 12 13.82 -14.67 -12.22
C PRO G 12 13.54 -13.77 -11.02
N PHE G 13 12.49 -12.95 -11.12
CA PHE G 13 12.05 -12.13 -10.02
C PHE G 13 10.77 -12.73 -9.43
N ASN G 14 10.90 -13.50 -8.37
CA ASN G 14 9.72 -13.98 -7.65
C ASN G 14 9.32 -13.01 -6.56
N VAL G 15 8.08 -12.54 -6.60
CA VAL G 15 7.65 -11.45 -5.74
C VAL G 15 6.22 -11.61 -5.18
N PRO G 16 6.02 -11.17 -3.92
CA PRO G 16 4.69 -11.12 -3.30
C PRO G 16 3.74 -10.28 -4.13
N GLU G 17 2.45 -10.59 -4.10
CA GLU G 17 1.53 -10.03 -5.08
C GLU G 17 1.35 -8.52 -5.00
N GLY G 18 1.26 -7.98 -3.78
CA GLY G 18 1.04 -6.55 -3.65
C GLY G 18 2.22 -5.68 -4.07
N ALA G 19 3.39 -6.31 -4.21
CA ALA G 19 4.66 -5.58 -4.29
C ALA G 19 4.83 -4.70 -5.53
N THR G 20 6.03 -4.16 -5.69
CA THR G 20 6.41 -3.49 -6.93
C THR G 20 7.75 -4.04 -7.43
N VAL G 21 7.98 -3.97 -8.74
CA VAL G 21 9.16 -4.58 -9.34
C VAL G 21 10.01 -3.56 -10.10
N ALA G 22 11.30 -3.87 -10.25
CA ALA G 22 12.20 -2.99 -10.99
C ALA G 22 12.93 -3.74 -12.09
N PHE G 23 12.90 -3.20 -13.30
CA PHE G 23 13.59 -3.78 -14.46
C PHE G 23 14.62 -2.82 -15.01
N ASN G 24 15.74 -3.36 -15.49
CA ASN G 24 16.77 -2.53 -16.12
C ASN G 24 17.37 -3.14 -17.37
N CYS G 25 17.65 -2.29 -18.35
CA CYS G 25 18.22 -2.74 -19.61
C CYS G 25 19.40 -1.88 -20.04
N THR G 26 20.51 -2.52 -20.40
CA THR G 26 21.67 -1.81 -20.87
C THR G 26 21.80 -1.99 -22.38
N TYR G 27 22.14 -0.90 -23.06
CA TYR G 27 22.42 -0.98 -24.48
C TYR G 27 23.78 -0.38 -24.80
N SER G 28 24.61 -1.17 -25.48
CA SER G 28 25.95 -0.73 -25.83
C SER G 28 25.91 0.40 -26.87
N ASN G 29 25.25 0.16 -27.99
CA ASN G 29 25.24 1.15 -29.06
C ASN G 29 24.69 2.49 -28.60
N SER G 30 25.57 3.48 -28.55
CA SER G 30 25.22 4.81 -28.07
C SER G 30 24.13 5.48 -28.91
N ALA G 31 24.19 5.31 -30.22
CA ALA G 31 23.31 6.05 -31.12
C ALA G 31 22.02 5.31 -31.43
N SER G 32 21.60 4.42 -30.53
CA SER G 32 20.34 3.72 -30.67
C SER G 32 19.21 4.75 -30.74
N GLN G 33 18.14 4.41 -31.46
CA GLN G 33 17.09 5.39 -31.78
C GLN G 33 15.77 5.19 -31.02
N SER G 34 15.21 3.99 -31.08
CA SER G 34 13.93 3.71 -30.42
C SER G 34 14.07 2.66 -29.32
N PHE G 35 13.17 2.72 -28.34
CA PHE G 35 13.21 1.78 -27.22
C PHE G 35 11.82 1.30 -26.85
N PHE G 36 11.73 0.03 -26.47
CA PHE G 36 10.44 -0.53 -26.10
C PHE G 36 10.55 -1.56 -25.00
N TRP G 37 9.46 -1.72 -24.26
CA TRP G 37 9.27 -2.85 -23.38
C TRP G 37 8.15 -3.71 -23.93
N TYR G 38 8.33 -5.01 -23.82
CA TYR G 38 7.35 -5.95 -24.33
C TYR G 38 7.10 -7.01 -23.27
N ARG G 39 5.83 -7.26 -23.00
CA ARG G 39 5.44 -8.31 -22.09
C ARG G 39 5.13 -9.55 -22.95
N GLN G 40 5.60 -10.72 -22.52
CA GLN G 40 5.32 -11.98 -23.22
C GLN G 40 4.91 -13.09 -22.27
N ASP G 41 3.61 -13.35 -22.18
CA ASP G 41 3.14 -14.47 -21.36
C ASP G 41 3.78 -15.77 -21.84
N SER G 42 3.69 -16.80 -21.00
CA SER G 42 4.24 -18.11 -21.33
C SER G 42 3.12 -19.08 -21.64
N ARG G 43 3.16 -19.71 -22.81
CA ARG G 43 4.22 -19.49 -23.77
C ARG G 43 3.61 -19.02 -25.08
N LYS G 44 3.14 -17.78 -25.06
CA LYS G 44 2.59 -17.13 -26.24
C LYS G 44 3.58 -16.12 -26.81
N GLU G 45 3.06 -15.04 -27.40
CA GLU G 45 3.88 -14.11 -28.16
C GLU G 45 4.07 -12.77 -27.48
N PRO G 46 5.10 -12.04 -27.91
CA PRO G 46 5.37 -10.65 -27.54
C PRO G 46 4.18 -9.75 -27.76
N LYS G 47 3.90 -8.89 -26.79
CA LYS G 47 2.87 -7.87 -26.91
C LYS G 47 3.43 -6.57 -26.38
N LEU G 48 3.34 -5.51 -27.17
CA LEU G 48 3.87 -4.22 -26.76
C LEU G 48 3.29 -3.83 -25.42
N LEU G 49 4.11 -3.19 -24.60
CA LEU G 49 3.67 -2.72 -23.29
C LEU G 49 3.89 -1.23 -23.21
N MET G 50 5.15 -0.82 -23.17
CA MET G 50 5.49 0.60 -23.18
C MET G 50 6.31 0.96 -24.40
N SER G 51 6.38 2.26 -24.67
CA SER G 51 7.41 2.82 -25.53
C SER G 51 8.13 3.79 -24.63
N VAL G 52 9.46 3.67 -24.55
CA VAL G 52 10.22 4.50 -23.62
C VAL G 52 10.84 5.72 -24.28
N TYR G 53 10.65 6.88 -23.63
CA TYR G 53 11.21 8.15 -24.10
C TYR G 53 12.04 8.79 -22.99
N SER G 54 12.87 9.76 -23.36
CA SER G 54 13.75 10.40 -22.39
C SER G 54 12.93 11.30 -21.46
N SER G 55 11.69 11.56 -21.85
CA SER G 55 10.80 12.40 -21.05
C SER G 55 10.38 11.69 -19.78
N GLY G 56 10.51 10.36 -19.77
CA GLY G 56 9.99 9.56 -18.69
C GLY G 56 8.49 9.40 -18.84
N ASN G 57 7.98 8.21 -18.52
CA ASN G 57 6.57 7.91 -18.75
C ASN G 57 5.75 7.90 -17.47
N GLU G 58 4.56 7.31 -17.53
CA GLU G 58 3.57 7.53 -16.47
C GLU G 58 2.42 6.52 -16.42
N ASP G 59 1.81 6.24 -17.57
CA ASP G 59 0.62 5.38 -17.64
C ASP G 59 0.96 3.89 -17.56
N GLY G 60 0.60 3.25 -16.45
CA GLY G 60 -0.07 3.89 -15.34
C GLY G 60 -0.23 2.80 -14.30
N ARG G 61 0.56 2.90 -13.22
CA ARG G 61 0.94 1.75 -12.41
C ARG G 61 2.25 1.26 -13.00
N PHE G 62 2.56 1.79 -14.18
CA PHE G 62 3.79 1.51 -14.89
C PHE G 62 4.58 2.78 -15.07
N THR G 63 5.90 2.68 -14.99
CA THR G 63 6.77 3.79 -15.26
C THR G 63 7.95 3.26 -16.04
N ALA G 64 8.38 4.00 -17.05
CA ALA G 64 9.60 3.65 -17.76
C ALA G 64 10.37 4.92 -18.09
N GLN G 65 11.69 4.80 -18.18
CA GLN G 65 12.52 5.97 -18.40
C GLN G 65 13.76 5.63 -19.23
N LEU G 66 14.28 6.64 -19.91
CA LEU G 66 15.46 6.48 -20.76
C LEU G 66 16.53 7.44 -20.29
N ASN G 67 17.69 6.90 -19.96
CA ASN G 67 18.84 7.74 -19.69
C ASN G 67 19.87 7.54 -20.79
N ARG G 68 19.73 8.30 -21.86
CA ARG G 68 20.64 8.20 -22.98
C ARG G 68 22.04 8.41 -22.45
N ALA G 69 22.10 9.06 -21.29
CA ALA G 69 23.36 9.31 -20.60
C ALA G 69 24.06 8.01 -20.21
N SER G 70 23.47 7.26 -19.29
CA SER G 70 24.06 6.01 -18.83
C SER G 70 23.75 4.86 -19.78
N GLN G 71 22.95 5.15 -20.79
CA GLN G 71 22.59 4.19 -21.83
C GLN G 71 21.83 2.99 -21.28
N TYR G 72 20.88 3.25 -20.40
CA TYR G 72 19.97 2.21 -19.92
C TYR G 72 18.52 2.69 -20.02
N ILE G 73 17.59 1.74 -20.03
CA ILE G 73 16.18 2.05 -19.81
C ILE G 73 15.64 1.15 -18.72
N SER G 74 14.59 1.60 -18.03
CA SER G 74 14.04 0.81 -16.94
C SER G 74 12.51 0.71 -16.99
N LEU G 75 12.01 -0.34 -16.35
CA LEU G 75 10.57 -0.52 -16.18
C LEU G 75 10.26 -0.68 -14.70
N LEU G 76 9.29 0.09 -14.22
CA LEU G 76 8.84 -0.01 -12.84
C LEU G 76 7.35 -0.38 -12.74
N ILE G 77 7.09 -1.66 -12.49
CA ILE G 77 5.73 -2.11 -12.22
C ILE G 77 5.40 -1.98 -10.74
N ARG G 78 4.42 -1.16 -10.39
CA ARG G 78 4.00 -1.07 -9.00
C ARG G 78 2.64 -1.72 -8.77
N ASP G 79 2.37 -2.10 -7.52
CA ASP G 79 1.14 -2.82 -7.16
C ASP G 79 0.86 -4.01 -8.06
N SER G 80 1.70 -5.03 -7.93
CA SER G 80 1.67 -6.22 -8.78
C SER G 80 0.35 -6.97 -8.78
N LYS G 81 0.16 -7.78 -9.81
CA LYS G 81 -0.99 -8.66 -9.92
C LYS G 81 -0.51 -10.01 -10.39
N LEU G 82 -1.19 -11.07 -9.96
CA LEU G 82 -0.84 -12.41 -10.40
C LEU G 82 -0.73 -12.45 -11.92
N SER G 83 -1.52 -11.61 -12.59
CA SER G 83 -1.60 -11.58 -14.05
C SER G 83 -0.28 -11.17 -14.68
N ASP G 84 0.47 -10.32 -13.98
CA ASP G 84 1.72 -9.79 -14.51
C ASP G 84 2.77 -10.87 -14.75
N SER G 85 2.50 -12.09 -14.30
CA SER G 85 3.43 -13.19 -14.54
C SER G 85 3.69 -13.38 -16.02
N ALA G 86 4.92 -13.10 -16.42
CA ALA G 86 5.35 -13.30 -17.78
C ALA G 86 6.82 -12.93 -17.90
N THR G 87 7.33 -12.94 -19.12
CA THR G 87 8.71 -12.56 -19.35
C THR G 87 8.77 -11.19 -20.01
N TYR G 88 9.57 -10.30 -19.42
CA TYR G 88 9.63 -8.91 -19.87
C TYR G 88 10.88 -8.67 -20.69
N LEU G 89 10.70 -8.01 -21.83
CA LEU G 89 11.71 -7.98 -22.88
C LEU G 89 12.09 -6.58 -23.29
N CYS G 90 13.38 -6.32 -23.24
CA CYS G 90 13.92 -5.05 -23.66
C CYS G 90 14.14 -5.08 -25.18
N VAL G 91 13.63 -4.09 -25.88
CA VAL G 91 13.85 -4.00 -27.32
C VAL G 91 14.41 -2.65 -27.68
N VAL G 92 15.48 -2.65 -28.46
CA VAL G 92 16.20 -1.42 -28.80
C VAL G 92 16.43 -1.28 -30.31
N ARG G 93 16.01 -0.14 -30.85
CA ARG G 93 16.20 0.16 -32.26
C ARG G 93 17.61 0.64 -32.53
N ALA G 94 18.49 -0.27 -32.91
CA ALA G 94 19.86 0.09 -33.22
C ALA G 94 20.09 -0.06 -34.71
N GLY G 95 19.38 0.75 -35.49
CA GLY G 95 19.44 0.64 -36.94
C GLY G 95 18.77 -0.64 -37.45
N LYS G 96 18.87 -1.72 -36.70
CA LYS G 96 18.19 -2.96 -37.08
C LYS G 96 17.49 -3.71 -35.93
N LEU G 97 17.31 -3.05 -34.80
CA LEU G 97 16.41 -3.55 -33.74
C LEU G 97 16.82 -4.85 -33.06
N ILE G 98 17.38 -4.75 -31.87
CA ILE G 98 17.81 -5.93 -31.12
C ILE G 98 16.79 -6.32 -30.06
N PHE G 99 16.59 -7.62 -29.87
CA PHE G 99 15.67 -8.12 -28.84
C PHE G 99 16.41 -8.67 -27.65
N GLY G 100 16.09 -8.16 -26.46
CA GLY G 100 16.67 -8.69 -25.23
C GLY G 100 16.41 -10.18 -25.12
N GLN G 101 17.11 -10.86 -24.23
CA GLN G 101 16.83 -12.28 -24.03
C GLN G 101 15.69 -12.41 -23.05
N GLY G 102 15.47 -11.35 -22.27
CA GLY G 102 14.32 -11.25 -21.40
C GLY G 102 14.55 -11.60 -19.94
N THR G 103 13.75 -10.99 -19.08
CA THR G 103 13.82 -11.24 -17.64
C THR G 103 12.45 -11.66 -17.10
N GLU G 104 12.40 -12.81 -16.44
CA GLU G 104 11.13 -13.39 -16.05
C GLU G 104 10.61 -12.89 -14.71
N LEU G 105 9.30 -12.67 -14.66
CA LEU G 105 8.61 -12.25 -13.46
C LEU G 105 7.51 -13.27 -13.11
N SER G 106 7.63 -13.85 -11.92
CA SER G 106 6.59 -14.69 -11.36
C SER G 106 6.04 -14.01 -10.12
N VAL G 107 4.77 -13.59 -10.20
CA VAL G 107 4.12 -12.96 -9.05
C VAL G 107 3.37 -13.99 -8.25
N LYS G 108 3.74 -14.14 -6.99
CA LYS G 108 3.17 -15.19 -6.14
C LYS G 108 2.03 -14.65 -5.24
N PRO G 109 0.98 -15.45 -5.02
CA PRO G 109 -0.16 -14.99 -4.22
C PRO G 109 0.07 -15.30 -2.75
N ASN G 110 -0.14 -14.31 -1.89
CA ASN G 110 0.09 -14.52 -0.47
C ASN G 110 -1.11 -15.19 0.16
N ILE G 111 -0.92 -16.43 0.60
CA ILE G 111 -1.99 -17.30 1.05
C ILE G 111 -2.53 -16.94 2.44
N GLN G 112 -3.80 -16.54 2.50
CA GLN G 112 -4.44 -16.14 3.76
C GLN G 112 -4.42 -17.26 4.79
N ASN G 113 -5.13 -18.33 4.46
CA ASN G 113 -5.33 -19.47 5.35
C ASN G 113 -4.54 -20.67 4.85
N PRO G 114 -3.28 -20.80 5.27
CA PRO G 114 -2.41 -21.83 4.71
C PRO G 114 -2.48 -23.16 5.46
N ASP G 115 -3.16 -24.15 4.90
CA ASP G 115 -3.10 -25.50 5.48
C ASP G 115 -2.72 -26.58 4.47
N PRO G 116 -1.41 -26.78 4.29
CA PRO G 116 -0.83 -27.81 3.44
C PRO G 116 -1.52 -29.16 3.63
N ALA G 117 -1.48 -30.00 2.61
CA ALA G 117 -2.04 -31.35 2.70
C ALA G 117 -1.60 -32.20 1.51
N VAL G 118 -1.58 -33.51 1.70
CA VAL G 118 -1.12 -34.43 0.67
C VAL G 118 -2.12 -35.57 0.43
N TYR G 119 -3.19 -35.25 -0.30
CA TYR G 119 -4.25 -36.21 -0.59
C TYR G 119 -3.89 -37.14 -1.74
N GLN G 120 -4.67 -38.21 -1.88
CA GLN G 120 -4.52 -39.15 -2.99
C GLN G 120 -5.84 -39.24 -3.73
N LEU G 121 -5.80 -38.99 -5.03
CA LEU G 121 -6.98 -39.07 -5.87
C LEU G 121 -6.96 -40.35 -6.70
N ARG G 122 -7.99 -41.16 -6.57
CA ARG G 122 -8.06 -42.43 -7.28
C ARG G 122 -8.60 -42.22 -8.68
N ASP G 123 -8.20 -43.10 -9.59
CA ASP G 123 -8.55 -42.96 -11.00
C ASP G 123 -9.91 -43.58 -11.33
N SER G 124 -10.56 -43.05 -12.36
CA SER G 124 -11.78 -43.65 -12.89
C SER G 124 -11.46 -45.06 -13.38
N LYS G 125 -12.36 -45.63 -14.16
CA LYS G 125 -12.12 -46.93 -14.76
C LYS G 125 -11.62 -47.91 -13.70
N SER G 126 -10.37 -48.35 -13.84
CA SER G 126 -9.75 -49.23 -12.86
C SER G 126 -8.23 -49.12 -12.92
N SER G 127 -7.53 -50.16 -12.45
CA SER G 127 -6.08 -50.14 -12.34
C SER G 127 -5.63 -49.19 -11.24
N ASP G 128 -6.29 -48.03 -11.18
CA ASP G 128 -6.10 -47.05 -10.13
C ASP G 128 -4.83 -46.21 -10.30
N LYS G 129 -3.68 -46.87 -10.44
CA LYS G 129 -2.39 -46.20 -10.48
C LYS G 129 -2.23 -45.33 -9.24
N SER G 130 -2.92 -44.19 -9.25
CA SER G 130 -2.99 -43.24 -8.13
C SER G 130 -2.07 -42.05 -8.36
N VAL G 131 -2.55 -40.87 -7.96
CA VAL G 131 -1.72 -39.67 -7.96
C VAL G 131 -1.84 -39.00 -6.60
N CYS G 132 -0.77 -38.35 -6.16
CA CYS G 132 -0.80 -37.59 -4.93
C CYS G 132 -0.88 -36.10 -5.25
N LEU G 133 -1.65 -35.38 -4.45
CA LEU G 133 -1.81 -33.94 -4.67
C LEU G 133 -1.31 -33.12 -3.48
N PHE G 134 -0.32 -32.27 -3.74
CA PHE G 134 0.15 -31.34 -2.73
C PHE G 134 -0.53 -29.99 -2.96
N THR G 135 -1.34 -29.55 -2.00
CA THR G 135 -2.09 -28.32 -2.19
C THR G 135 -2.15 -27.45 -0.93
N ASP G 136 -2.33 -26.16 -1.14
CA ASP G 136 -2.66 -25.22 -0.07
C ASP G 136 -1.51 -24.85 0.84
N PHE G 137 -0.31 -25.33 0.54
CA PHE G 137 0.88 -24.89 1.26
C PHE G 137 1.10 -23.42 0.96
N ASP G 138 1.98 -22.76 1.72
CA ASP G 138 2.22 -21.34 1.49
C ASP G 138 3.07 -21.12 0.24
N SER G 139 3.15 -19.86 -0.19
CA SER G 139 3.87 -19.52 -1.42
C SER G 139 5.37 -19.65 -1.26
N GLN G 140 5.84 -19.57 -0.01
CA GLN G 140 7.25 -19.65 0.29
C GLN G 140 7.81 -21.05 0.07
N THR G 141 6.96 -22.06 0.22
CA THR G 141 7.37 -23.45 0.10
C THR G 141 7.75 -23.82 -1.33
N ASN G 142 8.79 -24.65 -1.46
CA ASN G 142 9.30 -25.09 -2.75
C ASN G 142 9.12 -26.58 -3.00
N VAL G 143 8.69 -26.93 -4.20
CA VAL G 143 8.51 -28.32 -4.59
C VAL G 143 9.55 -28.74 -5.64
N SER G 144 10.48 -29.59 -5.25
CA SER G 144 11.53 -30.04 -6.15
C SER G 144 11.23 -31.45 -6.65
N GLN G 145 12.01 -31.90 -7.63
CA GLN G 145 11.79 -33.22 -8.23
C GLN G 145 12.14 -34.33 -7.24
N SER G 146 12.31 -35.55 -7.74
CA SER G 146 12.56 -36.70 -6.88
C SER G 146 13.87 -37.42 -7.17
N LYS G 147 14.33 -38.19 -6.20
CA LYS G 147 15.56 -38.97 -6.33
C LYS G 147 15.45 -40.05 -7.40
N ASP G 148 14.25 -40.60 -7.56
CA ASP G 148 14.03 -41.69 -8.50
C ASP G 148 13.70 -41.18 -9.90
N SER G 149 14.08 -41.94 -10.91
CA SER G 149 13.88 -41.53 -12.31
C SER G 149 12.51 -41.92 -12.85
N ASP G 150 11.81 -42.79 -12.11
CA ASP G 150 10.52 -43.30 -12.55
C ASP G 150 9.34 -42.61 -11.88
N VAL G 151 9.63 -41.70 -10.95
CA VAL G 151 8.58 -40.92 -10.29
C VAL G 151 8.57 -39.50 -10.83
N TYR G 152 7.37 -38.95 -11.04
CA TYR G 152 7.23 -37.64 -11.68
C TYR G 152 6.51 -36.62 -10.78
N ILE G 153 7.05 -35.40 -10.74
CA ILE G 153 6.50 -34.32 -9.92
C ILE G 153 6.37 -33.03 -10.73
N THR G 154 5.32 -32.26 -10.48
CA THR G 154 5.16 -30.98 -11.17
C THR G 154 5.33 -29.83 -10.18
N ASP G 155 6.02 -28.79 -10.61
CA ASP G 155 6.26 -27.63 -9.74
C ASP G 155 4.94 -26.98 -9.39
N LYS G 156 4.93 -26.28 -8.25
CA LYS G 156 3.73 -25.64 -7.75
C LYS G 156 3.02 -24.86 -8.87
N CYS G 157 1.69 -24.82 -8.77
CA CYS G 157 0.87 -24.21 -9.80
C CYS G 157 -0.28 -23.49 -9.12
N VAL G 158 -0.29 -22.17 -9.24
CA VAL G 158 -1.31 -21.36 -8.60
C VAL G 158 -2.68 -21.49 -9.27
N LEU G 159 -3.67 -21.82 -8.46
CA LEU G 159 -5.03 -21.99 -8.93
C LEU G 159 -5.87 -20.84 -8.37
N ASP G 160 -6.89 -20.42 -9.11
CA ASP G 160 -7.72 -19.30 -8.65
C ASP G 160 -9.23 -19.52 -8.80
N MET G 161 -9.97 -19.30 -7.72
CA MET G 161 -11.41 -19.48 -7.71
C MET G 161 -12.11 -18.15 -7.54
N ARG G 162 -12.27 -17.42 -8.64
CA ARG G 162 -12.86 -16.08 -8.61
C ARG G 162 -14.06 -16.00 -7.66
N SER G 163 -15.14 -16.70 -8.02
CA SER G 163 -16.37 -16.73 -7.23
C SER G 163 -16.12 -16.60 -5.74
N MET G 164 -15.20 -17.41 -5.24
CA MET G 164 -14.98 -17.54 -3.80
C MET G 164 -13.84 -16.67 -3.27
N ASP G 165 -13.24 -15.86 -4.13
CA ASP G 165 -12.12 -15.01 -3.72
C ASP G 165 -11.04 -15.85 -3.05
N PHE G 166 -10.68 -16.96 -3.67
CA PHE G 166 -9.73 -17.88 -3.05
C PHE G 166 -8.72 -18.47 -4.03
N LYS G 167 -7.45 -18.23 -3.74
CA LYS G 167 -6.34 -18.78 -4.50
C LYS G 167 -5.66 -19.86 -3.69
N SER G 168 -5.25 -20.94 -4.35
CA SER G 168 -4.50 -21.98 -3.67
C SER G 168 -3.34 -22.42 -4.54
N ASN G 169 -2.26 -22.88 -3.91
CA ASN G 169 -1.19 -23.51 -4.67
C ASN G 169 -1.52 -24.95 -4.96
N SER G 170 -0.58 -25.71 -5.50
CA SER G 170 -0.88 -27.05 -5.93
C SER G 170 0.22 -27.66 -6.78
N ALA G 171 0.69 -28.84 -6.38
CA ALA G 171 1.63 -29.61 -7.17
C ALA G 171 1.19 -31.06 -7.15
N VAL G 172 1.62 -31.83 -8.15
CA VAL G 172 1.22 -33.23 -8.23
C VAL G 172 2.43 -34.16 -8.32
N ALA G 173 2.22 -35.41 -7.93
CA ALA G 173 3.25 -36.44 -8.02
C ALA G 173 2.59 -37.79 -8.27
N TRP G 174 3.20 -38.60 -9.13
CA TRP G 174 2.69 -39.94 -9.43
C TRP G 174 3.83 -40.83 -9.90
N SER G 175 3.53 -42.12 -10.06
CA SER G 175 4.56 -43.08 -10.47
C SER G 175 3.98 -44.46 -10.78
N ASN G 176 4.72 -45.23 -11.58
CA ASN G 176 4.39 -46.62 -11.80
C ASN G 176 4.60 -47.40 -10.51
N LYS G 177 3.50 -47.78 -9.86
CA LYS G 177 3.53 -48.43 -8.55
C LYS G 177 4.89 -49.05 -8.21
N SER G 178 5.55 -48.48 -7.22
CA SER G 178 6.87 -48.96 -6.77
C SER G 178 6.88 -49.99 -5.63
N ASP G 179 5.92 -49.94 -4.71
CA ASP G 179 4.82 -48.96 -4.73
C ASP G 179 5.14 -47.76 -3.85
N PHE G 180 4.94 -46.56 -4.41
CA PHE G 180 5.12 -45.34 -3.64
C PHE G 180 3.77 -44.90 -3.06
N ALA G 181 3.80 -43.98 -2.11
CA ALA G 181 2.58 -43.48 -1.49
C ALA G 181 2.65 -41.97 -1.30
N CYS G 182 1.68 -41.42 -0.57
CA CYS G 182 1.66 -40.00 -0.28
C CYS G 182 2.58 -39.68 0.89
N ALA G 183 2.69 -40.63 1.81
CA ALA G 183 3.53 -40.47 3.00
C ALA G 183 4.95 -40.13 2.60
N ASN G 184 5.45 -40.80 1.56
CA ASN G 184 6.84 -40.64 1.13
C ASN G 184 6.98 -39.75 -0.11
N ALA G 185 5.85 -39.40 -0.71
CA ALA G 185 5.81 -38.67 -1.97
C ALA G 185 6.88 -37.57 -2.11
N PHE G 186 6.66 -36.47 -1.42
CA PHE G 186 7.53 -35.30 -1.54
C PHE G 186 8.55 -35.23 -0.40
N ASN G 187 9.38 -36.26 -0.30
CA ASN G 187 10.41 -36.28 0.72
C ASN G 187 11.68 -35.56 0.31
N ASN G 188 11.81 -35.28 -0.98
CA ASN G 188 12.91 -34.47 -1.45
C ASN G 188 12.54 -32.99 -1.44
N SER G 189 11.41 -32.68 -0.83
CA SER G 189 10.95 -31.31 -0.76
C SER G 189 10.74 -30.90 0.69
N ILE G 190 10.93 -29.62 0.97
CA ILE G 190 10.79 -29.11 2.33
C ILE G 190 9.34 -28.73 2.63
N ILE G 191 8.63 -29.67 3.26
CA ILE G 191 7.21 -29.50 3.56
C ILE G 191 6.95 -29.11 5.02
N PRO G 192 5.91 -28.31 5.26
CA PRO G 192 5.53 -27.82 6.59
C PRO G 192 5.55 -28.87 7.70
N GLU G 193 5.94 -28.45 8.88
CA GLU G 193 6.06 -29.33 10.04
C GLU G 193 4.70 -29.59 10.69
N ASP G 194 3.69 -29.79 9.85
CA ASP G 194 2.34 -30.02 10.33
C ASP G 194 1.46 -30.47 9.16
N THR G 195 2.10 -30.79 8.05
CA THR G 195 1.38 -31.22 6.85
C THR G 195 0.52 -32.44 7.13
N PHE G 196 -0.73 -32.37 6.69
CA PHE G 196 -1.72 -33.42 6.95
C PHE G 196 -1.68 -34.57 5.95
N PHE G 197 -1.54 -35.80 6.47
CA PHE G 197 -1.54 -37.00 5.64
C PHE G 197 -2.63 -37.97 6.09
N PRO G 198 -3.73 -38.04 5.33
CA PRO G 198 -4.77 -39.03 5.60
C PRO G 198 -4.26 -40.45 5.33
N SER G 199 -5.15 -41.43 5.26
CA SER G 199 -4.75 -42.80 4.96
C SER G 199 -5.90 -43.75 4.63
N PRO G 200 -6.91 -43.85 5.52
CA PRO G 200 -8.00 -44.83 5.36
C PRO G 200 -8.70 -44.73 4.01
N ALA H 4 -9.87 -10.36 -36.26
CA ALA H 4 -8.90 -9.40 -36.78
C ALA H 4 -7.60 -9.42 -35.97
N GLY H 5 -6.68 -8.52 -36.32
CA GLY H 5 -5.39 -8.42 -35.65
C GLY H 5 -4.23 -8.85 -36.54
N VAL H 6 -3.59 -9.96 -36.16
CA VAL H 6 -2.53 -10.57 -36.97
C VAL H 6 -2.57 -12.08 -36.76
N THR H 7 -2.86 -12.82 -37.82
CA THR H 7 -3.15 -14.25 -37.69
C THR H 7 -2.11 -15.13 -38.38
N GLN H 8 -1.56 -16.08 -37.63
CA GLN H 8 -0.45 -16.90 -38.11
C GLN H 8 -0.76 -18.39 -38.07
N THR H 9 -0.55 -19.05 -39.20
CA THR H 9 -0.94 -20.45 -39.38
C THR H 9 0.20 -21.25 -39.98
N PRO H 10 0.39 -22.49 -39.51
CA PRO H 10 -0.38 -23.15 -38.45
C PRO H 10 0.18 -22.84 -37.06
N LYS H 11 -0.44 -23.43 -36.04
CA LYS H 11 -0.01 -23.25 -34.66
C LYS H 11 1.06 -24.28 -34.31
N PHE H 12 0.90 -25.48 -34.87
CA PHE H 12 1.83 -26.57 -34.60
C PHE H 12 2.06 -27.37 -35.89
N ARG H 13 3.20 -28.04 -35.97
CA ARG H 13 3.52 -28.88 -37.11
C ARG H 13 4.72 -29.78 -36.85
N VAL H 14 4.60 -31.03 -37.28
CA VAL H 14 5.65 -32.02 -37.11
C VAL H 14 6.20 -32.40 -38.48
N LEU H 15 7.49 -32.19 -38.68
CA LEU H 15 8.11 -32.41 -39.98
C LEU H 15 9.20 -33.47 -39.99
N LYS H 16 9.26 -34.22 -41.08
CA LYS H 16 10.38 -35.12 -41.34
C LYS H 16 11.42 -34.36 -42.15
N THR H 17 12.69 -34.64 -41.87
CA THR H 17 13.77 -33.97 -42.57
C THR H 17 13.57 -34.05 -44.08
N GLY H 18 13.88 -32.97 -44.78
CA GLY H 18 13.78 -32.96 -46.22
C GLY H 18 12.35 -32.84 -46.71
N GLN H 19 11.47 -32.30 -45.87
CA GLN H 19 10.12 -31.97 -46.29
C GLN H 19 9.98 -30.47 -46.45
N SER H 20 8.81 -30.01 -46.88
CA SER H 20 8.66 -28.59 -47.21
C SER H 20 7.27 -28.02 -46.97
N MET H 21 7.07 -27.45 -45.78
CA MET H 21 5.82 -26.75 -45.48
C MET H 21 6.01 -25.24 -45.61
N THR H 22 4.93 -24.50 -45.35
CA THR H 22 4.97 -23.05 -45.45
C THR H 22 4.15 -22.38 -44.36
N LEU H 23 4.63 -21.26 -43.85
CA LEU H 23 3.96 -20.54 -42.78
C LEU H 23 3.24 -19.28 -43.27
N LEU H 24 1.93 -19.28 -43.11
CA LEU H 24 1.13 -18.15 -43.52
C LEU H 24 1.12 -17.10 -42.41
N CYS H 25 1.33 -15.85 -42.79
CA CYS H 25 1.26 -14.75 -41.86
C CYS H 25 0.24 -13.76 -42.39
N ALA H 26 -0.95 -13.76 -41.80
CA ALA H 26 -2.01 -12.88 -42.25
C ALA H 26 -1.98 -11.56 -41.49
N GLN H 27 -2.13 -10.47 -42.22
CA GLN H 27 -2.08 -9.14 -41.63
C GLN H 27 -3.30 -8.30 -41.98
N ASP H 28 -3.71 -7.46 -41.06
CA ASP H 28 -5.01 -6.79 -41.15
C ASP H 28 -4.87 -5.27 -41.20
N MET H 29 -3.85 -4.75 -40.52
CA MET H 29 -3.73 -3.31 -40.30
C MET H 29 -3.33 -2.52 -41.55
N ASN H 30 -3.30 -3.19 -42.70
CA ASN H 30 -2.84 -2.54 -43.93
C ASN H 30 -1.43 -1.96 -43.72
N HIS H 31 -0.52 -2.79 -43.22
CA HIS H 31 0.83 -2.36 -42.87
C HIS H 31 1.83 -2.63 -44.00
N GLU H 32 2.81 -1.74 -44.13
CA GLU H 32 3.80 -1.90 -45.17
C GLU H 32 4.89 -2.94 -44.84
N TYR H 33 5.32 -2.97 -43.58
CA TYR H 33 6.45 -3.81 -43.20
C TYR H 33 6.04 -5.09 -42.49
N MET H 34 6.75 -6.18 -42.77
CA MET H 34 6.46 -7.47 -42.15
C MET H 34 7.73 -8.26 -41.88
N TYR H 35 7.76 -8.99 -40.77
CA TYR H 35 8.97 -9.69 -40.34
C TYR H 35 8.68 -11.13 -39.95
N TRP H 36 9.71 -11.96 -40.00
CA TRP H 36 9.60 -13.34 -39.51
C TRP H 36 10.72 -13.65 -38.50
N TYR H 37 10.33 -14.04 -37.29
CA TYR H 37 11.32 -14.29 -36.25
C TYR H 37 11.47 -15.77 -35.88
N ARG H 38 12.41 -16.04 -34.99
CA ARG H 38 12.74 -17.40 -34.60
C ARG H 38 13.25 -17.38 -33.16
N GLN H 39 12.46 -17.94 -32.25
CA GLN H 39 12.77 -17.86 -30.81
C GLN H 39 13.22 -19.18 -30.19
N ASP H 40 14.47 -19.22 -29.77
CA ASP H 40 15.03 -20.42 -29.15
C ASP H 40 15.49 -20.15 -27.73
N PRO H 41 15.52 -21.20 -26.91
CA PRO H 41 15.97 -21.09 -25.52
C PRO H 41 17.39 -20.53 -25.46
N GLY H 42 17.55 -19.36 -24.84
CA GLY H 42 18.86 -18.82 -24.56
C GLY H 42 19.20 -17.52 -25.26
N MET H 43 18.32 -17.08 -26.15
CA MET H 43 18.54 -15.83 -26.86
C MET H 43 17.22 -15.13 -27.11
N GLY H 44 17.30 -13.86 -27.51
CA GLY H 44 16.12 -13.13 -27.89
C GLY H 44 15.65 -13.64 -29.24
N LEU H 45 14.85 -12.84 -29.92
CA LEU H 45 14.43 -13.21 -31.25
C LEU H 45 15.57 -12.94 -32.21
N ARG H 46 15.61 -13.71 -33.30
CA ARG H 46 16.59 -13.54 -34.35
C ARG H 46 15.86 -13.45 -35.67
N LEU H 47 15.94 -12.29 -36.33
CA LEU H 47 15.23 -12.09 -37.59
C LEU H 47 15.68 -13.10 -38.64
N ILE H 48 14.72 -13.78 -39.26
CA ILE H 48 15.05 -14.73 -40.31
C ILE H 48 14.92 -14.06 -41.67
N HIS H 49 14.00 -13.11 -41.76
CA HIS H 49 13.69 -12.45 -43.03
C HIS H 49 12.76 -11.28 -42.78
N TYR H 50 12.65 -10.40 -43.77
CA TYR H 50 11.59 -9.41 -43.71
C TYR H 50 11.18 -8.86 -45.08
N SER H 51 10.15 -8.02 -45.09
CA SER H 51 9.66 -7.42 -46.33
C SER H 51 9.17 -6.01 -46.06
N VAL H 52 8.87 -5.28 -47.12
CA VAL H 52 8.55 -3.86 -46.99
C VAL H 52 7.41 -3.39 -47.89
N GLY H 53 6.88 -4.26 -48.74
CA GLY H 53 5.81 -3.82 -49.62
C GLY H 53 5.16 -4.79 -50.58
N GLU H 54 5.89 -5.82 -51.01
CA GLU H 54 5.43 -6.76 -52.03
C GLU H 54 6.61 -7.36 -52.76
N GLY H 55 7.80 -6.98 -52.34
CA GLY H 55 9.03 -7.49 -52.91
C GLY H 55 10.14 -7.05 -51.99
N THR H 56 10.62 -7.98 -51.16
CA THR H 56 11.71 -7.71 -50.25
C THR H 56 12.18 -9.00 -49.62
N THR H 57 13.37 -8.97 -48.99
CA THR H 57 13.90 -10.16 -48.33
C THR H 57 15.08 -9.80 -47.40
N ALA H 58 15.96 -10.77 -47.18
CA ALA H 58 17.32 -10.52 -46.71
C ALA H 58 17.63 -10.78 -45.24
N LYS H 59 17.64 -9.71 -44.45
CA LYS H 59 18.38 -9.66 -43.19
C LYS H 59 18.17 -10.77 -42.15
N GLY H 60 18.93 -10.67 -41.08
CA GLY H 60 18.73 -11.48 -39.89
C GLY H 60 19.71 -12.62 -39.73
N GLU H 61 19.52 -13.64 -40.59
CA GLU H 61 20.35 -14.84 -40.66
C GLU H 61 19.53 -15.95 -41.34
N VAL H 62 19.50 -15.92 -42.66
CA VAL H 62 18.60 -16.75 -43.42
C VAL H 62 19.06 -18.19 -43.69
N PRO H 63 20.39 -18.41 -43.79
CA PRO H 63 20.76 -19.83 -43.80
C PRO H 63 20.26 -20.47 -42.50
N ASP H 64 19.77 -21.71 -42.58
CA ASP H 64 19.75 -22.45 -43.83
C ASP H 64 18.49 -22.19 -44.65
N GLY H 65 17.88 -23.26 -45.15
CA GLY H 65 16.79 -23.17 -46.10
C GLY H 65 15.54 -22.42 -45.69
N TYR H 66 15.64 -21.10 -45.62
CA TYR H 66 14.48 -20.25 -45.43
C TYR H 66 14.29 -19.35 -46.64
N ASN H 67 13.51 -19.81 -47.61
CA ASN H 67 13.09 -18.94 -48.69
C ASN H 67 11.84 -18.21 -48.22
N VAL H 68 11.59 -17.04 -48.77
CA VAL H 68 10.47 -16.22 -48.31
C VAL H 68 9.67 -15.68 -49.50
N SER H 69 8.61 -14.94 -49.22
CA SER H 69 7.72 -14.47 -50.29
C SER H 69 6.70 -13.43 -49.81
N ARG H 70 6.57 -12.33 -50.54
CA ARG H 70 5.61 -11.28 -50.19
C ARG H 70 4.75 -10.88 -51.38
N LEU H 71 3.98 -11.83 -51.92
CA LEU H 71 3.17 -11.54 -53.09
C LEU H 71 2.05 -10.54 -52.79
N LYS H 72 1.13 -10.93 -51.91
CA LYS H 72 0.08 -10.03 -51.47
C LYS H 72 0.59 -9.19 -50.31
N LYS H 73 0.28 -7.91 -50.33
CA LYS H 73 0.67 -7.00 -49.27
C LYS H 73 0.27 -7.49 -47.88
N GLN H 74 -0.75 -8.34 -47.81
CA GLN H 74 -1.28 -8.78 -46.52
C GLN H 74 -0.62 -10.06 -46.00
N ASN H 75 0.03 -10.80 -46.89
CA ASN H 75 0.53 -12.13 -46.52
C ASN H 75 2.02 -12.34 -46.76
N PHE H 76 2.76 -12.49 -45.67
CA PHE H 76 4.18 -12.80 -45.73
C PHE H 76 4.39 -14.31 -45.52
N LEU H 77 4.72 -15.02 -46.59
CA LEU H 77 4.92 -16.47 -46.49
C LEU H 77 6.36 -16.86 -46.21
N LEU H 78 6.59 -17.35 -44.99
CA LEU H 78 7.85 -17.98 -44.67
C LEU H 78 7.72 -19.44 -45.09
N GLY H 79 8.74 -19.97 -45.74
CA GLY H 79 8.71 -21.35 -46.20
C GLY H 79 10.01 -22.06 -45.91
N LEU H 80 10.04 -23.37 -46.17
CA LEU H 80 11.27 -24.15 -46.08
C LEU H 80 11.16 -25.41 -46.91
N GLU H 81 12.06 -25.57 -47.88
CA GLU H 81 11.95 -26.66 -48.85
C GLU H 81 12.75 -27.90 -48.46
N SER H 82 13.62 -27.76 -47.47
CA SER H 82 14.33 -28.91 -46.93
C SER H 82 14.39 -28.83 -45.41
N ALA H 83 13.22 -29.01 -44.79
CA ALA H 83 13.13 -28.98 -43.35
C ALA H 83 14.18 -29.87 -42.75
N ALA H 84 14.83 -29.40 -41.69
CA ALA H 84 15.85 -30.18 -41.02
C ALA H 84 16.06 -29.64 -39.63
N PRO H 85 16.44 -30.52 -38.69
CA PRO H 85 16.93 -29.99 -37.42
C PRO H 85 18.27 -29.33 -37.73
N SER H 86 18.55 -28.13 -37.22
CA SER H 86 17.69 -27.39 -36.31
C SER H 86 16.32 -27.02 -36.86
N GLN H 87 16.10 -25.71 -37.02
CA GLN H 87 14.81 -25.19 -37.47
C GLN H 87 13.71 -25.48 -36.46
N THR H 88 13.77 -26.66 -35.85
CA THR H 88 12.89 -26.97 -34.75
C THR H 88 13.04 -25.88 -33.68
N SER H 89 12.19 -24.86 -33.79
CA SER H 89 12.11 -23.78 -32.81
C SER H 89 10.67 -23.25 -32.75
N VAL H 90 10.49 -22.06 -32.20
CA VAL H 90 9.17 -21.43 -32.10
C VAL H 90 9.09 -20.14 -32.90
N TYR H 91 8.43 -20.19 -34.05
CA TYR H 91 8.40 -19.06 -34.98
C TYR H 91 7.32 -18.04 -34.68
N PHE H 92 7.56 -16.79 -35.07
CA PHE H 92 6.62 -15.71 -34.83
C PHE H 92 6.63 -14.75 -35.99
N CYS H 93 5.52 -14.64 -36.71
CA CYS H 93 5.40 -13.61 -37.72
C CYS H 93 5.05 -12.30 -37.01
N ALA H 94 5.32 -11.16 -37.65
CA ALA H 94 4.98 -9.89 -37.02
C ALA H 94 4.87 -8.75 -38.05
N SER H 95 4.21 -7.67 -37.66
CA SER H 95 3.99 -6.56 -38.55
C SER H 95 3.85 -5.22 -37.84
N GLY H 96 4.21 -4.15 -38.53
CA GLY H 96 4.05 -2.80 -38.03
C GLY H 96 4.17 -1.87 -39.21
N GLN H 97 3.54 -0.70 -39.13
CA GLN H 97 3.57 0.20 -40.26
C GLN H 97 4.78 1.11 -40.18
N GLY H 98 5.55 0.96 -39.10
CA GLY H 98 6.69 1.83 -38.83
C GLY H 98 7.85 1.67 -39.79
N ASN H 99 8.77 0.78 -39.44
CA ASN H 99 9.98 0.54 -40.23
C ASN H 99 10.77 -0.56 -39.54
N PHE H 100 11.32 -0.22 -38.39
CA PHE H 100 11.72 -1.20 -37.39
C PHE H 100 11.21 -0.63 -36.07
N ASP H 101 9.91 -0.34 -36.05
CA ASP H 101 9.28 0.34 -34.92
C ASP H 101 8.24 -0.57 -34.25
N ILE H 102 7.23 0.05 -33.62
CA ILE H 102 6.17 -0.70 -32.93
C ILE H 102 5.62 -1.78 -33.83
N GLN H 103 5.64 -3.03 -33.36
CA GLN H 103 5.14 -4.11 -34.19
C GLN H 103 4.35 -5.20 -33.46
N TYR H 104 3.39 -5.78 -34.18
CA TYR H 104 2.40 -6.69 -33.63
C TYR H 104 2.68 -8.12 -34.07
N PHE H 105 2.61 -9.06 -33.13
CA PHE H 105 3.05 -10.43 -33.37
C PHE H 105 1.90 -11.40 -33.58
N GLY H 106 2.19 -12.49 -34.27
CA GLY H 106 1.20 -13.53 -34.49
C GLY H 106 1.29 -14.55 -33.37
N ALA H 107 0.17 -15.16 -33.02
CA ALA H 107 0.11 -16.15 -31.95
C ALA H 107 1.36 -17.03 -31.84
N GLY H 108 1.88 -17.48 -32.97
CA GLY H 108 3.14 -18.23 -32.99
C GLY H 108 3.03 -19.67 -33.46
N THR H 109 4.06 -20.12 -34.16
CA THR H 109 4.11 -21.50 -34.63
C THR H 109 5.21 -22.27 -33.91
N ARG H 110 4.83 -23.38 -33.29
CA ARG H 110 5.79 -24.24 -32.62
C ARG H 110 6.07 -25.46 -33.49
N LEU H 111 7.21 -25.44 -34.18
CA LEU H 111 7.55 -26.49 -35.14
C LEU H 111 8.59 -27.47 -34.63
N SER H 112 8.30 -28.76 -34.81
CA SER H 112 9.26 -29.82 -34.51
C SER H 112 9.67 -30.53 -35.79
N VAL H 113 10.96 -30.47 -36.11
CA VAL H 113 11.48 -31.16 -37.28
C VAL H 113 12.33 -32.34 -36.84
N LEU H 114 11.86 -33.54 -37.14
CA LEU H 114 12.59 -34.75 -36.80
C LEU H 114 13.14 -35.37 -38.07
N GLU H 115 13.70 -36.57 -37.92
CA GLU H 115 14.18 -37.33 -39.06
C GLU H 115 13.38 -38.62 -39.13
N ASP H 116 12.95 -39.10 -37.97
CA ASP H 116 12.19 -40.34 -37.88
C ASP H 116 10.90 -40.11 -37.11
N LEU H 117 9.78 -40.15 -37.81
CA LEU H 117 8.48 -39.87 -37.21
C LEU H 117 8.04 -41.04 -36.35
N LYS H 118 8.89 -42.05 -36.26
CA LYS H 118 8.59 -43.27 -35.52
C LYS H 118 8.26 -43.00 -34.05
N ASN H 119 8.93 -42.00 -33.46
CA ASN H 119 8.71 -41.70 -32.05
C ASN H 119 7.77 -40.52 -31.81
N VAL H 120 6.70 -40.48 -32.60
CA VAL H 120 5.64 -39.49 -32.40
C VAL H 120 4.42 -40.19 -31.77
N PHE H 121 3.93 -39.67 -30.65
CA PHE H 121 2.89 -40.37 -29.91
C PHE H 121 1.71 -39.47 -29.54
N PRO H 122 0.49 -40.01 -29.69
CA PRO H 122 -0.70 -39.30 -29.20
C PRO H 122 -0.69 -39.42 -27.70
N PRO H 123 -1.26 -38.42 -27.00
CA PRO H 123 -1.30 -38.48 -25.54
C PRO H 123 -2.20 -39.61 -25.04
N GLU H 124 -2.29 -39.74 -23.73
CA GLU H 124 -3.20 -40.69 -23.11
C GLU H 124 -3.79 -40.06 -21.86
N VAL H 125 -4.78 -39.20 -22.04
CA VAL H 125 -5.46 -38.54 -20.94
C VAL H 125 -6.03 -39.53 -19.92
N ALA H 126 -6.36 -39.03 -18.74
CA ALA H 126 -6.99 -39.81 -17.67
C ALA H 126 -7.38 -38.87 -16.55
N VAL H 127 -8.56 -39.09 -15.97
CA VAL H 127 -9.06 -38.18 -14.94
C VAL H 127 -9.04 -38.84 -13.57
N PHE H 128 -8.56 -38.10 -12.57
CA PHE H 128 -8.52 -38.60 -11.21
C PHE H 128 -9.48 -37.79 -10.36
N GLU H 129 -10.37 -38.48 -9.65
CA GLU H 129 -11.43 -37.85 -8.87
C GLU H 129 -10.95 -37.50 -7.48
N PRO H 130 -11.48 -36.40 -6.91
CA PRO H 130 -11.11 -35.87 -5.60
C PRO H 130 -11.00 -36.95 -4.53
N SER H 131 -10.24 -36.65 -3.47
CA SER H 131 -10.11 -37.56 -2.34
C SER H 131 -11.04 -37.11 -1.23
N GLU H 132 -11.86 -38.02 -0.72
CA GLU H 132 -12.81 -37.68 0.34
C GLU H 132 -12.06 -37.01 1.49
N ALA H 133 -10.85 -37.50 1.75
CA ALA H 133 -9.97 -36.87 2.74
C ALA H 133 -10.00 -35.36 2.56
N GLU H 134 -9.94 -34.92 1.32
CA GLU H 134 -9.94 -33.51 0.98
C GLU H 134 -11.31 -32.87 1.18
N ILE H 135 -12.31 -33.38 0.46
CA ILE H 135 -13.68 -32.88 0.55
C ILE H 135 -14.04 -32.51 1.98
N SER H 136 -13.91 -33.47 2.89
CA SER H 136 -14.19 -33.26 4.29
C SER H 136 -12.96 -32.72 5.01
N HIS H 137 -12.70 -31.43 4.81
CA HIS H 137 -11.59 -30.76 5.47
C HIS H 137 -11.45 -29.37 4.87
N THR H 138 -11.61 -29.31 3.57
CA THR H 138 -11.49 -28.08 2.81
C THR H 138 -12.86 -27.65 2.32
N GLN H 139 -13.83 -28.55 2.46
CA GLN H 139 -15.14 -28.37 1.84
C GLN H 139 -14.95 -28.00 0.37
N LYS H 140 -13.94 -28.62 -0.24
CA LYS H 140 -13.59 -28.36 -1.64
C LYS H 140 -12.96 -29.58 -2.29
N ALA H 141 -13.22 -29.77 -3.57
CA ALA H 141 -12.74 -30.94 -4.29
C ALA H 141 -11.94 -30.53 -5.53
N THR H 142 -10.81 -31.18 -5.72
CA THR H 142 -9.96 -30.92 -6.89
C THR H 142 -9.85 -32.15 -7.77
N LEU H 143 -10.22 -31.98 -9.04
CA LEU H 143 -9.99 -33.02 -10.02
C LEU H 143 -8.63 -32.76 -10.62
N VAL H 144 -7.96 -33.82 -11.07
CA VAL H 144 -6.67 -33.68 -11.70
C VAL H 144 -6.59 -34.48 -12.99
N CYS H 145 -6.28 -33.80 -14.08
CA CYS H 145 -6.16 -34.44 -15.37
C CYS H 145 -4.69 -34.72 -15.67
N LEU H 146 -4.42 -35.79 -16.42
CA LEU H 146 -3.05 -36.18 -16.72
C LEU H 146 -2.86 -36.79 -18.11
N ALA H 147 -2.21 -36.04 -18.99
CA ALA H 147 -1.85 -36.52 -20.33
C ALA H 147 -0.39 -36.97 -20.34
N THR H 148 -0.15 -38.18 -20.82
CA THR H 148 1.17 -38.78 -20.67
C THR H 148 1.68 -39.44 -21.95
N GLY H 149 2.99 -39.39 -22.14
CA GLY H 149 3.65 -40.12 -23.21
C GLY H 149 3.31 -39.61 -24.60
N PHE H 150 3.59 -38.34 -24.86
CA PHE H 150 3.30 -37.76 -26.16
C PHE H 150 4.49 -36.96 -26.71
N TYR H 151 4.70 -37.04 -28.02
CA TYR H 151 5.80 -36.32 -28.66
C TYR H 151 5.34 -35.80 -30.01
N PRO H 152 5.60 -34.51 -30.30
CA PRO H 152 6.32 -33.56 -29.44
C PRO H 152 5.43 -33.08 -28.30
N ASP H 153 5.67 -31.88 -27.82
CA ASP H 153 4.79 -31.26 -26.83
C ASP H 153 3.82 -30.31 -27.50
N HIS H 154 3.17 -30.80 -28.55
CA HIS H 154 2.17 -30.04 -29.28
C HIS H 154 0.77 -30.43 -28.83
N VAL H 155 0.36 -29.94 -27.66
CA VAL H 155 -0.96 -30.23 -27.12
C VAL H 155 -1.61 -28.98 -26.57
N GLU H 156 -2.91 -29.09 -26.28
CA GLU H 156 -3.69 -28.02 -25.65
C GLU H 156 -4.77 -28.57 -24.74
N LEU H 157 -4.54 -28.50 -23.43
CA LEU H 157 -5.46 -29.10 -22.44
C LEU H 157 -6.55 -28.13 -22.02
N SER H 158 -7.78 -28.60 -22.01
CA SER H 158 -8.92 -27.78 -21.62
C SER H 158 -9.94 -28.61 -20.84
N TRP H 159 -10.60 -27.97 -19.88
CA TRP H 159 -11.67 -28.60 -19.12
C TRP H 159 -13.02 -28.20 -19.67
N TRP H 160 -13.96 -29.14 -19.64
CA TRP H 160 -15.33 -28.85 -20.03
C TRP H 160 -16.28 -29.32 -18.94
N VAL H 161 -17.08 -28.40 -18.42
CA VAL H 161 -18.09 -28.73 -17.43
C VAL H 161 -19.49 -28.50 -17.95
N ASN H 162 -20.23 -29.59 -18.17
CA ASN H 162 -21.57 -29.52 -18.71
C ASN H 162 -21.58 -29.01 -20.14
N GLY H 163 -20.57 -29.43 -20.91
CA GLY H 163 -20.45 -29.02 -22.30
C GLY H 163 -20.01 -27.57 -22.44
N LYS H 164 -19.59 -26.96 -21.33
CA LYS H 164 -19.08 -25.60 -21.35
C LYS H 164 -17.69 -25.53 -20.73
N GLU H 165 -16.73 -25.00 -21.48
CA GLU H 165 -15.36 -24.88 -21.01
C GLU H 165 -15.23 -23.80 -19.94
N VAL H 166 -14.56 -24.13 -18.84
CA VAL H 166 -14.35 -23.20 -17.74
C VAL H 166 -12.92 -22.70 -17.71
N HIS H 167 -12.70 -21.58 -17.05
CA HIS H 167 -11.35 -21.02 -16.94
C HIS H 167 -11.01 -20.55 -15.53
N SER H 168 -12.04 -20.32 -14.72
CA SER H 168 -11.82 -20.04 -13.32
C SER H 168 -11.65 -21.37 -12.59
N GLY H 169 -10.79 -21.37 -11.57
CA GLY H 169 -10.57 -22.56 -10.76
C GLY H 169 -9.69 -23.59 -11.43
N VAL H 170 -9.11 -23.25 -12.58
CA VAL H 170 -8.23 -24.17 -13.29
C VAL H 170 -6.76 -23.79 -13.13
N CYS H 171 -5.89 -24.67 -13.62
CA CYS H 171 -4.46 -24.45 -13.56
C CYS H 171 -3.71 -25.59 -14.24
N THR H 172 -3.39 -25.41 -15.51
CA THR H 172 -2.56 -26.37 -16.21
C THR H 172 -1.10 -25.99 -16.02
N ASP H 173 -0.24 -26.99 -16.01
CA ASP H 173 1.20 -26.74 -15.89
C ASP H 173 1.66 -25.81 -16.98
N PRO H 174 2.55 -24.87 -16.64
CA PRO H 174 3.15 -24.04 -17.67
C PRO H 174 3.98 -24.89 -18.63
N GLN H 175 4.57 -25.96 -18.10
CA GLN H 175 5.55 -26.73 -18.85
C GLN H 175 5.41 -28.25 -18.74
N PRO H 176 5.37 -28.91 -19.91
CA PRO H 176 5.43 -30.37 -20.03
C PRO H 176 6.61 -30.96 -19.28
N LEU H 177 6.37 -32.12 -18.67
CA LEU H 177 7.39 -32.82 -17.91
C LEU H 177 7.96 -33.98 -18.72
N LYS H 178 9.28 -34.14 -18.70
CA LYS H 178 9.91 -35.28 -19.38
C LYS H 178 9.77 -36.57 -18.58
N GLU H 179 9.52 -37.68 -19.27
CA GLU H 179 9.44 -38.97 -18.61
C GLU H 179 10.84 -39.57 -18.50
N GLN H 180 11.62 -39.45 -19.57
CA GLN H 180 12.99 -39.92 -19.59
C GLN H 180 13.91 -38.72 -19.77
N PRO H 181 14.05 -37.90 -18.72
CA PRO H 181 14.81 -36.65 -18.78
C PRO H 181 16.12 -36.78 -19.57
N ALA H 182 16.75 -37.95 -19.50
CA ALA H 182 17.99 -38.21 -20.23
C ALA H 182 17.79 -38.12 -21.74
N LEU H 183 17.07 -39.09 -22.30
CA LEU H 183 16.79 -39.15 -23.73
C LEU H 183 16.27 -37.81 -24.24
N ASN H 184 17.09 -37.12 -25.04
CA ASN H 184 16.76 -35.79 -25.53
C ASN H 184 15.39 -35.69 -26.19
N ASP H 185 14.92 -36.80 -26.74
CA ASP H 185 13.63 -36.86 -27.41
C ASP H 185 12.63 -37.65 -26.59
N SER H 186 12.46 -37.26 -25.33
CA SER H 186 11.61 -37.99 -24.40
C SER H 186 10.13 -37.68 -24.59
N ARG H 187 9.29 -38.67 -24.31
CA ARG H 187 7.85 -38.46 -24.27
C ARG H 187 7.56 -37.45 -23.17
N TYR H 188 6.59 -36.57 -23.40
CA TYR H 188 6.24 -35.57 -22.39
C TYR H 188 5.05 -36.00 -21.57
N ALA H 189 4.67 -35.15 -20.63
CA ALA H 189 3.51 -35.39 -19.77
C ALA H 189 3.07 -34.07 -19.15
N LEU H 190 1.75 -33.88 -19.04
CA LEU H 190 1.20 -32.62 -18.55
C LEU H 190 0.12 -32.90 -17.52
N SER H 191 -0.08 -31.97 -16.60
CA SER H 191 -1.14 -32.12 -15.61
C SER H 191 -1.93 -30.83 -15.51
N SER H 192 -3.19 -30.95 -15.08
CA SER H 192 -4.00 -29.78 -14.85
C SER H 192 -4.96 -30.05 -13.72
N ARG H 193 -5.24 -29.03 -12.93
CA ARG H 193 -6.13 -29.16 -11.79
C ARG H 193 -7.34 -28.27 -11.96
N LEU H 194 -8.52 -28.87 -11.87
CA LEU H 194 -9.75 -28.09 -11.85
C LEU H 194 -10.40 -28.30 -10.49
N ARG H 195 -10.54 -27.22 -9.73
CA ARG H 195 -11.09 -27.33 -8.39
C ARG H 195 -12.43 -26.59 -8.25
N VAL H 196 -13.43 -27.29 -7.74
CA VAL H 196 -14.74 -26.69 -7.46
C VAL H 196 -15.24 -27.06 -6.05
N SER H 197 -16.28 -26.35 -5.62
CA SER H 197 -16.86 -26.55 -4.29
C SER H 197 -17.22 -28.01 -4.05
N ALA H 198 -17.35 -28.37 -2.78
CA ALA H 198 -17.71 -29.73 -2.41
C ALA H 198 -19.18 -30.00 -2.74
N THR H 199 -19.96 -28.93 -2.86
CA THR H 199 -21.37 -29.08 -3.25
C THR H 199 -21.49 -29.46 -4.73
N PHE H 200 -20.68 -28.81 -5.57
CA PHE H 200 -20.75 -28.98 -7.02
C PHE H 200 -20.41 -30.40 -7.46
N TRP H 201 -19.27 -30.90 -7.03
CA TRP H 201 -18.86 -32.27 -7.34
C TRP H 201 -19.89 -33.26 -6.83
N GLN H 202 -20.36 -33.02 -5.61
CA GLN H 202 -21.35 -33.89 -5.00
C GLN H 202 -22.47 -34.20 -6.00
N ASN H 203 -23.16 -33.16 -6.44
CA ASN H 203 -24.22 -33.28 -7.44
C ASN H 203 -23.78 -34.08 -8.67
N PRO H 204 -24.37 -35.27 -8.87
CA PRO H 204 -23.92 -36.23 -9.88
C PRO H 204 -24.60 -36.05 -11.23
N ARG H 205 -25.21 -34.89 -11.45
CA ARG H 205 -25.70 -34.55 -12.78
C ARG H 205 -24.72 -33.58 -13.43
N ASN H 206 -23.65 -33.25 -12.70
CA ASN H 206 -22.59 -32.40 -13.23
C ASN H 206 -21.56 -33.23 -13.97
N HIS H 207 -21.30 -32.86 -15.22
CA HIS H 207 -20.40 -33.61 -16.08
C HIS H 207 -19.02 -32.96 -16.17
N PHE H 208 -17.97 -33.71 -15.85
CA PHE H 208 -16.61 -33.19 -15.88
C PHE H 208 -15.71 -33.87 -16.91
N ARG H 209 -15.40 -33.12 -17.97
CA ARG H 209 -14.69 -33.67 -19.13
C ARG H 209 -13.35 -32.97 -19.32
N CYS H 210 -12.29 -33.77 -19.37
CA CYS H 210 -10.94 -33.25 -19.59
C CYS H 210 -10.52 -33.50 -21.03
N GLN H 211 -10.21 -32.42 -21.75
CA GLN H 211 -9.96 -32.51 -23.17
C GLN H 211 -8.52 -32.18 -23.52
N VAL H 212 -7.95 -32.95 -24.45
CA VAL H 212 -6.58 -32.71 -24.90
C VAL H 212 -6.47 -32.77 -26.41
N GLN H 213 -6.13 -31.63 -27.01
CA GLN H 213 -5.91 -31.56 -28.45
C GLN H 213 -4.46 -31.80 -28.78
N PHE H 214 -4.22 -32.73 -29.69
CA PHE H 214 -2.87 -33.10 -30.07
C PHE H 214 -2.67 -32.91 -31.57
N TYR H 215 -1.52 -32.37 -31.97
CA TYR H 215 -1.24 -32.10 -33.38
C TYR H 215 -0.05 -32.90 -33.87
N GLY H 216 -0.30 -34.13 -34.30
CA GLY H 216 0.76 -35.00 -34.77
C GLY H 216 0.83 -35.11 -36.28
N LEU H 217 0.80 -36.35 -36.77
CA LEU H 217 0.89 -36.64 -38.20
C LEU H 217 -0.23 -36.01 -39.01
N SER H 218 -0.06 -36.04 -40.33
CA SER H 218 -1.08 -35.57 -41.26
C SER H 218 -1.71 -36.78 -41.93
N GLU H 219 -2.50 -36.55 -42.98
CA GLU H 219 -3.10 -37.66 -43.71
C GLU H 219 -2.15 -38.23 -44.77
N ASN H 220 -1.53 -37.36 -45.56
CA ASN H 220 -0.57 -37.80 -46.57
C ASN H 220 0.85 -37.83 -46.03
N ASP H 221 1.02 -38.47 -44.88
CA ASP H 221 2.32 -38.68 -44.27
C ASP H 221 2.60 -40.17 -44.24
N GLU H 222 3.69 -40.59 -44.87
CA GLU H 222 4.08 -41.99 -44.82
C GLU H 222 4.06 -42.48 -43.38
N TRP H 223 3.52 -43.67 -43.18
CA TRP H 223 3.54 -44.31 -41.88
C TRP H 223 3.68 -45.80 -42.13
N THR H 224 4.61 -46.45 -41.42
CA THR H 224 4.91 -47.85 -41.69
C THR H 224 5.01 -48.69 -40.42
N GLN H 225 4.65 -48.12 -39.29
CA GLN H 225 4.75 -48.81 -38.01
C GLN H 225 3.59 -49.77 -37.78
N ASP H 226 3.78 -50.71 -36.86
CA ASP H 226 2.72 -51.66 -36.52
C ASP H 226 1.54 -50.93 -35.89
N ARG H 227 1.85 -49.92 -35.07
CA ARG H 227 0.84 -49.20 -34.32
C ARG H 227 0.05 -48.22 -35.18
N ALA H 228 -0.85 -47.48 -34.53
CA ALA H 228 -1.76 -46.57 -35.24
C ALA H 228 -1.16 -45.20 -35.51
N LYS H 229 -1.32 -44.73 -36.74
CA LYS H 229 -0.86 -43.42 -37.15
C LYS H 229 -1.25 -42.36 -36.12
N PRO H 230 -0.25 -41.65 -35.58
CA PRO H 230 -0.41 -40.65 -34.52
C PRO H 230 -0.89 -39.32 -35.07
N VAL H 231 -2.05 -39.33 -35.72
CA VAL H 231 -2.54 -38.15 -36.42
C VAL H 231 -3.11 -37.11 -35.45
N THR H 232 -3.25 -35.88 -35.95
CA THR H 232 -3.82 -34.78 -35.19
C THR H 232 -5.18 -35.22 -34.68
N GLN H 233 -5.31 -35.37 -33.37
CA GLN H 233 -6.52 -35.95 -32.83
C GLN H 233 -6.89 -35.34 -31.49
N ILE H 234 -8.04 -35.74 -30.96
CA ILE H 234 -8.44 -35.36 -29.61
C ILE H 234 -8.49 -36.58 -28.70
N VAL H 235 -7.92 -36.44 -27.53
CA VAL H 235 -8.04 -37.46 -26.51
C VAL H 235 -8.64 -36.81 -25.28
N SER H 236 -9.51 -37.53 -24.59
CA SER H 236 -10.31 -36.95 -23.53
C SER H 236 -10.68 -38.02 -22.51
N ALA H 237 -11.04 -37.58 -21.32
CA ALA H 237 -11.52 -38.48 -20.27
C ALA H 237 -12.64 -37.85 -19.47
N GLU H 238 -13.72 -38.59 -19.27
CA GLU H 238 -14.88 -38.08 -18.57
C GLU H 238 -14.85 -38.41 -17.07
N ALA H 239 -15.78 -37.80 -16.33
CA ALA H 239 -15.97 -38.11 -14.92
C ALA H 239 -17.24 -37.41 -14.42
N TRP H 240 -18.19 -38.20 -13.93
CA TRP H 240 -19.45 -37.67 -13.41
C TRP H 240 -19.35 -37.49 -11.90
N GLY H 241 -19.87 -36.38 -11.40
CA GLY H 241 -19.90 -36.11 -9.97
C GLY H 241 -20.46 -37.25 -9.14
N ARG H 242 -19.98 -37.33 -7.90
CA ARG H 242 -20.36 -38.40 -6.98
C ARG H 242 -20.81 -37.85 -5.63
N ALA H 243 -21.85 -38.46 -5.06
CA ALA H 243 -22.25 -38.17 -3.70
C ALA H 243 -21.21 -38.77 -2.77
N ASP H 244 -20.34 -39.59 -3.34
CA ASP H 244 -19.25 -40.24 -2.62
C ASP H 244 -17.95 -39.45 -2.79
#